data_7LH2
#
_entry.id   7LH2
#
_cell.length_a   1.00
_cell.length_b   1.00
_cell.length_c   1.00
_cell.angle_alpha   90.00
_cell.angle_beta   90.00
_cell.angle_gamma   90.00
#
_symmetry.space_group_name_H-M   'P 1'
#
loop_
_entity.id
_entity.type
_entity.pdbx_description
1 polymer Prestin
2 non-polymer '2-HYDROXYBENZOIC ACID'
3 non-polymer CHOLESTEROL
#
_entity_poly.entity_id   1
_entity_poly.type   'polypeptide(L)'
_entity_poly.pdbx_seq_one_letter_code
;MDHAEENEILAATQRYYVERPIFSHPVLQERLHTKDKVPDSIADKLKQAFTCTPKKIRNIIYMFLPITKWLPAYKFKEYV
LGDLVSGISTGVLQLPQGLAFAMLAAVPPIFGLYSSFYPVIMYCFLGTSRHISIGPFAVISLMIGGVAVRLVPDDIVIPG
GVNATNGTEARDALRVKVAMSVTLLSGIIQFCLGVCRFGFVAIYLTEPLVRGFTTAAAVHVFTSMLKYLFGVKTKRYSGI
FSVVYSTVAVLQNVKNLNVCSLGVGLMVFGLLLGGKEFNERFKEKLPAPIPLEFFAVVMGTGISAGFNLKESYNVDVVGT
LPLGLLPPANPDTSLFHLVYVDAIAIAIVGFSVTISMAKTLANKHGYQVDGNQELIALGLCNSIGSLFQTFSISCSLSRS
LVQEGTGGKTQLAGCLASLMILLVILATGFLFESLPQAVLSAIVIVNLKGMFMQFSDLPFFWRTSKIELTIWLTTFVSSL
FLGLDYGLITAVIIALLTVIYRTQSPSYKVLGKLPETDVYIDIDAYEEVKEIPGIKIFQINAPIYYANSDLYSNALKRKT
GVNPAVIMGARRKAMRKYAKEVGNANMANATVVKADAEVDGEDATKPEEEDGEVKYPPIVIKSTFPEEMQRFMPPGDNVH
TVILDFTQVNFIDSVGVKTLAGIVKEYGDVGIYVYLAGCSAQVVNDLTRNRFFENPALWELLFHSIHDAVLGSQLREALA
EQEASAPPSQEDLEPNATPATPEALEVLFQ
;
_entity_poly.pdbx_strand_id   A,B
#
# COMPACT_ATOMS: atom_id res chain seq x y z
N THR A 13 49.67 1.20 15.39
CA THR A 13 48.22 1.27 15.44
C THR A 13 47.75 2.72 15.61
N GLN A 14 46.45 2.94 15.41
CA GLN A 14 45.85 4.26 15.56
C GLN A 14 44.61 4.17 16.42
N ARG A 15 44.29 5.26 17.09
CA ARG A 15 43.14 5.36 17.97
C ARG A 15 42.19 6.43 17.46
N TYR A 16 40.89 6.21 17.66
CA TYR A 16 39.89 7.20 17.29
C TYR A 16 40.08 8.45 18.13
N TYR A 17 40.44 9.56 17.48
CA TYR A 17 40.73 10.79 18.19
C TYR A 17 40.35 11.96 17.30
N VAL A 18 39.40 12.78 17.76
CA VAL A 18 38.97 13.97 17.03
C VAL A 18 38.78 15.11 18.02
N GLU A 19 39.30 16.28 17.66
CA GLU A 19 39.10 17.50 18.44
C GLU A 19 38.56 18.57 17.51
N ARG A 20 37.43 19.15 17.87
CA ARG A 20 36.75 20.12 17.01
C ARG A 20 35.75 20.90 17.85
N PRO A 21 35.37 22.10 17.42
CA PRO A 21 34.31 22.82 18.13
C PRO A 21 32.97 22.13 17.98
N ILE A 22 32.05 22.46 18.89
CA ILE A 22 30.71 21.92 18.82
C ILE A 22 30.06 22.35 17.51
N PHE A 23 29.67 21.38 16.69
CA PHE A 23 29.02 21.66 15.41
C PHE A 23 27.51 21.65 15.59
N SER A 24 26.95 22.83 15.86
CA SER A 24 25.53 23.06 15.66
C SER A 24 25.32 23.29 14.16
N HIS A 25 24.12 23.72 13.76
CA HIS A 25 23.89 23.95 12.34
C HIS A 25 24.53 25.24 11.85
N PRO A 26 24.29 26.40 12.46
CA PRO A 26 24.94 27.63 11.94
C PRO A 26 26.45 27.58 12.00
N VAL A 27 27.02 26.92 13.02
CA VAL A 27 28.48 26.83 13.11
C VAL A 27 29.03 25.99 11.98
N LEU A 28 28.33 24.91 11.61
CA LEU A 28 28.80 24.07 10.51
C LEU A 28 28.59 24.75 9.17
N GLN A 29 27.49 25.47 9.00
CA GLN A 29 27.18 26.07 7.70
C GLN A 29 28.11 27.21 7.36
N GLU A 30 28.56 27.99 8.35
CA GLU A 30 29.50 29.07 8.07
C GLU A 30 30.84 28.55 7.60
N ARG A 31 31.14 27.28 7.82
CA ARG A 31 32.37 26.66 7.35
C ARG A 31 32.20 25.97 6.00
N LEU A 32 30.98 25.95 5.46
CA LEU A 32 30.69 25.26 4.20
C LEU A 32 30.10 26.24 3.20
N HIS A 33 30.60 26.19 1.97
CA HIS A 33 30.10 27.03 0.89
C HIS A 33 29.55 26.14 -0.22
N THR A 34 28.29 26.37 -0.59
CA THR A 34 27.63 25.49 -1.54
C THR A 34 28.31 25.55 -2.90
N LYS A 35 28.50 24.37 -3.49
CA LYS A 35 29.06 24.26 -4.83
C LYS A 35 28.03 24.66 -5.87
N ASP A 36 28.51 25.01 -7.06
CA ASP A 36 27.66 25.37 -8.19
C ASP A 36 27.54 24.19 -9.12
N LYS A 37 26.31 23.70 -9.29
CA LYS A 37 26.07 22.53 -10.13
C LYS A 37 26.07 22.92 -11.60
N VAL A 38 26.17 21.90 -12.45
CA VAL A 38 26.12 22.11 -13.90
C VAL A 38 24.74 21.69 -14.41
N PRO A 39 23.89 22.65 -14.79
CA PRO A 39 22.55 22.29 -15.26
C PRO A 39 22.60 21.60 -16.61
N ASP A 40 21.80 20.54 -16.75
CA ASP A 40 21.65 19.82 -18.01
C ASP A 40 20.27 20.14 -18.58
N SER A 41 20.25 20.84 -19.71
CA SER A 41 18.99 21.20 -20.34
C SER A 41 18.25 19.96 -20.82
N ILE A 42 16.93 19.99 -20.71
CA ILE A 42 16.10 18.87 -21.14
C ILE A 42 16.16 18.75 -22.66
N ALA A 43 16.60 19.82 -23.32
CA ALA A 43 16.80 19.80 -24.77
C ALA A 43 18.13 19.16 -25.16
N ASP A 44 19.21 19.47 -24.44
CA ASP A 44 20.50 18.83 -24.71
C ASP A 44 20.59 17.43 -24.12
N LYS A 45 19.69 17.08 -23.21
CA LYS A 45 19.64 15.73 -22.67
C LYS A 45 18.95 14.75 -23.62
N LEU A 46 18.39 15.24 -24.73
CA LEU A 46 17.76 14.39 -25.72
C LEU A 46 18.57 14.26 -27.00
N LYS A 47 19.44 15.23 -27.30
CA LYS A 47 20.19 15.21 -28.55
C LYS A 47 21.18 14.05 -28.59
N GLN A 48 21.85 13.77 -27.48
CA GLN A 48 22.85 12.71 -27.44
C GLN A 48 22.26 11.33 -27.61
N ALA A 49 20.95 11.18 -27.49
CA ALA A 49 20.31 9.89 -27.70
C ALA A 49 20.18 9.52 -29.18
N PHE A 50 20.45 10.46 -30.09
CA PHE A 50 20.29 10.24 -31.52
C PHE A 50 21.63 10.31 -32.25
N THR A 51 22.72 9.94 -31.58
CA THR A 51 24.02 9.90 -32.25
C THR A 51 24.04 8.84 -33.34
N CYS A 52 23.38 7.71 -33.11
CA CYS A 52 23.25 6.63 -34.10
C CYS A 52 24.62 6.09 -34.54
N THR A 53 25.52 5.97 -33.57
CA THR A 53 26.78 5.30 -33.84
C THR A 53 26.55 3.80 -34.06
N PRO A 54 27.39 3.15 -34.85
CA PRO A 54 27.21 1.71 -35.08
C PRO A 54 27.17 0.89 -33.81
N LYS A 55 27.93 1.28 -32.79
CA LYS A 55 27.88 0.57 -31.51
C LYS A 55 26.50 0.65 -30.88
N LYS A 56 25.86 1.82 -30.95
CA LYS A 56 24.54 1.98 -30.33
C LYS A 56 23.49 1.12 -31.02
N ILE A 57 23.48 1.14 -32.36
CA ILE A 57 22.49 0.35 -33.08
C ILE A 57 22.76 -1.15 -32.90
N ARG A 58 24.04 -1.53 -32.83
CA ARG A 58 24.37 -2.92 -32.55
C ARG A 58 23.89 -3.33 -31.17
N ASN A 59 24.05 -2.45 -30.18
CA ASN A 59 23.55 -2.73 -28.83
C ASN A 59 22.04 -2.86 -28.82
N ILE A 60 21.34 -2.00 -29.57
CA ILE A 60 19.89 -2.06 -29.63
C ILE A 60 19.44 -3.38 -30.25
N ILE A 61 20.09 -3.78 -31.34
CA ILE A 61 19.76 -5.05 -31.99
C ILE A 61 20.04 -6.21 -31.04
N TYR A 62 21.15 -6.16 -30.32
CA TYR A 62 21.46 -7.21 -29.35
C TYR A 62 20.39 -7.28 -28.27
N MET A 63 19.93 -6.12 -27.80
CA MET A 63 18.91 -6.09 -26.75
C MET A 63 17.59 -6.68 -27.24
N PHE A 64 17.12 -6.25 -28.42
CA PHE A 64 15.84 -6.74 -28.93
C PHE A 64 15.92 -8.14 -29.50
N LEU A 65 17.09 -8.57 -29.97
CA LEU A 65 17.28 -9.89 -30.58
C LEU A 65 18.41 -10.60 -29.85
N PRO A 66 18.14 -11.19 -28.68
CA PRO A 66 19.21 -11.88 -27.94
C PRO A 66 19.80 -13.07 -28.69
N ILE A 67 19.09 -13.62 -29.69
CA ILE A 67 19.63 -14.74 -30.46
C ILE A 67 20.93 -14.32 -31.14
N THR A 68 21.05 -13.06 -31.54
CA THR A 68 22.28 -12.58 -32.17
C THR A 68 23.44 -12.52 -31.19
N LYS A 69 23.18 -12.65 -29.89
CA LYS A 69 24.22 -12.49 -28.88
C LYS A 69 24.86 -13.82 -28.49
N TRP A 70 24.06 -14.76 -27.97
CA TRP A 70 24.59 -15.99 -27.42
C TRP A 70 24.80 -17.08 -28.46
N LEU A 71 24.30 -16.92 -29.67
CA LEU A 71 24.52 -17.92 -30.71
C LEU A 71 25.92 -17.83 -31.32
N PRO A 72 26.38 -16.66 -31.75
CA PRO A 72 27.75 -16.60 -32.32
C PRO A 72 28.83 -17.00 -31.33
N ALA A 73 28.61 -16.78 -30.03
CA ALA A 73 29.58 -17.13 -29.00
C ALA A 73 29.28 -18.48 -28.36
N TYR A 74 28.73 -19.42 -29.14
CA TYR A 74 28.35 -20.73 -28.62
C TYR A 74 29.61 -21.56 -28.43
N LYS A 75 29.90 -21.93 -27.18
CA LYS A 75 31.06 -22.77 -26.87
C LYS A 75 30.65 -24.23 -27.05
N PHE A 76 31.02 -24.82 -28.17
CA PHE A 76 30.49 -26.12 -28.57
C PHE A 76 30.88 -27.21 -27.58
N LYS A 77 32.15 -27.25 -27.18
CA LYS A 77 32.71 -28.44 -26.54
C LYS A 77 32.01 -28.77 -25.22
N GLU A 78 31.58 -27.76 -24.48
CA GLU A 78 30.90 -27.98 -23.20
C GLU A 78 29.41 -27.66 -23.24
N TYR A 79 28.87 -27.31 -24.40
CA TYR A 79 27.44 -27.04 -24.51
C TYR A 79 26.68 -28.08 -25.32
N VAL A 80 27.32 -28.76 -26.26
CA VAL A 80 26.60 -29.64 -27.18
C VAL A 80 25.92 -30.78 -26.43
N LEU A 81 26.68 -31.47 -25.57
CA LEU A 81 26.13 -32.64 -24.89
C LEU A 81 25.04 -32.23 -23.90
N GLY A 82 25.32 -31.19 -23.09
CA GLY A 82 24.34 -30.76 -22.12
C GLY A 82 23.06 -30.26 -22.75
N ASP A 83 23.18 -29.45 -23.81
CA ASP A 83 21.99 -28.94 -24.49
C ASP A 83 21.17 -30.07 -25.10
N LEU A 84 21.84 -31.04 -25.74
CA LEU A 84 21.12 -32.14 -26.37
C LEU A 84 20.40 -32.99 -25.33
N VAL A 85 21.09 -33.35 -24.24
CA VAL A 85 20.47 -34.19 -23.22
C VAL A 85 19.30 -33.44 -22.57
N SER A 86 19.49 -32.16 -22.26
CA SER A 86 18.42 -31.38 -21.64
C SER A 86 17.23 -31.23 -22.58
N GLY A 87 17.50 -30.99 -23.87
CA GLY A 87 16.41 -30.85 -24.82
C GLY A 87 15.59 -32.12 -24.96
N ILE A 88 16.26 -33.27 -25.04
CA ILE A 88 15.54 -34.54 -25.12
C ILE A 88 14.73 -34.78 -23.85
N SER A 89 15.37 -34.57 -22.69
CA SER A 89 14.72 -34.86 -21.42
C SER A 89 13.58 -33.88 -21.12
N THR A 90 13.58 -32.70 -21.74
CA THR A 90 12.48 -31.77 -21.55
C THR A 90 11.40 -31.92 -22.60
N GLY A 91 11.73 -32.39 -23.81
CA GLY A 91 10.70 -32.66 -24.79
C GLY A 91 9.85 -33.86 -24.41
N VAL A 92 10.50 -34.93 -23.93
CA VAL A 92 9.76 -36.13 -23.52
C VAL A 92 8.81 -35.83 -22.37
N LEU A 93 9.06 -34.76 -21.62
CA LEU A 93 8.16 -34.33 -20.56
C LEU A 93 7.17 -33.28 -21.05
N GLN A 94 7.55 -32.46 -22.02
CA GLN A 94 6.66 -31.44 -22.55
C GLN A 94 5.50 -32.06 -23.31
N LEU A 95 5.71 -33.23 -23.93
CA LEU A 95 4.61 -33.86 -24.67
C LEU A 95 3.45 -34.25 -23.77
N PRO A 96 3.61 -35.11 -22.75
CA PRO A 96 2.45 -35.43 -21.92
C PRO A 96 1.88 -34.23 -21.18
N GLN A 97 2.74 -33.31 -20.77
CA GLN A 97 2.24 -32.10 -20.10
C GLN A 97 1.46 -31.23 -21.08
N GLY A 98 1.91 -31.13 -22.32
CA GLY A 98 1.17 -30.37 -23.32
C GLY A 98 -0.20 -30.97 -23.58
N LEU A 99 -0.26 -32.30 -23.73
CA LEU A 99 -1.55 -32.95 -23.94
C LEU A 99 -2.45 -32.78 -22.73
N ALA A 100 -1.90 -32.92 -21.53
CA ALA A 100 -2.71 -32.78 -20.32
C ALA A 100 -3.26 -31.37 -20.18
N PHE A 101 -2.44 -30.34 -20.46
CA PHE A 101 -2.92 -28.97 -20.36
C PHE A 101 -3.91 -28.64 -21.47
N ALA A 102 -3.81 -29.30 -22.61
CA ALA A 102 -4.79 -29.09 -23.66
C ALA A 102 -6.19 -29.52 -23.20
N MET A 103 -6.28 -30.67 -22.52
CA MET A 103 -7.58 -31.14 -22.05
C MET A 103 -8.11 -30.28 -20.92
N LEU A 104 -7.23 -29.65 -20.14
CA LEU A 104 -7.66 -28.75 -19.09
C LEU A 104 -8.23 -27.45 -19.64
N ALA A 105 -7.91 -27.10 -20.88
CA ALA A 105 -8.41 -25.89 -21.52
C ALA A 105 -9.70 -26.11 -22.29
N ALA A 106 -10.30 -27.31 -22.17
CA ALA A 106 -11.52 -27.65 -22.90
C ALA A 106 -11.35 -27.49 -24.41
N VAL A 107 -10.19 -27.90 -24.91
CA VAL A 107 -9.90 -27.86 -26.34
C VAL A 107 -9.38 -29.22 -26.76
N PRO A 108 -9.47 -29.55 -28.05
CA PRO A 108 -8.95 -30.84 -28.51
C PRO A 108 -7.47 -30.95 -28.21
N PRO A 109 -7.00 -32.16 -27.90
CA PRO A 109 -5.60 -32.31 -27.46
C PRO A 109 -4.56 -31.86 -28.47
N ILE A 110 -4.87 -31.93 -29.76
CA ILE A 110 -3.89 -31.57 -30.78
C ILE A 110 -3.45 -30.11 -30.64
N PHE A 111 -4.32 -29.27 -30.07
CA PHE A 111 -3.95 -27.87 -29.87
C PHE A 111 -2.91 -27.70 -28.77
N GLY A 112 -2.76 -28.69 -27.89
CA GLY A 112 -1.64 -28.65 -26.95
C GLY A 112 -0.30 -28.77 -27.65
N LEU A 113 -0.21 -29.65 -28.65
CA LEU A 113 1.02 -29.78 -29.41
C LEU A 113 1.22 -28.60 -30.35
N TYR A 114 0.13 -28.02 -30.86
CA TYR A 114 0.26 -26.79 -31.64
C TYR A 114 0.85 -25.67 -30.79
N SER A 115 0.42 -25.58 -29.53
CA SER A 115 0.85 -24.53 -28.63
C SER A 115 2.21 -24.81 -28.01
N SER A 116 2.75 -26.02 -28.19
CA SER A 116 4.05 -26.38 -27.64
C SER A 116 5.18 -26.28 -28.65
N PHE A 117 4.91 -25.82 -29.87
CA PHE A 117 5.93 -25.77 -30.90
C PHE A 117 6.23 -24.35 -31.39
N TYR A 118 5.21 -23.60 -31.81
CA TYR A 118 5.46 -22.27 -32.36
C TYR A 118 6.08 -21.31 -31.34
N PRO A 119 5.51 -21.12 -30.14
CA PRO A 119 6.11 -20.13 -29.23
C PRO A 119 7.46 -20.54 -28.69
N VAL A 120 7.75 -21.83 -28.58
CA VAL A 120 9.09 -22.25 -28.18
C VAL A 120 10.11 -21.86 -29.24
N ILE A 121 9.76 -22.05 -30.52
CA ILE A 121 10.65 -21.65 -31.60
C ILE A 121 10.85 -20.14 -31.58
N MET A 122 9.78 -19.38 -31.35
CA MET A 122 9.92 -17.92 -31.33
C MET A 122 10.71 -17.44 -30.11
N TYR A 123 10.51 -18.06 -28.95
CA TYR A 123 11.27 -17.68 -27.76
C TYR A 123 12.74 -18.08 -27.87
N CYS A 124 13.06 -19.08 -28.70
CA CYS A 124 14.46 -19.37 -28.98
C CYS A 124 15.14 -18.25 -29.73
N PHE A 125 14.39 -17.31 -30.30
CA PHE A 125 14.92 -16.18 -31.04
C PHE A 125 14.75 -14.85 -30.33
N LEU A 126 13.69 -14.71 -29.52
CA LEU A 126 13.34 -13.42 -28.93
C LEU A 126 13.48 -13.41 -27.41
N GLY A 127 13.92 -14.51 -26.81
CA GLY A 127 13.99 -14.63 -25.36
C GLY A 127 15.36 -14.28 -24.81
N THR A 128 15.36 -13.74 -23.59
CA THR A 128 16.60 -13.36 -22.92
C THR A 128 17.12 -14.48 -22.02
N SER A 129 16.29 -14.97 -21.11
CA SER A 129 16.70 -16.05 -20.22
C SER A 129 17.02 -17.30 -21.03
N ARG A 130 18.06 -18.02 -20.59
CA ARG A 130 18.57 -19.16 -21.33
C ARG A 130 18.46 -20.45 -20.52
N HIS A 131 17.49 -20.53 -19.60
CA HIS A 131 17.32 -21.74 -18.82
C HIS A 131 15.85 -22.10 -18.57
N ILE A 132 14.90 -21.39 -19.16
CA ILE A 132 13.49 -21.67 -18.94
C ILE A 132 12.93 -22.37 -20.17
N SER A 133 11.97 -23.26 -19.94
CA SER A 133 11.30 -24.00 -21.01
C SER A 133 9.91 -23.42 -21.19
N ILE A 134 9.78 -22.49 -22.14
CA ILE A 134 8.48 -21.89 -22.42
C ILE A 134 7.58 -22.95 -23.05
N GLY A 135 6.30 -22.91 -22.71
CA GLY A 135 5.36 -23.89 -23.18
C GLY A 135 4.03 -23.81 -22.46
N PRO A 136 3.16 -24.79 -22.68
CA PRO A 136 1.85 -24.78 -22.00
C PRO A 136 2.01 -24.78 -20.49
N PHE A 137 1.16 -24.00 -19.83
CA PHE A 137 1.17 -23.86 -18.38
C PHE A 137 -0.18 -24.24 -17.82
N ALA A 138 -0.18 -24.93 -16.68
CA ALA A 138 -1.41 -25.46 -16.12
C ALA A 138 -2.38 -24.36 -15.73
N VAL A 139 -1.88 -23.30 -15.10
CA VAL A 139 -2.75 -22.22 -14.64
C VAL A 139 -3.39 -21.51 -15.83
N ILE A 140 -2.59 -21.19 -16.86
CA ILE A 140 -3.11 -20.52 -18.03
C ILE A 140 -4.12 -21.41 -18.75
N SER A 141 -3.83 -22.71 -18.82
CA SER A 141 -4.77 -23.63 -19.44
C SER A 141 -6.09 -23.68 -18.67
N LEU A 142 -6.02 -23.67 -17.33
CA LEU A 142 -7.23 -23.66 -16.54
C LEU A 142 -8.06 -22.40 -16.78
N MET A 143 -7.40 -21.25 -16.81
CA MET A 143 -8.13 -20.00 -17.02
C MET A 143 -8.73 -19.92 -18.42
N ILE A 144 -7.99 -20.40 -19.43
CA ILE A 144 -8.51 -20.42 -20.79
C ILE A 144 -9.70 -21.36 -20.88
N GLY A 145 -9.61 -22.53 -20.24
CA GLY A 145 -10.75 -23.43 -20.22
C GLY A 145 -11.95 -22.82 -19.53
N GLY A 146 -11.71 -22.10 -18.43
CA GLY A 146 -12.80 -21.44 -17.74
C GLY A 146 -13.53 -20.44 -18.61
N VAL A 147 -12.77 -19.59 -19.30
CA VAL A 147 -13.42 -18.60 -20.17
C VAL A 147 -14.10 -19.27 -21.36
N ALA A 148 -13.52 -20.36 -21.88
CA ALA A 148 -14.13 -21.06 -23.00
C ALA A 148 -15.46 -21.68 -22.60
N VAL A 149 -15.52 -22.29 -21.42
CA VAL A 149 -16.78 -22.86 -20.95
C VAL A 149 -17.77 -21.75 -20.63
N ARG A 150 -17.30 -20.63 -20.08
CA ARG A 150 -18.18 -19.52 -19.75
C ARG A 150 -18.86 -18.96 -21.00
N LEU A 151 -18.10 -18.75 -22.07
CA LEU A 151 -18.70 -18.25 -23.30
C LEU A 151 -19.49 -19.32 -24.03
N VAL A 152 -18.96 -20.54 -24.11
CA VAL A 152 -19.60 -21.60 -24.88
C VAL A 152 -19.99 -22.74 -23.95
N PRO A 153 -21.24 -22.78 -23.46
CA PRO A 153 -21.67 -23.93 -22.65
C PRO A 153 -21.97 -25.14 -23.50
N ASP A 154 -22.50 -26.20 -22.88
CA ASP A 154 -22.80 -27.44 -23.56
C ASP A 154 -24.21 -27.47 -24.15
N ASP A 155 -24.80 -26.31 -24.41
CA ASP A 155 -26.18 -26.20 -24.88
C ASP A 155 -26.28 -25.25 -26.07
N ILE A 156 -25.39 -25.44 -27.04
CA ILE A 156 -25.37 -24.63 -28.26
C ILE A 156 -25.68 -25.54 -29.44
N VAL A 157 -26.66 -25.13 -30.26
CA VAL A 157 -27.11 -25.90 -31.41
C VAL A 157 -26.83 -25.09 -32.66
N ILE A 158 -26.18 -25.71 -33.64
CA ILE A 158 -25.84 -25.07 -34.91
C ILE A 158 -26.42 -25.90 -36.05
N PRO A 159 -27.35 -25.36 -36.84
CA PRO A 159 -27.89 -26.11 -37.98
C PRO A 159 -27.04 -25.92 -39.25
N GLY A 160 -25.79 -26.36 -39.18
CA GLY A 160 -24.87 -26.23 -40.29
C GLY A 160 -24.74 -27.49 -41.12
N GLY A 161 -25.86 -28.17 -41.36
CA GLY A 161 -25.86 -29.41 -42.10
C GLY A 161 -25.53 -30.64 -41.30
N VAL A 162 -25.34 -30.51 -39.99
CA VAL A 162 -25.03 -31.65 -39.12
C VAL A 162 -26.33 -32.31 -38.71
N ASN A 163 -26.34 -33.64 -38.71
CA ASN A 163 -27.53 -34.41 -38.38
C ASN A 163 -27.70 -34.46 -36.86
N ALA A 164 -28.64 -35.28 -36.39
CA ALA A 164 -28.90 -35.39 -34.95
C ALA A 164 -27.74 -36.07 -34.22
N THR A 165 -26.89 -36.80 -34.92
CA THR A 165 -25.73 -37.46 -34.32
C THR A 165 -24.61 -36.42 -34.14
N ASN A 166 -24.86 -35.49 -33.23
CA ASN A 166 -23.92 -34.40 -32.99
C ASN A 166 -22.78 -34.89 -32.09
N GLY A 167 -21.55 -34.77 -32.57
CA GLY A 167 -20.38 -35.11 -31.82
C GLY A 167 -19.77 -33.98 -31.02
N THR A 168 -20.51 -32.87 -30.86
CA THR A 168 -20.06 -31.67 -30.16
C THR A 168 -18.81 -31.07 -30.81
N GLU A 169 -18.57 -31.38 -32.08
CA GLU A 169 -17.44 -30.78 -32.78
C GLU A 169 -17.62 -29.29 -32.97
N ALA A 170 -18.86 -28.84 -33.20
CA ALA A 170 -19.12 -27.41 -33.31
C ALA A 170 -18.82 -26.70 -32.01
N ARG A 171 -19.21 -27.29 -30.88
CA ARG A 171 -18.92 -26.69 -29.59
C ARG A 171 -17.42 -26.58 -29.36
N ASP A 172 -16.67 -27.63 -29.73
CA ASP A 172 -15.22 -27.59 -29.58
C ASP A 172 -14.62 -26.51 -30.48
N ALA A 173 -15.15 -26.36 -31.70
CA ALA A 173 -14.63 -25.33 -32.60
C ALA A 173 -14.87 -23.93 -32.05
N LEU A 174 -16.06 -23.68 -31.50
CA LEU A 174 -16.32 -22.39 -30.88
C LEU A 174 -15.41 -22.15 -29.67
N ARG A 175 -15.18 -23.18 -28.86
CA ARG A 175 -14.27 -23.03 -27.73
C ARG A 175 -12.86 -22.72 -28.20
N VAL A 176 -12.41 -23.38 -29.27
CA VAL A 176 -11.09 -23.11 -29.81
C VAL A 176 -10.99 -21.68 -30.30
N LYS A 177 -12.02 -21.19 -30.99
CA LYS A 177 -12.00 -19.82 -31.48
C LYS A 177 -11.98 -18.82 -30.33
N VAL A 178 -12.72 -19.10 -29.24
CA VAL A 178 -12.70 -18.22 -28.08
C VAL A 178 -11.30 -18.17 -27.47
N ALA A 179 -10.67 -19.34 -27.34
CA ALA A 179 -9.32 -19.40 -26.80
C ALA A 179 -8.34 -18.63 -27.69
N MET A 180 -8.48 -18.77 -29.02
CA MET A 180 -7.59 -18.03 -29.92
C MET A 180 -7.77 -16.53 -29.76
N SER A 181 -9.01 -16.06 -29.66
CA SER A 181 -9.24 -14.62 -29.55
C SER A 181 -8.67 -14.07 -28.25
N VAL A 182 -8.91 -14.77 -27.14
CA VAL A 182 -8.41 -14.28 -25.86
C VAL A 182 -6.88 -14.35 -25.83
N THR A 183 -6.29 -15.37 -26.44
CA THR A 183 -4.84 -15.45 -26.51
C THR A 183 -4.25 -14.29 -27.32
N LEU A 184 -4.87 -13.96 -28.46
CA LEU A 184 -4.38 -12.84 -29.25
C LEU A 184 -4.49 -11.53 -28.48
N LEU A 185 -5.61 -11.33 -27.76
CA LEU A 185 -5.76 -10.12 -26.98
C LEU A 185 -4.71 -10.03 -25.88
N SER A 186 -4.46 -11.15 -25.19
CA SER A 186 -3.45 -11.15 -24.14
C SER A 186 -2.06 -10.88 -24.72
N GLY A 187 -1.76 -11.43 -25.90
CA GLY A 187 -0.50 -11.15 -26.53
C GLY A 187 -0.32 -9.69 -26.89
N ILE A 188 -1.37 -9.07 -27.42
CA ILE A 188 -1.30 -7.64 -27.73
C ILE A 188 -1.09 -6.82 -26.46
N ILE A 189 -1.80 -7.18 -25.38
CA ILE A 189 -1.62 -6.47 -24.12
C ILE A 189 -0.19 -6.59 -23.62
N GLN A 190 0.37 -7.80 -23.69
CA GLN A 190 1.75 -8.00 -23.23
C GLN A 190 2.73 -7.21 -24.08
N PHE A 191 2.54 -7.19 -25.40
CA PHE A 191 3.44 -6.43 -26.25
C PHE A 191 3.35 -4.94 -25.97
N CYS A 192 2.14 -4.42 -25.81
CA CYS A 192 1.97 -3.00 -25.49
C CYS A 192 2.57 -2.66 -24.13
N LEU A 193 2.48 -3.56 -23.16
CA LEU A 193 3.11 -3.32 -21.88
C LEU A 193 4.62 -3.33 -22.00
N GLY A 194 5.15 -4.23 -22.82
CA GLY A 194 6.59 -4.32 -22.98
C GLY A 194 7.19 -3.09 -23.65
N VAL A 195 6.54 -2.59 -24.70
CA VAL A 195 7.07 -1.41 -25.38
C VAL A 195 6.93 -0.17 -24.51
N CYS A 196 6.03 -0.21 -23.53
CA CYS A 196 5.82 0.90 -22.61
C CYS A 196 6.78 0.88 -21.42
N ARG A 197 7.72 -0.08 -21.40
CA ARG A 197 8.73 -0.20 -20.34
C ARG A 197 8.05 -0.44 -18.99
N PHE A 198 6.95 -1.18 -19.00
CA PHE A 198 6.17 -1.46 -17.79
C PHE A 198 6.79 -2.63 -17.03
N GLY A 199 7.58 -3.46 -17.72
CA GLY A 199 8.17 -4.64 -17.12
C GLY A 199 9.03 -4.37 -15.90
N PHE A 200 9.14 -3.09 -15.53
CA PHE A 200 9.80 -2.68 -14.31
C PHE A 200 9.00 -3.05 -13.06
N VAL A 201 7.74 -3.48 -13.21
CA VAL A 201 6.91 -3.82 -12.06
C VAL A 201 7.26 -5.17 -11.46
N ALA A 202 8.07 -5.96 -12.16
CA ALA A 202 8.39 -7.31 -11.71
C ALA A 202 9.16 -7.33 -10.40
N ILE A 203 9.70 -6.20 -9.97
CA ILE A 203 10.45 -6.14 -8.73
C ILE A 203 9.55 -6.27 -7.50
N TYR A 204 8.25 -6.03 -7.64
CA TYR A 204 7.32 -6.16 -6.52
C TYR A 204 6.98 -7.61 -6.19
N LEU A 205 7.46 -8.58 -6.96
CA LEU A 205 7.18 -9.99 -6.70
C LEU A 205 8.26 -10.52 -5.77
N THR A 206 8.03 -10.38 -4.46
CA THR A 206 8.97 -10.89 -3.49
C THR A 206 8.95 -12.41 -3.47
N GLU A 207 10.05 -13.00 -2.99
CA GLU A 207 10.19 -14.46 -3.03
C GLU A 207 9.11 -15.20 -2.24
N PRO A 208 8.77 -14.84 -0.99
CA PRO A 208 7.69 -15.56 -0.31
C PRO A 208 6.36 -15.49 -1.04
N LEU A 209 6.05 -14.34 -1.64
CA LEU A 209 4.80 -14.21 -2.39
C LEU A 209 4.78 -15.16 -3.59
N VAL A 210 5.89 -15.24 -4.32
CA VAL A 210 5.95 -16.12 -5.48
C VAL A 210 5.83 -17.57 -5.05
N ARG A 211 6.51 -17.96 -3.97
CA ARG A 211 6.42 -19.33 -3.49
C ARG A 211 5.01 -19.67 -3.05
N GLY A 212 4.35 -18.77 -2.33
CA GLY A 212 2.98 -19.02 -1.91
C GLY A 212 2.02 -19.12 -3.08
N PHE A 213 2.17 -18.22 -4.05
CA PHE A 213 1.31 -18.26 -5.23
C PHE A 213 1.50 -19.55 -6.02
N THR A 214 2.75 -19.98 -6.17
CA THR A 214 3.01 -21.22 -6.90
C THR A 214 2.43 -22.43 -6.16
N THR A 215 2.55 -22.45 -4.84
CA THR A 215 1.98 -23.56 -4.08
C THR A 215 0.45 -23.58 -4.19
N ALA A 216 -0.18 -22.41 -4.12
CA ALA A 216 -1.63 -22.35 -4.27
C ALA A 216 -2.06 -22.81 -5.66
N ALA A 217 -1.34 -22.39 -6.70
CA ALA A 217 -1.64 -22.85 -8.04
C ALA A 217 -1.44 -24.36 -8.16
N ALA A 218 -0.43 -24.90 -7.47
CA ALA A 218 -0.22 -26.34 -7.48
C ALA A 218 -1.39 -27.07 -6.86
N VAL A 219 -1.93 -26.54 -5.76
CA VAL A 219 -3.10 -27.17 -5.13
C VAL A 219 -4.30 -27.10 -6.08
N HIS A 220 -4.49 -25.97 -6.74
CA HIS A 220 -5.59 -25.84 -7.70
C HIS A 220 -5.47 -26.87 -8.82
N VAL A 221 -4.27 -27.04 -9.37
CA VAL A 221 -4.08 -28.00 -10.45
C VAL A 221 -4.28 -29.42 -9.96
N PHE A 222 -3.78 -29.73 -8.76
CA PHE A 222 -3.94 -31.07 -8.22
C PHE A 222 -5.41 -31.42 -8.00
N THR A 223 -6.18 -30.49 -7.46
CA THR A 223 -7.60 -30.77 -7.24
C THR A 223 -8.38 -30.76 -8.54
N SER A 224 -7.89 -30.05 -9.56
CA SER A 224 -8.56 -30.07 -10.86
C SER A 224 -8.23 -31.33 -11.63
N MET A 225 -7.20 -32.07 -11.22
CA MET A 225 -6.81 -33.30 -11.89
C MET A 225 -7.52 -34.54 -11.33
N LEU A 226 -8.27 -34.39 -10.23
CA LEU A 226 -8.87 -35.56 -9.60
C LEU A 226 -9.95 -36.18 -10.47
N LYS A 227 -10.79 -35.36 -11.10
CA LYS A 227 -11.86 -35.90 -11.94
C LYS A 227 -11.31 -36.61 -13.16
N TYR A 228 -10.15 -36.18 -13.67
CA TYR A 228 -9.52 -36.88 -14.78
C TYR A 228 -8.97 -38.23 -14.33
N LEU A 229 -8.43 -38.31 -13.12
CA LEU A 229 -7.87 -39.56 -12.62
C LEU A 229 -8.97 -40.57 -12.32
N PHE A 230 -10.02 -40.13 -11.62
CA PHE A 230 -11.08 -41.05 -11.22
C PHE A 230 -11.97 -41.46 -12.39
N GLY A 231 -12.05 -40.64 -13.43
CA GLY A 231 -12.88 -40.94 -14.57
C GLY A 231 -14.31 -40.46 -14.46
N VAL A 232 -14.71 -39.91 -13.33
CA VAL A 232 -16.07 -39.42 -13.15
C VAL A 232 -16.21 -38.06 -13.82
N LYS A 233 -17.41 -37.79 -14.35
CA LYS A 233 -17.71 -36.52 -14.97
C LYS A 233 -18.11 -35.50 -13.91
N THR A 234 -17.67 -34.26 -14.10
CA THR A 234 -17.99 -33.19 -13.17
C THR A 234 -17.93 -31.86 -13.91
N LYS A 235 -19.01 -31.08 -13.82
CA LYS A 235 -19.05 -29.78 -14.47
C LYS A 235 -17.99 -28.86 -13.87
N ARG A 236 -17.37 -28.03 -14.72
CA ARG A 236 -16.22 -27.24 -14.31
C ARG A 236 -16.67 -25.95 -13.61
N TYR A 237 -15.98 -25.63 -12.53
CA TYR A 237 -16.25 -24.45 -11.72
C TYR A 237 -15.11 -23.45 -11.88
N SER A 238 -15.44 -22.23 -12.27
CA SER A 238 -14.48 -21.14 -12.41
C SER A 238 -14.98 -19.93 -11.64
N GLY A 239 -14.07 -19.27 -10.93
CA GLY A 239 -14.39 -18.09 -10.15
C GLY A 239 -14.00 -18.26 -8.69
N ILE A 240 -14.73 -17.55 -7.83
CA ILE A 240 -14.42 -17.57 -6.40
C ILE A 240 -14.86 -18.91 -5.81
N PHE A 241 -14.08 -19.39 -4.84
CA PHE A 241 -14.36 -20.66 -4.16
C PHE A 241 -14.44 -21.81 -5.15
N SER A 242 -13.59 -21.79 -6.18
CA SER A 242 -13.63 -22.83 -7.19
C SER A 242 -13.06 -24.14 -6.66
N VAL A 243 -12.00 -24.07 -5.85
CA VAL A 243 -11.33 -25.29 -5.39
C VAL A 243 -12.24 -26.10 -4.48
N VAL A 244 -12.91 -25.43 -3.52
CA VAL A 244 -13.75 -26.15 -2.58
C VAL A 244 -14.97 -26.73 -3.28
N TYR A 245 -15.58 -25.96 -4.17
CA TYR A 245 -16.73 -26.47 -4.92
C TYR A 245 -16.34 -27.65 -5.79
N SER A 246 -15.18 -27.57 -6.45
CA SER A 246 -14.75 -28.67 -7.31
C SER A 246 -14.46 -29.92 -6.50
N THR A 247 -13.80 -29.78 -5.34
CA THR A 247 -13.47 -30.97 -4.56
C THR A 247 -14.71 -31.59 -3.93
N VAL A 248 -15.67 -30.78 -3.49
CA VAL A 248 -16.89 -31.39 -2.98
C VAL A 248 -17.69 -32.03 -4.11
N ALA A 249 -17.61 -31.47 -5.32
CA ALA A 249 -18.30 -32.08 -6.46
C ALA A 249 -17.68 -33.44 -6.79
N VAL A 250 -16.36 -33.53 -6.79
CA VAL A 250 -15.72 -34.80 -7.11
C VAL A 250 -15.92 -35.81 -5.98
N LEU A 251 -16.05 -35.32 -4.74
CA LEU A 251 -16.32 -36.22 -3.63
C LEU A 251 -17.75 -36.74 -3.65
N GLN A 252 -18.71 -35.91 -4.05
CA GLN A 252 -20.10 -36.35 -4.13
C GLN A 252 -20.28 -37.39 -5.22
N ASN A 253 -19.59 -37.24 -6.34
CA ASN A 253 -19.75 -38.12 -7.49
C ASN A 253 -18.77 -39.29 -7.48
N VAL A 254 -17.99 -39.46 -6.41
CA VAL A 254 -16.98 -40.52 -6.38
C VAL A 254 -17.61 -41.91 -6.41
N LYS A 255 -18.89 -42.02 -6.05
CA LYS A 255 -19.55 -43.32 -6.03
C LYS A 255 -19.68 -43.93 -7.42
N ASN A 256 -19.55 -43.12 -8.48
CA ASN A 256 -19.70 -43.57 -9.86
C ASN A 256 -18.35 -43.58 -10.58
N LEU A 257 -17.29 -43.93 -9.87
CA LEU A 257 -15.95 -43.91 -10.45
C LEU A 257 -15.76 -45.10 -11.40
N ASN A 258 -14.64 -45.06 -12.13
CA ASN A 258 -14.23 -46.14 -13.01
C ASN A 258 -13.04 -46.85 -12.37
N VAL A 259 -13.19 -48.16 -12.12
CA VAL A 259 -12.19 -48.88 -11.37
C VAL A 259 -10.91 -49.06 -12.18
N CYS A 260 -11.04 -49.40 -13.47
CA CYS A 260 -9.86 -49.67 -14.28
C CYS A 260 -9.01 -48.42 -14.47
N SER A 261 -9.65 -47.27 -14.70
CA SER A 261 -8.90 -46.02 -14.87
C SER A 261 -8.14 -45.68 -13.60
N LEU A 262 -8.79 -45.81 -12.44
CA LEU A 262 -8.11 -45.54 -11.17
C LEU A 262 -6.96 -46.52 -10.95
N GLY A 263 -7.17 -47.78 -11.32
CA GLY A 263 -6.10 -48.77 -11.13
C GLY A 263 -4.87 -48.47 -11.95
N VAL A 264 -5.07 -48.17 -13.24
CA VAL A 264 -3.92 -47.87 -14.10
C VAL A 264 -3.27 -46.56 -13.68
N GLY A 265 -4.06 -45.58 -13.27
CA GLY A 265 -3.49 -44.33 -12.79
C GLY A 265 -2.65 -44.52 -11.54
N LEU A 266 -3.14 -45.30 -10.58
CA LEU A 266 -2.36 -45.55 -9.37
C LEU A 266 -1.12 -46.36 -9.66
N MET A 267 -1.21 -47.32 -10.59
CA MET A 267 -0.03 -48.12 -10.93
C MET A 267 1.05 -47.25 -11.55
N VAL A 268 0.68 -46.40 -12.52
CA VAL A 268 1.69 -45.53 -13.12
C VAL A 268 2.17 -44.49 -12.12
N PHE A 269 1.30 -44.07 -11.20
CA PHE A 269 1.72 -43.15 -10.14
C PHE A 269 2.80 -43.79 -9.26
N GLY A 270 2.56 -45.02 -8.82
CA GLY A 270 3.55 -45.70 -8.01
C GLY A 270 4.84 -45.97 -8.76
N LEU A 271 4.73 -46.33 -10.04
CA LEU A 271 5.93 -46.54 -10.85
C LEU A 271 6.73 -45.24 -10.98
N LEU A 272 6.03 -44.11 -11.15
CA LEU A 272 6.72 -42.83 -11.27
C LEU A 272 7.43 -42.45 -9.98
N LEU A 273 6.77 -42.66 -8.83
CA LEU A 273 7.46 -42.42 -7.55
C LEU A 273 8.67 -43.32 -7.40
N GLY A 274 8.53 -44.61 -7.75
CA GLY A 274 9.66 -45.52 -7.62
C GLY A 274 10.83 -45.11 -8.50
N GLY A 275 10.55 -44.78 -9.77
CA GLY A 275 11.62 -44.38 -10.67
C GLY A 275 12.26 -43.07 -10.28
N LYS A 276 11.46 -42.09 -9.85
CA LYS A 276 12.00 -40.81 -9.43
C LYS A 276 12.89 -40.97 -8.20
N GLU A 277 12.44 -41.76 -7.22
CA GLU A 277 13.28 -42.01 -6.05
C GLU A 277 14.53 -42.79 -6.42
N PHE A 278 14.42 -43.71 -7.39
CA PHE A 278 15.59 -44.45 -7.85
C PHE A 278 16.61 -43.52 -8.48
N ASN A 279 16.16 -42.58 -9.31
CA ASN A 279 17.08 -41.62 -9.91
C ASN A 279 17.69 -40.71 -8.84
N GLU A 280 16.90 -40.33 -7.84
CA GLU A 280 17.43 -39.48 -6.77
C GLU A 280 18.50 -40.21 -5.96
N ARG A 281 18.27 -41.47 -5.62
CA ARG A 281 19.22 -42.23 -4.82
C ARG A 281 20.35 -42.83 -5.67
N PHE A 282 20.20 -42.86 -6.99
CA PHE A 282 21.26 -43.31 -7.89
C PHE A 282 21.69 -42.18 -8.81
N LYS A 283 21.79 -40.96 -8.27
CA LYS A 283 22.18 -39.81 -9.07
C LYS A 283 23.59 -39.97 -9.63
N GLU A 284 24.52 -40.47 -8.81
CA GLU A 284 25.89 -40.65 -9.23
C GLU A 284 26.06 -41.80 -10.23
N LYS A 285 25.13 -42.75 -10.24
CA LYS A 285 25.23 -43.93 -11.10
C LYS A 285 24.89 -43.65 -12.55
N LEU A 286 24.20 -42.53 -12.84
CA LEU A 286 23.73 -42.28 -14.19
C LEU A 286 24.56 -41.20 -14.88
N PRO A 287 24.83 -41.35 -16.17
CA PRO A 287 25.47 -40.27 -16.93
C PRO A 287 24.47 -39.19 -17.32
N ALA A 288 23.22 -39.62 -17.55
CA ALA A 288 22.11 -38.74 -17.86
C ALA A 288 20.87 -39.41 -17.31
N PRO A 289 19.99 -38.68 -16.63
CA PRO A 289 18.81 -39.30 -16.03
C PRO A 289 17.90 -39.90 -17.10
N ILE A 290 17.34 -41.06 -16.78
CA ILE A 290 16.44 -41.75 -17.73
C ILE A 290 15.12 -40.99 -17.80
N PRO A 291 14.54 -40.80 -18.98
CA PRO A 291 13.24 -40.13 -19.06
C PRO A 291 12.12 -41.03 -18.55
N LEU A 292 11.61 -40.74 -17.37
CA LEU A 292 10.58 -41.59 -16.77
C LEU A 292 9.21 -41.38 -17.41
N GLU A 293 8.91 -40.14 -17.80
CA GLU A 293 7.60 -39.84 -18.37
C GLU A 293 7.40 -40.56 -19.69
N PHE A 294 8.45 -40.65 -20.51
CA PHE A 294 8.34 -41.37 -21.77
C PHE A 294 8.03 -42.85 -21.55
N PHE A 295 8.71 -43.47 -20.59
CA PHE A 295 8.41 -44.85 -20.25
C PHE A 295 7.00 -45.00 -19.74
N ALA A 296 6.54 -44.04 -18.94
CA ALA A 296 5.18 -44.10 -18.39
C ALA A 296 4.14 -44.05 -19.51
N VAL A 297 4.28 -43.11 -20.44
CA VAL A 297 3.29 -43.00 -21.51
C VAL A 297 3.37 -44.20 -22.44
N VAL A 298 4.58 -44.72 -22.69
CA VAL A 298 4.73 -45.89 -23.54
C VAL A 298 4.01 -47.08 -22.92
N MET A 299 4.22 -47.30 -21.62
CA MET A 299 3.55 -48.40 -20.94
C MET A 299 2.03 -48.22 -20.97
N GLY A 300 1.56 -47.00 -20.71
CA GLY A 300 0.13 -46.75 -20.69
C GLY A 300 -0.53 -47.01 -22.04
N THR A 301 0.07 -46.48 -23.11
CA THR A 301 -0.51 -46.68 -24.43
C THR A 301 -0.40 -48.12 -24.88
N GLY A 302 0.69 -48.81 -24.50
CA GLY A 302 0.81 -50.22 -24.85
C GLY A 302 -0.27 -51.07 -24.20
N ILE A 303 -0.50 -50.86 -22.91
CA ILE A 303 -1.54 -51.62 -22.22
C ILE A 303 -2.91 -51.28 -22.77
N SER A 304 -3.19 -49.99 -22.98
CA SER A 304 -4.50 -49.57 -23.46
C SER A 304 -4.79 -50.15 -24.84
N ALA A 305 -3.80 -50.13 -25.73
CA ALA A 305 -3.98 -50.76 -27.04
C ALA A 305 -4.06 -52.26 -26.94
N GLY A 306 -3.38 -52.86 -25.96
CA GLY A 306 -3.43 -54.31 -25.82
C GLY A 306 -4.81 -54.82 -25.43
N PHE A 307 -5.47 -54.15 -24.48
CA PHE A 307 -6.76 -54.62 -24.00
C PHE A 307 -7.95 -53.77 -24.43
N ASN A 308 -7.73 -52.73 -25.24
CA ASN A 308 -8.81 -51.89 -25.77
C ASN A 308 -9.70 -51.36 -24.65
N LEU A 309 -9.07 -50.63 -23.73
CA LEU A 309 -9.77 -50.10 -22.56
C LEU A 309 -10.75 -48.98 -22.90
N LYS A 310 -10.73 -48.46 -24.12
CA LYS A 310 -11.63 -47.37 -24.48
C LYS A 310 -13.08 -47.80 -24.39
N GLU A 311 -13.37 -49.06 -24.70
CA GLU A 311 -14.73 -49.58 -24.67
C GLU A 311 -14.93 -50.78 -23.76
N SER A 312 -13.87 -51.56 -23.51
CA SER A 312 -14.02 -52.76 -22.68
C SER A 312 -14.40 -52.41 -21.25
N TYR A 313 -13.79 -51.38 -20.67
CA TYR A 313 -14.14 -50.93 -19.32
C TYR A 313 -14.53 -49.45 -19.30
N ASN A 314 -14.86 -48.87 -20.45
CA ASN A 314 -15.27 -47.47 -20.55
C ASN A 314 -14.23 -46.54 -19.96
N VAL A 315 -12.97 -46.81 -20.24
CA VAL A 315 -11.86 -45.96 -19.81
C VAL A 315 -11.56 -44.98 -20.93
N ASP A 316 -11.90 -43.71 -20.72
CA ASP A 316 -11.73 -42.70 -21.76
C ASP A 316 -10.25 -42.47 -22.06
N VAL A 317 -9.95 -42.26 -23.34
CA VAL A 317 -8.58 -42.01 -23.77
C VAL A 317 -8.47 -40.58 -24.29
N VAL A 318 -7.27 -40.17 -24.70
CA VAL A 318 -7.07 -38.81 -25.17
C VAL A 318 -7.85 -38.54 -26.45
N GLY A 319 -8.12 -39.57 -27.24
CA GLY A 319 -8.86 -39.43 -28.48
C GLY A 319 -7.93 -39.38 -29.68
N THR A 320 -8.54 -39.13 -30.84
CA THR A 320 -7.80 -39.10 -32.09
C THR A 320 -6.94 -37.84 -32.16
N LEU A 321 -5.87 -37.92 -32.95
CA LEU A 321 -4.93 -36.83 -33.13
C LEU A 321 -4.67 -36.61 -34.62
N PRO A 322 -5.27 -35.58 -35.22
CA PRO A 322 -5.00 -35.31 -36.64
C PRO A 322 -3.56 -34.88 -36.84
N LEU A 323 -3.04 -35.21 -38.02
CA LEU A 323 -1.65 -34.89 -38.36
C LEU A 323 -1.60 -33.63 -39.22
N GLY A 324 -0.38 -33.23 -39.59
CA GLY A 324 -0.18 -32.10 -40.47
C GLY A 324 -0.32 -30.76 -39.78
N LEU A 325 0.49 -29.79 -40.21
CA LEU A 325 0.40 -28.45 -39.67
C LEU A 325 -0.71 -27.67 -40.35
N LEU A 326 -1.12 -26.56 -39.74
CA LEU A 326 -2.22 -25.80 -40.30
C LEU A 326 -1.73 -24.45 -40.83
N PRO A 327 -2.30 -23.98 -41.92
CA PRO A 327 -1.96 -22.64 -42.42
C PRO A 327 -2.45 -21.57 -41.45
N PRO A 328 -1.85 -20.39 -41.48
CA PRO A 328 -2.28 -19.34 -40.55
C PRO A 328 -3.76 -19.00 -40.74
N ALA A 329 -4.44 -18.78 -39.63
CA ALA A 329 -5.86 -18.43 -39.63
C ALA A 329 -6.01 -17.05 -39.01
N ASN A 330 -6.46 -16.09 -39.82
CA ASN A 330 -6.64 -14.73 -39.34
C ASN A 330 -7.82 -14.69 -38.38
N PRO A 331 -7.61 -14.30 -37.12
CA PRO A 331 -8.68 -14.37 -36.13
C PRO A 331 -9.72 -13.27 -36.31
N ASP A 332 -10.67 -13.22 -35.38
CA ASP A 332 -11.72 -12.21 -35.38
C ASP A 332 -11.64 -11.38 -34.11
N THR A 333 -12.04 -10.12 -34.22
CA THR A 333 -12.02 -9.18 -33.10
C THR A 333 -13.41 -8.97 -32.52
N SER A 334 -14.32 -9.93 -32.74
CA SER A 334 -15.69 -9.83 -32.28
C SER A 334 -15.87 -10.33 -30.85
N LEU A 335 -14.83 -10.86 -30.22
CA LEU A 335 -14.94 -11.39 -28.86
C LEU A 335 -14.11 -10.59 -27.86
N PHE A 336 -13.51 -9.47 -28.28
CA PHE A 336 -12.68 -8.69 -27.36
C PHE A 336 -13.52 -8.11 -26.22
N HIS A 337 -14.71 -7.60 -26.53
CA HIS A 337 -15.54 -6.98 -25.51
C HIS A 337 -16.07 -7.98 -24.48
N LEU A 338 -15.93 -9.27 -24.74
CA LEU A 338 -16.36 -10.31 -23.80
C LEU A 338 -15.22 -10.83 -22.93
N VAL A 339 -14.00 -10.90 -23.46
CA VAL A 339 -12.89 -11.55 -22.79
C VAL A 339 -11.73 -10.58 -22.53
N TYR A 340 -11.99 -9.27 -22.60
CA TYR A 340 -10.90 -8.32 -22.41
C TYR A 340 -10.35 -8.37 -20.98
N VAL A 341 -11.22 -8.60 -19.99
CA VAL A 341 -10.75 -8.69 -18.61
C VAL A 341 -9.87 -9.93 -18.42
N ASP A 342 -10.34 -11.07 -18.91
CA ASP A 342 -9.61 -12.32 -18.69
C ASP A 342 -8.30 -12.34 -19.46
N ALA A 343 -8.25 -11.70 -20.63
CA ALA A 343 -6.98 -11.60 -21.36
C ALA A 343 -5.96 -10.80 -20.56
N ILE A 344 -6.40 -9.72 -19.92
CA ILE A 344 -5.49 -8.93 -19.08
C ILE A 344 -4.99 -9.77 -17.91
N ALA A 345 -5.88 -10.51 -17.28
CA ALA A 345 -5.47 -11.37 -16.17
C ALA A 345 -4.48 -12.43 -16.63
N ILE A 346 -4.72 -13.03 -17.80
CA ILE A 346 -3.81 -14.03 -18.34
C ILE A 346 -2.44 -13.43 -18.57
N ALA A 347 -2.39 -12.23 -19.17
CA ALA A 347 -1.11 -11.60 -19.47
C ALA A 347 -0.34 -11.31 -18.19
N ILE A 348 -1.02 -10.74 -17.18
CA ILE A 348 -0.34 -10.38 -15.95
C ILE A 348 0.20 -11.62 -15.25
N VAL A 349 -0.64 -12.66 -15.12
CA VAL A 349 -0.21 -13.86 -14.41
C VAL A 349 0.95 -14.54 -15.14
N GLY A 350 0.86 -14.66 -16.46
CA GLY A 350 1.93 -15.31 -17.21
C GLY A 350 3.24 -14.55 -17.09
N PHE A 351 3.19 -13.23 -17.25
CA PHE A 351 4.41 -12.43 -17.12
C PHE A 351 5.00 -12.54 -15.72
N SER A 352 4.15 -12.50 -14.69
CA SER A 352 4.65 -12.59 -13.32
C SER A 352 5.39 -13.92 -13.10
N VAL A 353 4.77 -15.02 -13.48
CA VAL A 353 5.38 -16.33 -13.25
C VAL A 353 6.69 -16.47 -14.03
N THR A 354 6.67 -16.09 -15.30
CA THR A 354 7.86 -16.27 -16.12
C THR A 354 8.99 -15.36 -15.67
N ILE A 355 8.68 -14.15 -15.22
CA ILE A 355 9.74 -13.24 -14.79
C ILE A 355 10.32 -13.72 -13.47
N SER A 356 9.49 -14.29 -12.59
CA SER A 356 10.02 -14.84 -11.34
C SER A 356 10.98 -15.98 -11.62
N MET A 357 10.60 -16.91 -12.49
CA MET A 357 11.49 -18.03 -12.81
C MET A 357 12.75 -17.56 -13.52
N ALA A 358 12.62 -16.65 -14.49
CA ALA A 358 13.81 -16.15 -15.18
C ALA A 358 14.76 -15.44 -14.22
N LYS A 359 14.22 -14.62 -13.33
CA LYS A 359 15.05 -13.88 -12.39
C LYS A 359 15.77 -14.82 -11.43
N THR A 360 15.07 -15.81 -10.89
CA THR A 360 15.70 -16.70 -9.91
C THR A 360 16.73 -17.59 -10.59
N LEU A 361 16.48 -18.04 -11.82
CA LEU A 361 17.46 -18.86 -12.52
C LEU A 361 18.68 -18.05 -12.90
N ALA A 362 18.48 -16.79 -13.33
CA ALA A 362 19.61 -15.92 -13.62
C ALA A 362 20.45 -15.66 -12.39
N ASN A 363 19.80 -15.43 -11.24
CA ASN A 363 20.53 -15.23 -10.00
C ASN A 363 21.31 -16.48 -9.62
N LYS A 364 20.70 -17.66 -9.80
CA LYS A 364 21.39 -18.91 -9.47
C LYS A 364 22.60 -19.14 -10.35
N HIS A 365 22.48 -18.87 -11.65
CA HIS A 365 23.56 -19.15 -12.60
C HIS A 365 24.43 -17.93 -12.88
N GLY A 366 24.17 -16.81 -12.22
CA GLY A 366 25.05 -15.65 -12.32
C GLY A 366 24.97 -14.88 -13.61
N TYR A 367 23.78 -14.36 -13.92
CA TYR A 367 23.60 -13.41 -15.02
C TYR A 367 22.32 -12.63 -14.75
N GLN A 368 21.85 -11.90 -15.75
CA GLN A 368 20.71 -11.01 -15.58
C GLN A 368 19.72 -11.21 -16.72
N VAL A 369 18.46 -10.89 -16.43
CA VAL A 369 17.38 -10.97 -17.41
C VAL A 369 16.67 -9.62 -17.47
N ASP A 370 16.01 -9.37 -18.59
CA ASP A 370 15.32 -8.11 -18.83
C ASP A 370 13.81 -8.34 -18.80
N GLY A 371 13.12 -7.60 -17.92
CA GLY A 371 11.67 -7.74 -17.84
C GLY A 371 10.96 -7.25 -19.09
N ASN A 372 11.38 -6.10 -19.62
CA ASN A 372 10.73 -5.55 -20.80
C ASN A 372 10.89 -6.46 -22.00
N GLN A 373 12.08 -7.02 -22.20
CA GLN A 373 12.29 -7.97 -23.28
C GLN A 373 11.46 -9.23 -23.07
N GLU A 374 11.28 -9.67 -21.83
CA GLU A 374 10.41 -10.80 -21.55
C GLU A 374 8.98 -10.50 -21.96
N LEU A 375 8.47 -9.31 -21.63
CA LEU A 375 7.12 -8.94 -22.04
C LEU A 375 7.00 -8.91 -23.55
N ILE A 376 7.98 -8.33 -24.25
CA ILE A 376 7.92 -8.24 -25.70
C ILE A 376 7.92 -9.63 -26.32
N ALA A 377 8.80 -10.51 -25.82
CA ALA A 377 8.88 -11.87 -26.36
C ALA A 377 7.57 -12.62 -26.14
N LEU A 378 7.00 -12.53 -24.93
CA LEU A 378 5.75 -13.20 -24.67
C LEU A 378 4.62 -12.65 -25.54
N GLY A 379 4.57 -11.32 -25.71
CA GLY A 379 3.52 -10.74 -26.52
C GLY A 379 3.58 -11.21 -27.96
N LEU A 380 4.78 -11.18 -28.55
CA LEU A 380 4.93 -11.63 -29.93
C LEU A 380 4.63 -13.13 -30.05
N CYS A 381 5.12 -13.93 -29.10
CA CYS A 381 4.88 -15.36 -29.14
C CYS A 381 3.39 -15.66 -29.09
N ASN A 382 2.68 -15.09 -28.12
CA ASN A 382 1.25 -15.35 -27.99
C ASN A 382 0.47 -14.86 -29.19
N SER A 383 0.78 -13.66 -29.70
CA SER A 383 0.04 -13.13 -30.82
C SER A 383 0.21 -14.00 -32.06
N ILE A 384 1.46 -14.26 -32.45
CA ILE A 384 1.67 -15.03 -33.68
C ILE A 384 1.22 -16.47 -33.49
N GLY A 385 1.24 -16.98 -32.26
CA GLY A 385 0.63 -18.27 -32.00
C GLY A 385 -0.86 -18.26 -32.24
N SER A 386 -1.53 -17.18 -31.81
CA SER A 386 -2.96 -17.06 -32.11
C SER A 386 -3.22 -17.01 -33.61
N LEU A 387 -2.30 -16.43 -34.38
CA LEU A 387 -2.39 -16.56 -35.83
C LEU A 387 -2.15 -18.00 -36.28
N PHE A 388 -1.43 -18.79 -35.49
CA PHE A 388 -1.04 -20.14 -35.87
C PHE A 388 -1.72 -21.22 -35.02
N GLN A 389 -2.97 -20.98 -34.61
CA GLN A 389 -3.77 -21.98 -33.90
C GLN A 389 -3.10 -22.40 -32.58
N THR A 390 -2.93 -21.42 -31.69
CA THR A 390 -2.23 -21.64 -30.43
C THR A 390 -2.85 -20.80 -29.33
N PHE A 391 -3.03 -21.41 -28.16
CA PHE A 391 -3.57 -20.68 -27.02
C PHE A 391 -2.44 -20.14 -26.14
N SER A 392 -2.82 -19.24 -25.22
CA SER A 392 -1.85 -18.49 -24.44
C SER A 392 -1.04 -19.41 -23.53
N ILE A 393 0.25 -19.10 -23.40
CA ILE A 393 1.16 -19.88 -22.56
C ILE A 393 2.14 -18.93 -21.87
N SER A 394 2.86 -19.48 -20.91
CA SER A 394 3.93 -18.78 -20.21
C SER A 394 4.96 -19.82 -19.79
N CYS A 395 5.87 -19.44 -18.90
CA CYS A 395 6.87 -20.38 -18.42
C CYS A 395 6.22 -21.48 -17.59
N SER A 396 6.86 -22.65 -17.59
CA SER A 396 6.40 -23.79 -16.82
C SER A 396 7.43 -24.10 -15.73
N LEU A 397 6.95 -24.20 -14.50
CA LEU A 397 7.83 -24.38 -13.34
C LEU A 397 8.60 -25.68 -13.42
N SER A 398 7.90 -26.80 -13.25
CA SER A 398 8.54 -28.14 -13.21
C SER A 398 9.34 -28.44 -14.48
N ARG A 399 8.83 -28.07 -15.65
CA ARG A 399 9.56 -28.32 -16.89
C ARG A 399 10.87 -27.54 -16.91
N SER A 400 10.85 -26.30 -16.43
CA SER A 400 12.08 -25.50 -16.39
C SER A 400 13.09 -26.10 -15.43
N LEU A 401 12.64 -26.55 -14.25
CA LEU A 401 13.55 -27.20 -13.32
C LEU A 401 14.15 -28.46 -13.92
N VAL A 402 13.35 -29.25 -14.63
CA VAL A 402 13.87 -30.46 -15.27
C VAL A 402 14.89 -30.09 -16.36
N GLN A 403 14.59 -29.06 -17.15
CA GLN A 403 15.52 -28.68 -18.21
C GLN A 403 16.85 -28.21 -17.64
N GLU A 404 16.82 -27.41 -16.58
CA GLU A 404 18.07 -26.90 -16.02
C GLU A 404 18.82 -27.97 -15.25
N GLY A 405 18.10 -28.89 -14.60
CA GLY A 405 18.73 -29.88 -13.74
C GLY A 405 19.51 -30.94 -14.48
N THR A 406 19.19 -31.18 -15.76
CA THR A 406 19.89 -32.19 -16.54
C THR A 406 21.05 -31.62 -17.35
N GLY A 407 21.32 -30.33 -17.25
CA GLY A 407 22.45 -29.75 -17.93
C GLY A 407 22.09 -28.77 -19.02
N GLY A 408 20.92 -28.15 -18.90
CA GLY A 408 20.54 -27.11 -19.84
C GLY A 408 21.44 -25.90 -19.70
N LYS A 409 22.04 -25.46 -20.80
CA LYS A 409 22.99 -24.37 -20.76
C LYS A 409 22.63 -23.20 -21.68
N THR A 410 22.01 -23.46 -22.83
CA THR A 410 21.52 -22.38 -23.68
C THR A 410 20.07 -22.64 -24.05
N GLN A 411 19.51 -21.83 -24.95
CA GLN A 411 18.13 -21.97 -25.36
C GLN A 411 17.95 -22.96 -26.51
N LEU A 412 19.04 -23.51 -27.04
CA LEU A 412 18.91 -24.54 -28.07
C LEU A 412 18.25 -25.80 -27.55
N ALA A 413 18.27 -26.03 -26.24
CA ALA A 413 17.56 -27.17 -25.67
C ALA A 413 16.06 -27.04 -25.92
N GLY A 414 15.50 -25.83 -25.78
CA GLY A 414 14.11 -25.63 -26.12
C GLY A 414 13.82 -25.87 -27.59
N CYS A 415 14.76 -25.46 -28.45
CA CYS A 415 14.59 -25.69 -29.89
C CYS A 415 14.54 -27.18 -30.21
N LEU A 416 15.39 -27.97 -29.55
CA LEU A 416 15.36 -29.41 -29.76
C LEU A 416 14.03 -30.01 -29.32
N ALA A 417 13.51 -29.56 -28.18
CA ALA A 417 12.21 -30.05 -27.73
C ALA A 417 11.11 -29.67 -28.70
N SER A 418 11.16 -28.45 -29.24
CA SER A 418 10.18 -28.05 -30.24
C SER A 418 10.29 -28.90 -31.49
N LEU A 419 11.51 -29.22 -31.91
CA LEU A 419 11.70 -30.05 -33.10
C LEU A 419 11.13 -31.45 -32.90
N MET A 420 11.36 -32.05 -31.72
CA MET A 420 10.82 -33.39 -31.51
C MET A 420 9.30 -33.37 -31.34
N ILE A 421 8.75 -32.29 -30.79
CA ILE A 421 7.29 -32.15 -30.77
C ILE A 421 6.75 -32.04 -32.20
N LEU A 422 7.46 -31.32 -33.07
CA LEU A 422 7.09 -31.30 -34.48
C LEU A 422 7.14 -32.69 -35.09
N LEU A 423 8.16 -33.48 -34.72
CA LEU A 423 8.26 -34.84 -35.25
C LEU A 423 7.06 -35.67 -34.83
N VAL A 424 6.63 -35.55 -33.57
CA VAL A 424 5.47 -36.29 -33.09
C VAL A 424 4.21 -35.81 -33.80
N ILE A 425 4.10 -34.51 -34.02
CA ILE A 425 2.93 -33.95 -34.70
C ILE A 425 2.82 -34.51 -36.12
N LEU A 426 3.92 -34.47 -36.86
CA LEU A 426 3.88 -34.84 -38.27
C LEU A 426 3.83 -36.35 -38.49
N ALA A 427 4.50 -37.13 -37.65
CA ALA A 427 4.70 -38.54 -37.94
C ALA A 427 3.91 -39.47 -37.02
N THR A 428 4.08 -39.36 -35.71
CA THR A 428 3.55 -40.34 -34.77
C THR A 428 2.49 -39.73 -33.86
N GLY A 429 1.65 -38.85 -34.41
CA GLY A 429 0.52 -38.36 -33.65
C GLY A 429 -0.56 -39.40 -33.44
N PHE A 430 -0.65 -40.36 -34.36
CA PHE A 430 -1.66 -41.42 -34.23
C PHE A 430 -1.27 -42.43 -33.17
N LEU A 431 0.03 -42.59 -32.90
CA LEU A 431 0.49 -43.62 -31.97
C LEU A 431 0.01 -43.37 -30.55
N PHE A 432 -0.19 -42.11 -30.16
CA PHE A 432 -0.58 -41.75 -28.81
C PHE A 432 -2.07 -41.53 -28.66
N GLU A 433 -2.87 -41.90 -29.66
CA GLU A 433 -4.30 -41.65 -29.61
C GLU A 433 -5.03 -42.51 -28.59
N SER A 434 -4.44 -43.63 -28.17
CA SER A 434 -5.08 -44.55 -27.24
C SER A 434 -4.57 -44.37 -25.81
N LEU A 435 -3.83 -43.31 -25.54
CA LEU A 435 -3.27 -43.10 -24.20
C LEU A 435 -4.39 -42.72 -23.23
N PRO A 436 -4.59 -43.47 -22.14
CA PRO A 436 -5.65 -43.13 -21.19
C PRO A 436 -5.37 -41.82 -20.49
N GLN A 437 -6.46 -41.14 -20.11
CA GLN A 437 -6.33 -39.89 -19.36
C GLN A 437 -5.77 -40.11 -17.96
N ALA A 438 -5.87 -41.33 -17.43
CA ALA A 438 -5.33 -41.61 -16.10
C ALA A 438 -3.82 -41.43 -16.07
N VAL A 439 -3.14 -41.90 -17.13
CA VAL A 439 -1.68 -41.79 -17.17
C VAL A 439 -1.25 -40.33 -17.17
N LEU A 440 -1.92 -39.50 -17.97
CA LEU A 440 -1.58 -38.08 -18.02
C LEU A 440 -1.87 -37.39 -16.70
N SER A 441 -3.00 -37.73 -16.06
CA SER A 441 -3.32 -37.12 -14.78
C SER A 441 -2.28 -37.49 -13.72
N ALA A 442 -1.88 -38.76 -13.68
CA ALA A 442 -0.85 -39.17 -12.72
C ALA A 442 0.50 -38.54 -13.02
N ILE A 443 0.81 -38.35 -14.30
CA ILE A 443 2.07 -37.69 -14.66
C ILE A 443 2.08 -36.25 -14.20
N VAL A 444 0.95 -35.55 -14.37
CA VAL A 444 0.86 -34.17 -13.89
C VAL A 444 0.99 -34.12 -12.38
N ILE A 445 0.31 -35.03 -11.68
CA ILE A 445 0.37 -35.04 -10.22
C ILE A 445 1.78 -35.33 -9.72
N VAL A 446 2.45 -36.31 -10.33
CA VAL A 446 3.78 -36.69 -9.85
C VAL A 446 4.81 -35.61 -10.12
N ASN A 447 4.69 -34.91 -11.25
CA ASN A 447 5.64 -33.84 -11.57
C ASN A 447 5.37 -32.58 -10.75
N LEU A 448 4.21 -32.48 -10.13
CA LEU A 448 3.85 -31.34 -9.30
C LEU A 448 4.22 -31.55 -7.84
N LYS A 449 4.80 -32.71 -7.50
CA LYS A 449 5.24 -32.98 -6.14
C LYS A 449 6.26 -31.96 -5.67
N GLY A 450 7.13 -31.48 -6.58
CA GLY A 450 8.14 -30.52 -6.19
C GLY A 450 7.54 -29.23 -5.65
N MET A 451 6.32 -28.92 -6.06
CA MET A 451 5.66 -27.71 -5.57
C MET A 451 4.95 -27.95 -4.24
N PHE A 452 4.52 -29.18 -3.96
CA PHE A 452 4.03 -29.52 -2.64
C PHE A 452 5.12 -29.44 -1.57
N MET A 453 6.38 -29.59 -1.96
CA MET A 453 7.48 -29.60 -1.00
C MET A 453 7.73 -28.24 -0.37
N GLN A 454 7.10 -27.17 -0.86
CA GLN A 454 7.37 -25.82 -0.40
C GLN A 454 6.67 -25.46 0.91
N PHE A 455 5.98 -26.40 1.56
CA PHE A 455 5.51 -26.15 2.91
C PHE A 455 6.63 -26.03 3.93
N SER A 456 7.85 -26.45 3.59
CA SER A 456 8.96 -26.32 4.53
C SER A 456 9.27 -24.87 4.87
N ASP A 457 8.78 -23.91 4.08
CA ASP A 457 9.00 -22.50 4.37
C ASP A 457 8.17 -22.00 5.55
N LEU A 458 7.16 -22.77 5.99
CA LEU A 458 6.35 -22.31 7.11
C LEU A 458 7.14 -22.28 8.41
N PRO A 459 7.72 -23.38 8.90
CA PRO A 459 8.58 -23.27 10.08
C PRO A 459 9.81 -22.41 9.85
N PHE A 460 10.35 -22.43 8.62
CA PHE A 460 11.53 -21.63 8.32
C PHE A 460 11.25 -20.14 8.47
N PHE A 461 10.19 -19.66 7.81
CA PHE A 461 9.84 -18.26 7.94
C PHE A 461 9.32 -17.93 9.32
N TRP A 462 8.76 -18.91 10.03
CA TRP A 462 8.39 -18.67 11.42
C TRP A 462 9.62 -18.39 12.27
N ARG A 463 10.71 -19.12 12.03
CA ARG A 463 11.93 -18.91 12.81
C ARG A 463 12.64 -17.63 12.40
N THR A 464 12.73 -17.35 11.10
CA THR A 464 13.55 -16.24 10.65
C THR A 464 12.84 -14.90 10.79
N SER A 465 11.73 -14.71 10.07
CA SER A 465 11.03 -13.44 10.04
C SER A 465 9.53 -13.68 9.94
N LYS A 466 8.79 -13.32 10.98
CA LYS A 466 7.36 -13.59 11.00
C LYS A 466 6.59 -12.75 9.99
N ILE A 467 7.11 -11.58 9.60
CA ILE A 467 6.41 -10.76 8.61
C ILE A 467 6.35 -11.49 7.27
N GLU A 468 7.46 -12.09 6.85
CA GLU A 468 7.44 -12.84 5.59
C GLU A 468 6.56 -14.08 5.70
N LEU A 469 6.49 -14.69 6.89
CA LEU A 469 5.55 -15.80 7.08
C LEU A 469 4.11 -15.32 6.91
N THR A 470 3.80 -14.13 7.45
CA THR A 470 2.47 -13.58 7.26
C THR A 470 2.18 -13.32 5.79
N ILE A 471 3.16 -12.79 5.05
CA ILE A 471 2.98 -12.57 3.62
C ILE A 471 2.75 -13.90 2.91
N TRP A 472 3.52 -14.93 3.27
CA TRP A 472 3.36 -16.24 2.64
C TRP A 472 1.97 -16.81 2.89
N LEU A 473 1.52 -16.77 4.14
CA LEU A 473 0.21 -17.33 4.46
C LEU A 473 -0.91 -16.53 3.83
N THR A 474 -0.80 -15.20 3.82
CA THR A 474 -1.82 -14.37 3.20
C THR A 474 -1.90 -14.63 1.70
N THR A 475 -0.74 -14.74 1.04
CA THR A 475 -0.74 -15.06 -0.39
C THR A 475 -1.36 -16.42 -0.67
N PHE A 476 -1.00 -17.42 0.14
CA PHE A 476 -1.51 -18.76 -0.07
C PHE A 476 -3.03 -18.80 0.11
N VAL A 477 -3.53 -18.15 1.15
CA VAL A 477 -4.97 -18.15 1.41
C VAL A 477 -5.71 -17.37 0.33
N SER A 478 -5.21 -16.18 -0.01
CA SER A 478 -5.88 -15.35 -0.99
C SER A 478 -5.86 -15.95 -2.39
N SER A 479 -4.85 -16.77 -2.70
CA SER A 479 -4.80 -17.42 -4.01
C SER A 479 -5.44 -18.79 -4.03
N LEU A 480 -5.70 -19.38 -2.86
CA LEU A 480 -6.36 -20.68 -2.83
C LEU A 480 -7.87 -20.53 -2.87
N PHE A 481 -8.44 -19.80 -1.91
CA PHE A 481 -9.89 -19.64 -1.85
C PHE A 481 -10.39 -18.76 -2.98
N LEU A 482 -9.93 -17.52 -3.05
CA LEU A 482 -10.31 -16.64 -4.14
C LEU A 482 -9.63 -17.10 -5.43
N GLY A 483 -10.12 -16.57 -6.55
CA GLY A 483 -9.56 -16.93 -7.84
C GLY A 483 -8.13 -16.47 -7.97
N LEU A 484 -7.36 -17.20 -8.80
CA LEU A 484 -5.97 -16.85 -9.04
C LEU A 484 -5.80 -15.51 -9.75
N ASP A 485 -6.84 -15.04 -10.43
CA ASP A 485 -6.75 -13.75 -11.12
C ASP A 485 -6.56 -12.61 -10.12
N TYR A 486 -7.30 -12.64 -9.02
CA TYR A 486 -7.30 -11.53 -8.06
C TYR A 486 -6.51 -11.84 -6.79
N GLY A 487 -6.21 -13.11 -6.52
CA GLY A 487 -5.39 -13.44 -5.37
C GLY A 487 -3.99 -12.85 -5.48
N LEU A 488 -3.44 -12.82 -6.70
CA LEU A 488 -2.12 -12.22 -6.90
C LEU A 488 -2.14 -10.74 -6.58
N ILE A 489 -3.16 -10.01 -7.03
CA ILE A 489 -3.25 -8.59 -6.76
C ILE A 489 -3.42 -8.34 -5.26
N THR A 490 -4.28 -9.13 -4.61
CA THR A 490 -4.48 -8.98 -3.17
C THR A 490 -3.19 -9.24 -2.41
N ALA A 491 -2.46 -10.29 -2.79
CA ALA A 491 -1.20 -10.60 -2.13
C ALA A 491 -0.17 -9.51 -2.34
N VAL A 492 -0.12 -8.94 -3.55
CA VAL A 492 0.83 -7.86 -3.83
C VAL A 492 0.52 -6.64 -2.97
N ILE A 493 -0.77 -6.29 -2.85
CA ILE A 493 -1.15 -5.15 -2.03
C ILE A 493 -0.82 -5.40 -0.57
N ILE A 494 -1.08 -6.62 -0.07
CA ILE A 494 -0.76 -6.94 1.32
C ILE A 494 0.74 -6.85 1.56
N ALA A 495 1.54 -7.37 0.63
CA ALA A 495 2.99 -7.29 0.76
C ALA A 495 3.47 -5.85 0.79
N LEU A 496 2.87 -4.99 -0.03
CA LEU A 496 3.22 -3.58 0.00
C LEU A 496 2.82 -2.93 1.32
N LEU A 497 1.67 -3.31 1.86
CA LEU A 497 1.21 -2.70 3.11
C LEU A 497 1.97 -3.20 4.33
N THR A 498 2.69 -4.32 4.21
CA THR A 498 3.52 -4.76 5.32
C THR A 498 4.60 -3.73 5.64
N VAL A 499 5.09 -3.02 4.63
CA VAL A 499 6.05 -1.94 4.87
C VAL A 499 5.40 -0.83 5.69
N ILE A 500 4.15 -0.49 5.38
CA ILE A 500 3.43 0.51 6.15
C ILE A 500 3.29 0.07 7.60
N TYR A 501 2.96 -1.21 7.81
CA TYR A 501 2.87 -1.73 9.17
C TYR A 501 4.21 -1.63 9.88
N ARG A 502 5.31 -1.95 9.18
CA ARG A 502 6.63 -1.88 9.79
C ARG A 502 6.96 -0.45 10.20
N THR A 503 6.63 0.52 9.36
CA THR A 503 6.86 1.92 9.72
C THR A 503 5.89 2.43 10.78
N GLN A 504 4.80 1.72 11.04
CA GLN A 504 3.87 2.12 12.08
C GLN A 504 4.13 1.43 13.41
N SER A 505 5.06 0.49 13.46
CA SER A 505 5.44 -0.19 14.70
C SER A 505 6.96 -0.17 14.83
N PRO A 506 7.55 1.00 15.05
CA PRO A 506 9.01 1.07 15.19
C PRO A 506 9.46 0.70 16.59
N SER A 507 10.75 0.84 16.87
CA SER A 507 11.30 0.53 18.18
C SER A 507 11.75 1.84 18.82
N TYR A 508 10.97 2.32 19.79
CA TYR A 508 11.34 3.51 20.53
C TYR A 508 12.30 3.15 21.65
N LYS A 509 13.46 3.81 21.68
CA LYS A 509 14.49 3.52 22.65
C LYS A 509 14.95 4.81 23.31
N VAL A 510 15.28 4.73 24.59
CA VAL A 510 15.89 5.83 25.33
C VAL A 510 17.36 5.46 25.53
N LEU A 511 18.26 6.32 25.05
CA LEU A 511 19.67 5.98 24.95
C LEU A 511 20.45 6.48 26.17
N GLY A 512 21.57 5.81 26.41
CA GLY A 512 22.49 6.22 27.45
C GLY A 512 23.91 6.29 26.90
N LYS A 513 24.76 6.99 27.64
CA LYS A 513 26.12 7.28 27.20
C LYS A 513 27.07 6.27 27.82
N LEU A 514 27.83 5.57 26.98
CA LEU A 514 28.91 4.74 27.48
C LEU A 514 29.98 5.63 28.10
N PRO A 515 30.52 5.26 29.27
CA PRO A 515 31.48 6.15 29.94
C PRO A 515 32.73 6.38 29.11
N GLU A 516 33.25 7.61 29.19
CA GLU A 516 34.52 8.00 28.59
C GLU A 516 34.53 7.91 27.07
N THR A 517 33.38 7.59 26.46
CA THR A 517 33.29 7.53 25.01
C THR A 517 32.08 8.30 24.52
N ASP A 518 31.79 8.22 23.21
CA ASP A 518 30.67 8.92 22.61
C ASP A 518 29.66 7.95 22.01
N VAL A 519 29.63 6.72 22.51
CA VAL A 519 28.73 5.69 21.99
C VAL A 519 27.44 5.73 22.81
N TYR A 520 26.32 5.92 22.13
CA TYR A 520 25.01 6.00 22.77
C TYR A 520 24.19 4.78 22.39
N ILE A 521 23.78 4.00 23.39
CA ILE A 521 23.05 2.75 23.18
C ILE A 521 21.88 2.73 24.15
N ASP A 522 20.91 1.85 23.86
CA ASP A 522 19.71 1.75 24.69
C ASP A 522 20.07 1.49 26.15
N ILE A 523 19.37 2.20 27.04
CA ILE A 523 19.67 2.13 28.46
C ILE A 523 19.31 0.78 29.07
N ASP A 524 18.36 0.07 28.48
CA ASP A 524 17.90 -1.21 29.02
C ASP A 524 18.46 -2.39 28.25
N ALA A 525 19.71 -2.31 27.79
CA ALA A 525 20.27 -3.35 26.94
C ALA A 525 21.58 -3.93 27.45
N TYR A 526 22.48 -3.10 28.00
CA TYR A 526 23.85 -3.55 28.21
C TYR A 526 24.42 -3.28 29.60
N GLU A 527 23.67 -2.66 30.50
CA GLU A 527 24.01 -2.62 31.92
C GLU A 527 25.27 -1.80 32.22
N GLU A 528 25.99 -1.34 31.20
CA GLU A 528 27.09 -0.41 31.41
C GLU A 528 26.81 0.98 30.89
N VAL A 529 25.85 1.14 29.97
CA VAL A 529 25.45 2.47 29.54
C VAL A 529 24.76 3.19 30.69
N LYS A 530 25.12 4.45 30.89
CA LYS A 530 24.58 5.25 31.98
C LYS A 530 23.94 6.51 31.40
N GLU A 531 22.71 6.79 31.83
CA GLU A 531 22.00 7.96 31.34
C GLU A 531 22.58 9.23 31.94
N ILE A 532 22.77 10.24 31.09
CA ILE A 532 23.29 11.52 31.56
C ILE A 532 22.21 12.22 32.40
N PRO A 533 22.51 12.64 33.63
CA PRO A 533 21.48 13.26 34.46
C PRO A 533 21.01 14.58 33.87
N GLY A 534 19.70 14.78 33.88
CA GLY A 534 19.10 16.01 33.38
C GLY A 534 18.89 16.05 31.89
N ILE A 535 19.30 15.02 31.15
CA ILE A 535 19.16 14.98 29.70
C ILE A 535 18.49 13.66 29.32
N LYS A 536 17.43 13.73 28.53
CA LYS A 536 16.71 12.55 28.07
C LYS A 536 16.84 12.47 26.56
N ILE A 537 17.18 11.28 26.05
CA ILE A 537 17.43 11.06 24.63
C ILE A 537 16.37 10.09 24.12
N PHE A 538 15.77 10.42 22.99
CA PHE A 538 14.74 9.59 22.37
C PHE A 538 15.14 9.29 20.92
N GLN A 539 14.84 8.07 20.49
CA GLN A 539 15.21 7.64 19.15
C GLN A 539 14.09 6.81 18.53
N ILE A 540 13.78 7.10 17.26
CA ILE A 540 12.79 6.35 16.50
C ILE A 540 13.42 5.95 15.18
N ASN A 541 13.34 4.66 14.85
CA ASN A 541 13.89 4.14 13.60
C ASN A 541 12.79 4.00 12.54
N ALA A 542 12.20 5.13 12.18
CA ALA A 542 11.12 5.17 11.21
C ALA A 542 10.89 6.63 10.83
N PRO A 543 10.31 6.86 9.65
CA PRO A 543 9.96 8.24 9.27
C PRO A 543 8.85 8.79 10.16
N ILE A 544 8.56 10.08 9.96
CA ILE A 544 7.63 10.80 10.81
C ILE A 544 6.45 11.24 9.95
N TYR A 545 6.05 10.42 8.99
CA TYR A 545 5.01 10.79 8.05
C TYR A 545 3.65 10.81 8.76
N TYR A 546 2.59 11.02 7.98
CA TYR A 546 1.29 11.37 8.56
C TYR A 546 0.75 10.28 9.48
N ALA A 547 0.91 9.02 9.10
CA ALA A 547 0.37 7.91 9.86
C ALA A 547 1.28 7.47 11.00
N ASN A 548 2.23 8.31 11.40
CA ASN A 548 3.20 7.96 12.43
C ASN A 548 3.42 9.04 13.48
N SER A 549 3.00 10.28 13.22
CA SER A 549 3.33 11.38 14.13
C SER A 549 2.67 11.19 15.50
N ASP A 550 1.40 10.78 15.52
CA ASP A 550 0.68 10.66 16.79
C ASP A 550 1.31 9.59 17.67
N LEU A 551 1.65 8.44 17.08
CA LEU A 551 2.32 7.39 17.86
C LEU A 551 3.67 7.86 18.37
N TYR A 552 4.40 8.62 17.55
CA TYR A 552 5.70 9.14 17.97
C TYR A 552 5.55 10.08 19.16
N SER A 553 4.55 10.97 19.11
CA SER A 553 4.34 11.89 20.23
C SER A 553 3.96 11.15 21.50
N ASN A 554 3.07 10.16 21.39
CA ASN A 554 2.67 9.39 22.55
C ASN A 554 3.85 8.62 23.13
N ALA A 555 4.67 8.02 22.27
CA ALA A 555 5.85 7.29 22.75
C ALA A 555 6.84 8.23 23.42
N LEU A 556 7.00 9.43 22.87
CA LEU A 556 7.91 10.41 23.48
C LEU A 556 7.42 10.82 24.87
N LYS A 557 6.11 11.02 25.02
CA LYS A 557 5.57 11.42 26.31
C LYS A 557 5.49 10.26 27.31
N ARG A 558 5.54 9.02 26.83
CA ARG A 558 5.41 7.88 27.73
C ARG A 558 6.76 7.30 28.15
N LYS A 559 7.63 7.02 27.17
CA LYS A 559 8.89 6.36 27.47
C LYS A 559 9.81 7.25 28.31
N THR A 560 10.01 8.49 27.87
CA THR A 560 10.90 9.40 28.58
C THR A 560 10.34 9.84 29.93
N GLY A 561 9.05 9.61 30.18
CA GLY A 561 8.46 10.01 31.44
C GLY A 561 8.38 11.50 31.64
N VAL A 562 8.41 12.27 30.56
CA VAL A 562 8.36 13.74 30.61
C VAL A 562 7.16 14.16 29.77
N ASN A 563 6.01 14.30 30.42
CA ASN A 563 4.79 14.74 29.75
C ASN A 563 4.48 16.17 30.17
N PRO A 564 4.56 17.14 29.26
CA PRO A 564 4.27 18.53 29.66
C PRO A 564 2.87 18.73 30.21
N ALA A 565 1.89 17.96 29.73
CA ALA A 565 0.52 18.12 30.23
C ALA A 565 0.44 17.80 31.71
N VAL A 566 0.97 16.64 32.12
CA VAL A 566 0.94 16.28 33.54
C VAL A 566 1.85 17.20 34.35
N ILE A 567 2.89 17.74 33.73
CA ILE A 567 3.75 18.71 34.43
C ILE A 567 2.97 19.96 34.76
N MET A 568 2.22 20.49 33.79
CA MET A 568 1.38 21.65 34.06
C MET A 568 0.31 21.33 35.10
N GLY A 569 -0.28 20.14 35.00
CA GLY A 569 -1.29 19.75 35.98
C GLY A 569 -0.74 19.70 37.39
N ALA A 570 0.45 19.11 37.56
CA ALA A 570 1.07 19.05 38.88
C ALA A 570 1.47 20.43 39.36
N ARG A 571 1.94 21.29 38.47
CA ARG A 571 2.30 22.65 38.85
C ARG A 571 1.09 23.41 39.36
N ARG A 572 -0.04 23.31 38.65
CA ARG A 572 -1.27 23.96 39.10
C ARG A 572 -1.78 23.33 40.39
N LYS A 573 -1.59 22.02 40.56
CA LYS A 573 -2.00 21.37 41.81
C LYS A 573 -1.21 21.92 42.99
N ALA A 574 0.10 22.05 42.85
CA ALA A 574 0.90 22.67 43.89
C ALA A 574 0.49 24.12 44.10
N MET A 575 0.14 24.81 43.02
CA MET A 575 -0.27 26.21 43.14
C MET A 575 -1.54 26.35 43.96
N ARG A 576 -2.56 25.54 43.67
CA ARG A 576 -3.82 25.69 44.41
C ARG A 576 -3.69 25.15 45.84
N LYS A 577 -2.86 24.12 46.03
CA LYS A 577 -2.71 23.56 47.38
C LYS A 577 -1.88 24.46 48.29
N TYR A 578 -0.88 25.17 47.75
CA TYR A 578 -0.05 26.03 48.58
C TYR A 578 -0.80 27.28 49.04
N ALA A 579 -1.66 27.84 48.19
CA ALA A 579 -2.31 29.13 48.45
C ALA A 579 -3.21 29.12 49.69
N LYS A 580 -3.38 28.01 50.38
CA LYS A 580 -4.21 27.97 51.58
C LYS A 580 -3.35 27.81 52.84
N VAL A 614 9.34 42.80 12.91
CA VAL A 614 8.68 41.60 13.42
C VAL A 614 9.60 40.84 14.36
N LYS A 615 9.13 40.62 15.58
CA LYS A 615 9.89 39.90 16.60
C LYS A 615 9.10 38.69 17.08
N TYR A 616 9.81 37.78 17.75
CA TYR A 616 9.19 36.55 18.22
C TYR A 616 9.47 36.35 19.71
N PRO A 617 8.55 35.72 20.44
CA PRO A 617 8.79 35.44 21.85
C PRO A 617 9.83 34.33 22.01
N PRO A 618 10.45 34.22 23.18
CA PRO A 618 11.40 33.12 23.40
C PRO A 618 10.71 31.77 23.26
N ILE A 619 11.42 30.83 22.65
CA ILE A 619 10.86 29.50 22.44
C ILE A 619 10.61 28.81 23.78
N VAL A 620 11.56 28.92 24.70
CA VAL A 620 11.46 28.28 26.00
C VAL A 620 11.09 29.35 27.03
N ILE A 621 9.94 29.17 27.68
CA ILE A 621 9.49 30.09 28.71
C ILE A 621 10.00 29.59 30.05
N LYS A 622 10.71 30.44 30.77
CA LYS A 622 11.27 30.06 32.05
C LYS A 622 10.16 29.73 33.04
N SER A 623 10.43 28.77 33.91
CA SER A 623 9.43 28.27 34.86
C SER A 623 9.11 29.38 35.86
N THR A 624 7.93 29.98 35.71
CA THR A 624 7.46 31.01 36.65
C THR A 624 6.78 30.31 37.83
N PHE A 625 7.59 29.53 38.55
CA PHE A 625 7.11 28.74 39.68
C PHE A 625 7.91 29.16 40.91
N PRO A 626 7.25 29.69 41.94
CA PRO A 626 8.00 30.16 43.13
C PRO A 626 8.77 29.03 43.79
N GLU A 627 9.93 29.38 44.33
CA GLU A 627 10.74 28.40 45.07
C GLU A 627 10.00 27.90 46.31
N GLU A 628 9.23 28.76 46.96
CA GLU A 628 8.38 28.31 48.05
C GLU A 628 7.34 27.31 47.56
N MET A 629 6.76 27.57 46.37
CA MET A 629 5.85 26.60 45.78
C MET A 629 6.56 25.32 45.39
N GLN A 630 7.86 25.40 45.10
CA GLN A 630 8.62 24.20 44.77
C GLN A 630 8.70 23.25 45.95
N ARG A 631 8.56 23.77 47.18
CA ARG A 631 8.51 22.90 48.35
C ARG A 631 7.27 22.03 48.37
N PHE A 632 6.21 22.44 47.66
CA PHE A 632 4.99 21.66 47.52
C PHE A 632 4.91 20.95 46.18
N MET A 633 6.04 20.82 45.48
CA MET A 633 6.10 20.25 44.14
C MET A 633 6.63 18.84 44.27
N PRO A 634 5.85 17.81 43.97
CA PRO A 634 6.34 16.45 44.13
C PRO A 634 7.61 16.22 43.33
N PRO A 635 8.50 15.37 43.82
CA PRO A 635 9.83 15.26 43.20
C PRO A 635 9.77 14.67 41.80
N GLY A 636 10.78 15.03 41.00
CA GLY A 636 10.91 14.55 39.64
C GLY A 636 12.37 14.51 39.23
N ASP A 637 12.60 14.00 38.03
CA ASP A 637 13.95 13.87 37.51
C ASP A 637 14.60 15.21 37.19
N ASN A 638 13.82 16.28 37.11
CA ASN A 638 14.33 17.63 36.81
C ASN A 638 15.08 17.63 35.47
N VAL A 639 14.41 17.14 34.43
CA VAL A 639 14.98 17.14 33.10
C VAL A 639 15.02 18.56 32.56
N HIS A 640 16.17 18.97 32.06
CA HIS A 640 16.35 20.32 31.53
C HIS A 640 16.57 20.37 30.02
N THR A 641 16.69 19.21 29.37
CA THR A 641 16.89 19.18 27.92
C THR A 641 16.51 17.80 27.42
N VAL A 642 15.77 17.75 26.31
CA VAL A 642 15.38 16.51 25.68
C VAL A 642 16.00 16.49 24.28
N ILE A 643 16.78 15.46 24.00
CA ILE A 643 17.48 15.31 22.73
C ILE A 643 16.70 14.33 21.86
N LEU A 644 16.33 14.75 20.66
CA LEU A 644 15.64 13.89 19.71
C LEU A 644 16.66 13.40 18.68
N ASP A 645 16.74 12.08 18.51
CA ASP A 645 17.63 11.50 17.51
C ASP A 645 16.92 11.43 16.17
N PHE A 646 17.52 12.06 15.17
CA PHE A 646 16.98 12.07 13.81
C PHE A 646 17.92 11.38 12.83
N THR A 647 18.90 10.62 13.33
CA THR A 647 19.81 9.91 12.44
C THR A 647 19.10 8.83 11.65
N GLN A 648 18.04 8.26 12.20
CA GLN A 648 17.30 7.18 11.56
C GLN A 648 15.92 7.63 11.09
N VAL A 649 15.78 8.89 10.71
CA VAL A 649 14.55 9.42 10.14
C VAL A 649 14.84 9.80 8.69
N ASN A 650 14.15 9.13 7.76
CA ASN A 650 14.45 9.32 6.34
C ASN A 650 13.77 10.54 5.77
N PHE A 651 12.51 10.79 6.14
CA PHE A 651 11.78 11.93 5.60
C PHE A 651 10.72 12.35 6.60
N ILE A 652 10.29 13.59 6.48
CA ILE A 652 9.21 14.14 7.29
C ILE A 652 8.31 14.98 6.39
N ASP A 653 7.00 14.83 6.54
CA ASP A 653 6.03 15.51 5.71
C ASP A 653 5.32 16.60 6.50
N SER A 654 4.31 17.21 5.89
CA SER A 654 3.65 18.36 6.49
C SER A 654 3.04 18.02 7.85
N VAL A 655 2.38 16.87 7.96
CA VAL A 655 1.83 16.45 9.24
C VAL A 655 2.95 16.24 10.25
N GLY A 656 4.05 15.62 9.81
CA GLY A 656 5.19 15.43 10.70
C GLY A 656 5.80 16.75 11.14
N VAL A 657 5.90 17.71 10.22
CA VAL A 657 6.44 19.02 10.57
C VAL A 657 5.54 19.72 11.58
N LYS A 658 4.23 19.65 11.38
CA LYS A 658 3.31 20.26 12.33
C LYS A 658 3.43 19.62 13.70
N THR A 659 3.51 18.29 13.74
CA THR A 659 3.67 17.60 15.03
C THR A 659 4.98 17.97 15.70
N LEU A 660 6.06 18.07 14.91
CA LEU A 660 7.36 18.44 15.48
C LEU A 660 7.33 19.85 16.03
N ALA A 661 6.72 20.79 15.31
CA ALA A 661 6.60 22.16 15.80
C ALA A 661 5.77 22.20 17.07
N GLY A 662 4.68 21.43 17.12
CA GLY A 662 3.88 21.37 18.34
C GLY A 662 4.68 20.80 19.50
N ILE A 663 5.47 19.77 19.25
CA ILE A 663 6.30 19.20 20.30
C ILE A 663 7.29 20.23 20.82
N VAL A 664 7.95 20.94 19.92
CA VAL A 664 8.96 21.93 20.32
C VAL A 664 8.31 23.02 21.15
N LYS A 665 7.18 23.56 20.67
CA LYS A 665 6.52 24.65 21.39
C LYS A 665 6.01 24.20 22.75
N GLU A 666 5.35 23.03 22.79
CA GLU A 666 4.79 22.56 24.06
C GLU A 666 5.88 22.26 25.07
N TYR A 667 6.98 21.63 24.63
CA TYR A 667 8.06 21.33 25.55
C TYR A 667 8.79 22.59 26.00
N GLY A 668 8.91 23.59 25.12
CA GLY A 668 9.48 24.86 25.53
C GLY A 668 8.58 25.65 26.45
N ASP A 669 7.28 25.36 26.45
CA ASP A 669 6.35 26.08 27.32
C ASP A 669 6.66 25.82 28.79
N VAL A 670 7.04 24.59 29.14
CA VAL A 670 7.29 24.22 30.52
C VAL A 670 8.77 24.39 30.84
N GLY A 671 9.48 25.13 29.99
CA GLY A 671 10.89 25.40 30.21
C GLY A 671 11.78 24.19 30.05
N ILE A 672 11.58 23.42 28.98
CA ILE A 672 12.38 22.25 28.68
C ILE A 672 12.89 22.41 27.26
N TYR A 673 14.19 22.63 27.11
CA TYR A 673 14.79 22.78 25.79
C TYR A 673 14.75 21.45 25.05
N VAL A 674 14.50 21.53 23.74
CA VAL A 674 14.48 20.36 22.87
C VAL A 674 15.43 20.60 21.70
N TYR A 675 16.35 19.67 21.49
CA TYR A 675 17.30 19.75 20.39
C TYR A 675 17.09 18.57 19.45
N LEU A 676 17.34 18.80 18.17
CA LEU A 676 17.29 17.75 17.16
C LEU A 676 18.70 17.37 16.77
N ALA A 677 19.01 16.09 16.83
CA ALA A 677 20.35 15.60 16.56
C ALA A 677 20.33 14.69 15.34
N GLY A 678 21.31 14.86 14.45
CA GLY A 678 21.40 14.02 13.28
C GLY A 678 20.43 14.34 12.18
N CYS A 679 19.97 15.58 12.08
CA CYS A 679 19.06 15.97 11.01
C CYS A 679 19.81 15.96 9.68
N SER A 680 19.47 15.01 8.82
CA SER A 680 20.11 14.92 7.52
C SER A 680 19.70 16.09 6.63
N ALA A 681 20.49 16.30 5.57
CA ALA A 681 20.19 17.41 4.67
C ALA A 681 18.82 17.28 4.04
N GLN A 682 18.38 16.05 3.77
CA GLN A 682 17.04 15.86 3.23
C GLN A 682 15.97 16.34 4.22
N VAL A 683 16.09 15.95 5.49
CA VAL A 683 15.10 16.35 6.48
C VAL A 683 15.15 17.85 6.71
N VAL A 684 16.34 18.45 6.67
CA VAL A 684 16.46 19.90 6.76
C VAL A 684 15.73 20.56 5.60
N ASN A 685 15.82 19.96 4.41
CA ASN A 685 15.09 20.51 3.27
C ASN A 685 13.58 20.42 3.47
N ASP A 686 13.09 19.30 4.03
CA ASP A 686 11.66 19.20 4.31
C ASP A 686 11.22 20.25 5.32
N LEU A 687 12.02 20.46 6.38
CA LEU A 687 11.67 21.46 7.37
C LEU A 687 11.66 22.87 6.78
N THR A 688 12.66 23.18 5.94
CA THR A 688 12.72 24.50 5.33
C THR A 688 11.57 24.73 4.37
N ARG A 689 11.21 23.72 3.58
CA ARG A 689 10.13 23.87 2.62
C ARG A 689 8.81 24.18 3.32
N ASN A 690 8.54 23.51 4.44
CA ASN A 690 7.37 23.82 5.24
C ASN A 690 7.63 25.08 6.06
N ARG A 691 6.73 25.39 6.99
CA ARG A 691 6.80 26.63 7.75
C ARG A 691 7.44 26.43 9.12
N PHE A 692 8.40 25.52 9.23
CA PHE A 692 9.06 25.27 10.50
C PHE A 692 10.08 26.33 10.86
N PHE A 693 10.72 26.94 9.86
CA PHE A 693 11.88 27.80 10.10
C PHE A 693 11.59 29.28 9.85
N GLU A 694 10.32 29.69 9.91
CA GLU A 694 10.01 31.11 9.82
C GLU A 694 10.52 31.89 11.02
N ASN A 695 10.78 31.23 12.13
CA ASN A 695 11.43 31.86 13.27
C ASN A 695 12.91 31.51 13.22
N PRO A 696 13.80 32.47 12.93
CA PRO A 696 15.22 32.13 12.78
C PRO A 696 15.87 31.60 14.03
N ALA A 697 15.29 31.86 15.21
CA ALA A 697 15.85 31.35 16.46
C ALA A 697 15.76 29.85 16.59
N LEU A 698 14.98 29.19 15.72
CA LEU A 698 14.90 27.73 15.73
C LEU A 698 16.05 27.08 14.97
N TRP A 699 16.92 27.86 14.33
CA TRP A 699 18.06 27.28 13.63
C TRP A 699 19.03 26.63 14.59
N GLU A 700 19.24 27.24 15.76
CA GLU A 700 20.24 26.75 16.70
C GLU A 700 19.82 25.46 17.38
N LEU A 701 18.55 25.06 17.30
CA LEU A 701 18.12 23.80 17.91
C LEU A 701 18.64 22.58 17.18
N LEU A 702 19.06 22.72 15.92
CA LEU A 702 19.61 21.59 15.19
C LEU A 702 21.04 21.31 15.64
N PHE A 703 21.51 20.11 15.32
CA PHE A 703 22.88 19.71 15.66
C PHE A 703 23.34 18.70 14.61
N HIS A 704 24.51 18.11 14.83
CA HIS A 704 25.06 17.14 13.92
C HIS A 704 25.14 15.73 14.49
N SER A 705 25.34 15.59 15.80
CA SER A 705 25.42 14.29 16.43
C SER A 705 24.90 14.39 17.84
N ILE A 706 24.60 13.22 18.43
CA ILE A 706 24.08 13.18 19.79
C ILE A 706 25.05 13.81 20.76
N HIS A 707 26.34 13.47 20.63
CA HIS A 707 27.33 14.04 21.55
C HIS A 707 27.47 15.54 21.34
N ASP A 708 27.32 16.02 20.11
CA ASP A 708 27.33 17.47 19.89
C ASP A 708 26.18 18.15 20.63
N ALA A 709 24.98 17.57 20.56
CA ALA A 709 23.83 18.13 21.27
C ALA A 709 24.04 18.08 22.77
N VAL A 710 24.59 16.97 23.27
CA VAL A 710 24.84 16.85 24.71
C VAL A 710 25.82 17.91 25.17
N LEU A 711 26.92 18.08 24.42
CA LEU A 711 27.90 19.10 24.78
C LEU A 711 27.30 20.49 24.73
N GLY A 712 26.49 20.77 23.70
CA GLY A 712 25.87 22.08 23.60
C GLY A 712 24.92 22.37 24.76
N SER A 713 24.09 21.39 25.12
CA SER A 713 23.16 21.59 26.23
C SER A 713 23.91 21.76 27.54
N GLN A 714 24.94 20.95 27.78
CA GLN A 714 25.71 21.07 29.01
C GLN A 714 26.41 22.42 29.09
N LEU A 715 26.97 22.89 27.97
CA LEU A 715 27.63 24.19 27.95
C LEU A 715 26.64 25.31 28.20
N ARG A 716 25.44 25.23 27.60
CA ARG A 716 24.43 26.25 27.84
C ARG A 716 24.01 26.27 29.31
N GLU A 717 23.85 25.08 29.91
CA GLU A 717 23.50 25.03 31.33
C GLU A 717 24.61 25.63 32.19
N ALA A 718 25.87 25.35 31.85
CA ALA A 718 26.98 25.91 32.62
C ALA A 718 27.01 27.44 32.49
N LEU A 719 26.78 27.94 31.28
CA LEU A 719 26.76 29.39 31.09
C LEU A 719 25.62 30.03 31.87
N ALA A 720 24.45 29.39 31.89
CA ALA A 720 23.36 29.88 32.72
C ALA A 720 23.71 29.81 34.20
N GLU A 721 24.52 28.81 34.58
CA GLU A 721 25.01 28.73 35.96
C GLU A 721 25.90 29.92 36.30
N GLN A 722 26.71 30.38 35.34
CA GLN A 722 27.69 31.42 35.64
C GLN A 722 27.02 32.73 36.04
N GLU A 723 26.04 33.18 35.26
CA GLU A 723 25.39 34.46 35.55
C GLU A 723 24.35 34.37 36.66
N ALA A 724 24.06 33.17 37.17
CA ALA A 724 23.14 33.05 38.28
C ALA A 724 23.69 33.74 39.53
N SER A 725 24.99 33.60 39.78
CA SER A 725 25.63 34.24 40.91
C SER A 725 27.05 34.69 40.56
N THR B 13 34.18 27.46 28.02
CA THR B 13 33.61 26.69 26.93
C THR B 13 34.24 25.32 26.84
N GLN B 14 33.63 24.43 26.05
CA GLN B 14 34.13 23.09 25.84
C GLN B 14 34.17 22.76 24.36
N ARG B 15 35.08 21.86 24.00
CA ARG B 15 35.26 21.44 22.62
C ARG B 15 34.99 19.96 22.49
N TYR B 16 34.46 19.55 21.34
CA TYR B 16 34.22 18.14 21.08
C TYR B 16 35.56 17.41 21.03
N TYR B 17 35.78 16.50 21.97
CA TYR B 17 37.05 15.80 22.06
C TYR B 17 36.79 14.40 22.62
N VAL B 18 37.11 13.38 21.84
CA VAL B 18 36.96 11.99 22.27
C VAL B 18 38.18 11.20 21.81
N GLU B 19 38.73 10.39 22.72
CA GLU B 19 39.82 9.48 22.41
C GLU B 19 39.41 8.08 22.84
N ARG B 20 39.46 7.13 21.93
CA ARG B 20 39.00 5.77 22.20
C ARG B 20 39.57 4.85 21.13
N PRO B 21 39.68 3.55 21.41
CA PRO B 21 40.09 2.61 20.36
C PRO B 21 39.04 2.48 19.28
N ILE B 22 39.47 1.99 18.13
CA ILE B 22 38.56 1.76 17.02
C ILE B 22 37.51 0.75 17.45
N PHE B 23 36.24 1.15 17.42
CA PHE B 23 35.13 0.28 17.78
C PHE B 23 34.58 -0.41 16.54
N SER B 24 35.12 -1.60 16.26
CA SER B 24 34.46 -2.54 15.39
C SER B 24 33.36 -3.23 16.20
N HIS B 25 32.74 -4.28 15.65
CA HIS B 25 31.69 -4.95 16.41
C HIS B 25 32.24 -5.83 17.52
N PRO B 26 33.17 -6.76 17.26
CA PRO B 26 33.67 -7.58 18.37
C PRO B 26 34.37 -6.78 19.46
N VAL B 27 35.06 -5.70 19.10
CA VAL B 27 35.73 -4.88 20.10
C VAL B 27 34.71 -4.19 21.01
N LEU B 28 33.59 -3.75 20.43
CA LEU B 28 32.56 -3.10 21.23
C LEU B 28 31.80 -4.11 22.07
N GLN B 29 31.54 -5.30 21.54
CA GLN B 29 30.73 -6.28 22.25
C GLN B 29 31.46 -6.85 23.45
N GLU B 30 32.78 -7.01 23.37
CA GLU B 30 33.52 -7.53 24.52
C GLU B 30 33.51 -6.56 25.69
N ARG B 31 33.17 -5.30 25.46
CA ARG B 31 33.07 -4.30 26.51
C ARG B 31 31.63 -4.16 27.02
N LEU B 32 30.68 -4.87 26.45
CA LEU B 32 29.28 -4.77 26.82
C LEU B 32 28.75 -6.13 27.24
N HIS B 33 28.02 -6.16 28.35
CA HIS B 33 27.41 -7.38 28.87
C HIS B 33 25.90 -7.20 28.90
N THR B 34 25.18 -8.09 28.25
CA THR B 34 23.73 -7.94 28.11
C THR B 34 23.04 -8.00 29.46
N LYS B 35 22.10 -7.09 29.67
CA LYS B 35 21.30 -7.05 30.88
C LYS B 35 20.26 -8.16 30.85
N ASP B 36 19.76 -8.51 32.03
CA ASP B 36 18.73 -9.54 32.18
C ASP B 36 17.38 -8.84 32.35
N LYS B 37 16.47 -9.09 31.42
CA LYS B 37 15.16 -8.46 31.45
C LYS B 37 14.25 -9.14 32.45
N VAL B 38 13.15 -8.48 32.79
CA VAL B 38 12.16 -9.04 33.69
C VAL B 38 10.96 -9.50 32.86
N PRO B 39 10.76 -10.82 32.70
CA PRO B 39 9.64 -11.30 31.90
C PRO B 39 8.32 -11.05 32.59
N ASP B 40 7.34 -10.61 31.81
CA ASP B 40 5.97 -10.41 32.28
C ASP B 40 5.09 -11.49 31.69
N SER B 41 4.58 -12.38 32.54
CA SER B 41 3.73 -13.46 32.08
C SER B 41 2.43 -12.91 31.51
N ILE B 42 1.94 -13.56 30.45
CA ILE B 42 0.70 -13.15 29.81
C ILE B 42 -0.47 -13.41 30.76
N ALA B 43 -0.25 -14.25 31.77
CA ALA B 43 -1.24 -14.50 32.80
C ALA B 43 -1.26 -13.42 33.87
N ASP B 44 -0.10 -12.95 34.32
CA ASP B 44 -0.05 -11.86 35.29
C ASP B 44 -0.26 -10.50 34.64
N LYS B 45 -0.14 -10.42 33.31
CA LYS B 45 -0.43 -9.18 32.59
C LYS B 45 -1.93 -8.95 32.41
N LEU B 46 -2.76 -9.91 32.80
CA LEU B 46 -4.21 -9.77 32.72
C LEU B 46 -4.87 -9.59 34.08
N LYS B 47 -4.22 -10.05 35.16
CA LYS B 47 -4.83 -9.98 36.48
C LYS B 47 -5.00 -8.54 36.95
N GLN B 48 -4.00 -7.69 36.70
CA GLN B 48 -4.05 -6.31 37.16
C GLN B 48 -5.13 -5.49 36.46
N ALA B 49 -5.70 -6.00 35.37
CA ALA B 49 -6.78 -5.28 34.69
C ALA B 49 -8.12 -5.42 35.41
N PHE B 50 -8.21 -6.31 36.40
CA PHE B 50 -9.46 -6.57 37.10
C PHE B 50 -9.39 -6.15 38.58
N THR B 51 -8.59 -5.13 38.88
CA THR B 51 -8.53 -4.63 40.25
C THR B 51 -9.86 -4.02 40.68
N CYS B 52 -10.54 -3.34 39.74
CA CYS B 52 -11.87 -2.77 39.98
C CYS B 52 -11.84 -1.76 41.13
N THR B 53 -10.79 -0.95 41.18
CA THR B 53 -10.75 0.15 42.13
C THR B 53 -11.77 1.22 41.70
N PRO B 54 -12.30 1.98 42.65
CA PRO B 54 -13.28 3.03 42.29
C PRO B 54 -12.74 4.02 41.27
N LYS B 55 -11.44 4.32 41.31
CA LYS B 55 -10.86 5.23 40.31
C LYS B 55 -10.97 4.63 38.91
N LYS B 56 -10.73 3.33 38.77
CA LYS B 56 -10.77 2.71 37.45
C LYS B 56 -12.18 2.72 36.87
N ILE B 57 -13.18 2.35 37.68
CA ILE B 57 -14.55 2.34 37.19
C ILE B 57 -15.02 3.77 36.90
N ARG B 58 -14.59 4.73 37.72
CA ARG B 58 -14.92 6.13 37.44
C ARG B 58 -14.30 6.58 36.12
N ASN B 59 -13.06 6.17 35.86
CA ASN B 59 -12.42 6.52 34.59
C ASN B 59 -13.15 5.87 33.42
N ILE B 60 -13.58 4.63 33.58
CA ILE B 60 -14.31 3.95 32.50
C ILE B 60 -15.62 4.67 32.22
N ILE B 61 -16.34 5.05 33.28
CA ILE B 61 -17.60 5.76 33.10
C ILE B 61 -17.35 7.11 32.43
N TYR B 62 -16.28 7.81 32.84
CA TYR B 62 -15.95 9.07 32.20
C TYR B 62 -15.65 8.88 30.72
N MET B 63 -14.93 7.81 30.38
CA MET B 63 -14.59 7.55 28.98
C MET B 63 -15.83 7.27 28.15
N PHE B 64 -16.70 6.38 28.63
CA PHE B 64 -17.89 6.02 27.87
C PHE B 64 -18.98 7.08 27.91
N LEU B 65 -19.03 7.89 28.97
CA LEU B 65 -20.04 8.93 29.15
C LEU B 65 -19.33 10.26 29.37
N PRO B 66 -18.89 10.91 28.29
CA PRO B 66 -18.20 12.21 28.46
C PRO B 66 -19.08 13.30 29.05
N ILE B 67 -20.41 13.15 29.00
CA ILE B 67 -21.30 14.15 29.59
C ILE B 67 -21.03 14.28 31.09
N THR B 68 -20.65 13.17 31.74
CA THR B 68 -20.34 13.22 33.16
C THR B 68 -19.06 13.99 33.45
N LYS B 69 -18.27 14.31 32.42
CA LYS B 69 -16.98 14.95 32.63
C LYS B 69 -17.06 16.47 32.52
N TRP B 70 -17.48 16.98 31.38
CA TRP B 70 -17.45 18.41 31.12
C TRP B 70 -18.67 19.17 31.64
N LEU B 71 -19.72 18.46 32.05
CA LEU B 71 -20.89 19.14 32.59
C LEU B 71 -20.68 19.60 34.03
N PRO B 72 -20.22 18.74 34.95
CA PRO B 72 -20.00 19.22 36.33
C PRO B 72 -18.98 20.34 36.43
N ALA B 73 -18.00 20.39 35.53
CA ALA B 73 -16.98 21.42 35.53
C ALA B 73 -17.31 22.56 34.57
N TYR B 74 -18.59 22.86 34.39
CA TYR B 74 -19.02 23.90 33.46
C TYR B 74 -18.73 25.27 34.08
N LYS B 75 -17.85 26.04 33.44
CA LYS B 75 -17.51 27.38 33.90
C LYS B 75 -18.54 28.35 33.32
N PHE B 76 -19.52 28.74 34.15
CA PHE B 76 -20.69 29.45 33.65
C PHE B 76 -20.32 30.81 33.06
N LYS B 77 -19.47 31.57 33.76
CA LYS B 77 -19.33 32.99 33.48
C LYS B 77 -18.82 33.26 32.06
N GLU B 78 -17.95 32.40 31.54
CA GLU B 78 -17.41 32.58 30.20
C GLU B 78 -17.94 31.57 29.19
N TYR B 79 -18.88 30.71 29.58
CA TYR B 79 -19.47 29.74 28.65
C TYR B 79 -20.92 30.02 28.32
N VAL B 80 -21.67 30.68 29.21
CA VAL B 80 -23.11 30.81 28.99
C VAL B 80 -23.41 31.62 27.74
N LEU B 81 -22.79 32.79 27.60
CA LEU B 81 -23.10 33.66 26.47
C LEU B 81 -22.63 33.04 25.16
N GLY B 82 -21.40 32.52 25.14
CA GLY B 82 -20.89 31.92 23.92
C GLY B 82 -21.69 30.71 23.48
N ASP B 83 -22.03 29.83 24.42
CA ASP B 83 -22.81 28.64 24.08
C ASP B 83 -24.18 29.03 23.55
N LEU B 84 -24.84 30.00 24.20
CA LEU B 84 -26.18 30.41 23.76
C LEU B 84 -26.14 31.01 22.37
N VAL B 85 -25.21 31.93 22.13
CA VAL B 85 -25.13 32.58 20.82
C VAL B 85 -24.79 31.56 19.74
N SER B 86 -23.84 30.67 20.02
CA SER B 86 -23.47 29.65 19.05
C SER B 86 -24.62 28.69 18.77
N GLY B 87 -25.36 28.30 19.82
CA GLY B 87 -26.48 27.40 19.61
C GLY B 87 -27.58 28.01 18.77
N ILE B 88 -27.91 29.28 19.02
CA ILE B 88 -28.91 29.95 18.21
C ILE B 88 -28.43 30.08 16.77
N SER B 89 -27.19 30.53 16.59
CA SER B 89 -26.66 30.75 15.25
C SER B 89 -26.46 29.47 14.46
N THR B 90 -26.34 28.33 15.15
CA THR B 90 -26.23 27.06 14.44
C THR B 90 -27.57 26.38 14.24
N GLY B 91 -28.56 26.62 15.11
CA GLY B 91 -29.89 26.09 14.87
C GLY B 91 -30.57 26.78 13.70
N VAL B 92 -30.45 28.10 13.61
CA VAL B 92 -31.07 28.83 12.51
C VAL B 92 -30.48 28.42 11.16
N LEU B 93 -29.29 27.84 11.17
CA LEU B 93 -28.69 27.31 9.95
C LEU B 93 -28.97 25.82 9.77
N GLN B 94 -29.11 25.09 10.87
CA GLN B 94 -29.41 23.66 10.80
C GLN B 94 -30.79 23.41 10.22
N LEU B 95 -31.74 24.32 10.46
CA LEU B 95 -33.10 24.11 9.94
C LEU B 95 -33.14 24.09 8.42
N PRO B 96 -32.72 25.14 7.70
CA PRO B 96 -32.78 25.06 6.22
C PRO B 96 -31.89 23.97 5.66
N GLN B 97 -30.73 23.73 6.28
CA GLN B 97 -29.87 22.65 5.82
C GLN B 97 -30.51 21.29 6.04
N GLY B 98 -31.19 21.11 7.18
CA GLY B 98 -31.88 19.86 7.42
C GLY B 98 -32.98 19.62 6.41
N LEU B 99 -33.79 20.65 6.12
CA LEU B 99 -34.83 20.51 5.12
C LEU B 99 -34.25 20.23 3.74
N ALA B 100 -33.17 20.92 3.38
CA ALA B 100 -32.55 20.72 2.08
C ALA B 100 -32.00 19.30 1.94
N PHE B 101 -31.35 18.79 2.98
CA PHE B 101 -30.80 17.45 2.91
C PHE B 101 -31.90 16.39 2.93
N ALA B 102 -33.04 16.70 3.54
CA ALA B 102 -34.16 15.77 3.50
C ALA B 102 -34.64 15.56 2.06
N MET B 103 -34.75 16.63 1.29
CA MET B 103 -35.21 16.51 -0.09
C MET B 103 -34.17 15.82 -0.96
N LEU B 104 -32.89 15.93 -0.62
CA LEU B 104 -31.85 15.24 -1.36
C LEU B 104 -31.87 13.74 -1.12
N ALA B 105 -32.48 13.29 -0.03
CA ALA B 105 -32.58 11.87 0.29
C ALA B 105 -33.84 11.23 -0.25
N ALA B 106 -34.62 11.95 -1.07
CA ALA B 106 -35.87 11.45 -1.64
C ALA B 106 -36.84 11.02 -0.54
N VAL B 107 -36.90 11.80 0.54
CA VAL B 107 -37.82 11.54 1.64
C VAL B 107 -38.58 12.82 1.93
N PRO B 108 -39.75 12.72 2.57
CA PRO B 108 -40.49 13.92 2.92
C PRO B 108 -39.68 14.83 3.81
N PRO B 109 -39.83 16.15 3.67
CA PRO B 109 -38.95 17.08 4.40
C PRO B 109 -39.03 16.96 5.91
N ILE B 110 -40.16 16.52 6.46
CA ILE B 110 -40.30 16.45 7.91
C ILE B 110 -39.29 15.50 8.52
N PHE B 111 -38.82 14.52 7.74
CA PHE B 111 -37.82 13.58 8.25
C PHE B 111 -36.45 14.24 8.39
N GLY B 112 -36.22 15.36 7.73
CA GLY B 112 -35.01 16.12 7.98
C GLY B 112 -34.98 16.70 9.38
N LEU B 113 -36.12 17.22 9.84
CA LEU B 113 -36.22 17.74 11.20
C LEU B 113 -36.24 16.61 12.23
N TYR B 114 -36.82 15.47 11.87
CA TYR B 114 -36.74 14.30 12.75
C TYR B 114 -35.29 13.88 12.96
N SER B 115 -34.50 13.92 11.89
CA SER B 115 -33.11 13.49 11.94
C SER B 115 -32.19 14.56 12.49
N SER B 116 -32.67 15.77 12.70
CA SER B 116 -31.87 16.86 13.24
C SER B 116 -32.07 17.08 14.73
N PHE B 117 -32.87 16.25 15.39
CA PHE B 117 -33.16 16.44 16.81
C PHE B 117 -32.70 15.29 17.68
N TYR B 118 -33.09 14.05 17.38
CA TYR B 118 -32.73 12.93 18.24
C TYR B 118 -31.24 12.69 18.33
N PRO B 119 -30.49 12.56 17.21
CA PRO B 119 -29.05 12.27 17.35
C PRO B 119 -28.26 13.41 17.93
N VAL B 120 -28.68 14.66 17.75
CA VAL B 120 -27.99 15.78 18.39
C VAL B 120 -28.13 15.67 19.91
N ILE B 121 -29.34 15.34 20.38
CA ILE B 121 -29.56 15.17 21.81
C ILE B 121 -28.70 14.02 22.34
N MET B 122 -28.64 12.92 21.60
CA MET B 122 -27.84 11.78 22.05
C MET B 122 -26.35 12.08 22.02
N TYR B 123 -25.87 12.80 21.00
CA TYR B 123 -24.46 13.16 20.95
C TYR B 123 -24.08 14.19 22.01
N CYS B 124 -25.05 14.96 22.50
CA CYS B 124 -24.78 15.82 23.64
C CYS B 124 -24.48 15.03 24.90
N PHE B 125 -24.78 13.73 24.91
CA PHE B 125 -24.54 12.87 26.07
C PHE B 125 -23.43 11.86 25.83
N LEU B 126 -23.23 11.43 24.59
CA LEU B 126 -22.31 10.34 24.28
C LEU B 126 -21.10 10.79 23.46
N GLY B 127 -21.00 12.08 23.14
CA GLY B 127 -19.95 12.58 22.28
C GLY B 127 -18.75 13.10 23.05
N THR B 128 -17.57 12.98 22.44
CA THR B 128 -16.34 13.44 23.05
C THR B 128 -15.98 14.85 22.62
N SER B 129 -15.92 15.08 21.30
CA SER B 129 -15.60 16.41 20.80
C SER B 129 -16.68 17.40 21.20
N ARG B 130 -16.25 18.63 21.53
CA ARG B 130 -17.14 19.64 22.08
C ARG B 130 -17.22 20.87 21.17
N HIS B 131 -17.00 20.69 19.87
CA HIS B 131 -17.09 21.81 18.95
C HIS B 131 -17.73 21.45 17.61
N ILE B 132 -18.23 20.24 17.43
CA ILE B 132 -18.85 19.83 16.18
C ILE B 132 -20.35 19.81 16.33
N SER B 133 -21.05 20.14 15.25
CA SER B 133 -22.52 20.16 15.21
C SER B 133 -22.98 18.94 14.42
N ILE B 134 -23.28 17.86 15.15
CA ILE B 134 -23.79 16.66 14.52
C ILE B 134 -25.17 16.94 13.94
N GLY B 135 -25.47 16.34 12.79
CA GLY B 135 -26.72 16.57 12.13
C GLY B 135 -26.74 16.03 10.71
N PRO B 136 -27.77 16.37 9.94
CA PRO B 136 -27.83 15.89 8.56
C PRO B 136 -26.63 16.35 7.75
N PHE B 137 -26.13 15.45 6.90
CA PHE B 137 -24.98 15.72 6.06
C PHE B 137 -25.36 15.51 4.60
N ALA B 138 -24.84 16.38 3.74
CA ALA B 138 -25.24 16.35 2.34
C ALA B 138 -24.83 15.05 1.65
N VAL B 139 -23.60 14.59 1.91
CA VAL B 139 -23.12 13.37 1.25
C VAL B 139 -23.94 12.16 1.69
N ILE B 140 -24.20 12.03 2.99
CA ILE B 140 -24.97 10.90 3.49
C ILE B 140 -26.39 10.97 2.96
N SER B 141 -26.96 12.17 2.89
CA SER B 141 -28.30 12.33 2.32
C SER B 141 -28.33 11.91 0.86
N LEU B 142 -27.31 12.28 0.09
CA LEU B 142 -27.25 11.88 -1.31
C LEU B 142 -27.16 10.37 -1.45
N MET B 143 -26.33 9.72 -0.64
CA MET B 143 -26.19 8.27 -0.75
C MET B 143 -27.46 7.56 -0.31
N ILE B 144 -28.11 8.05 0.74
CA ILE B 144 -29.38 7.47 1.18
C ILE B 144 -30.44 7.63 0.10
N GLY B 145 -30.51 8.81 -0.52
CA GLY B 145 -31.45 9.00 -1.62
C GLY B 145 -31.15 8.09 -2.79
N GLY B 146 -29.87 7.88 -3.08
CA GLY B 146 -29.52 6.98 -4.17
C GLY B 146 -29.98 5.56 -3.92
N VAL B 147 -29.75 5.05 -2.71
CA VAL B 147 -30.20 3.69 -2.42
C VAL B 147 -31.72 3.61 -2.37
N ALA B 148 -32.39 4.66 -1.88
CA ALA B 148 -33.85 4.66 -1.84
C ALA B 148 -34.45 4.62 -3.24
N VAL B 149 -33.89 5.40 -4.16
CA VAL B 149 -34.38 5.37 -5.54
C VAL B 149 -34.03 4.04 -6.19
N ARG B 150 -32.86 3.48 -5.88
CA ARG B 150 -32.46 2.21 -6.47
C ARG B 150 -33.42 1.09 -6.07
N LEU B 151 -33.77 1.01 -4.79
CA LEU B 151 -34.71 -0.01 -4.36
C LEU B 151 -36.13 0.30 -4.77
N VAL B 152 -36.56 1.55 -4.64
CA VAL B 152 -37.95 1.93 -4.92
C VAL B 152 -37.99 2.92 -6.07
N PRO B 153 -38.20 2.47 -7.31
CA PRO B 153 -38.35 3.41 -8.42
C PRO B 153 -39.72 4.06 -8.45
N ASP B 154 -40.00 4.84 -9.49
CA ASP B 154 -41.27 5.54 -9.61
C ASP B 154 -42.35 4.72 -10.31
N ASP B 155 -42.23 3.39 -10.30
CA ASP B 155 -43.14 2.50 -11.01
C ASP B 155 -43.61 1.37 -10.11
N ILE B 156 -44.04 1.71 -8.90
CA ILE B 156 -44.53 0.73 -7.94
C ILE B 156 -46.00 1.03 -7.68
N VAL B 157 -46.84 -0.01 -7.80
CA VAL B 157 -48.28 0.12 -7.62
C VAL B 157 -48.70 -0.74 -6.45
N ILE B 158 -49.45 -0.15 -5.52
CA ILE B 158 -49.93 -0.84 -4.32
C ILE B 158 -51.44 -0.73 -4.26
N PRO B 159 -52.18 -1.83 -4.34
CA PRO B 159 -53.66 -1.78 -4.23
C PRO B 159 -54.13 -1.84 -2.78
N GLY B 160 -53.74 -0.83 -1.99
CA GLY B 160 -54.09 -0.78 -0.59
C GLY B 160 -55.27 0.13 -0.31
N GLY B 161 -56.29 0.08 -1.17
CA GLY B 161 -57.46 0.91 -1.03
C GLY B 161 -57.32 2.31 -1.60
N VAL B 162 -56.19 2.64 -2.22
CA VAL B 162 -55.97 3.95 -2.81
C VAL B 162 -56.57 3.96 -4.20
N ASN B 163 -57.23 5.07 -4.55
CA ASN B 163 -57.88 5.20 -5.83
C ASN B 163 -56.85 5.55 -6.90
N ALA B 164 -57.32 5.88 -8.11
CA ALA B 164 -56.42 6.23 -9.21
C ALA B 164 -55.69 7.54 -8.97
N THR B 165 -56.21 8.40 -8.08
CA THR B 165 -55.55 9.67 -7.76
C THR B 165 -54.42 9.41 -6.76
N ASN B 166 -53.39 8.74 -7.26
CA ASN B 166 -52.25 8.36 -6.44
C ASN B 166 -51.32 9.56 -6.27
N GLY B 167 -51.07 9.93 -5.02
CA GLY B 167 -50.15 11.00 -4.68
C GLY B 167 -48.74 10.56 -4.44
N THR B 168 -48.39 9.31 -4.80
CA THR B 168 -47.07 8.72 -4.58
C THR B 168 -46.71 8.66 -3.11
N GLU B 169 -47.70 8.71 -2.22
CA GLU B 169 -47.44 8.60 -0.80
C GLU B 169 -46.91 7.21 -0.44
N ALA B 170 -47.42 6.17 -1.10
CA ALA B 170 -46.91 4.83 -0.86
C ALA B 170 -45.44 4.72 -1.27
N ARG B 171 -45.07 5.31 -2.40
CA ARG B 171 -43.68 5.29 -2.82
C ARG B 171 -42.79 5.99 -1.80
N ASP B 172 -43.25 7.14 -1.29
CA ASP B 172 -42.48 7.86 -0.29
C ASP B 172 -42.36 7.04 0.99
N ALA B 173 -43.42 6.34 1.38
CA ALA B 173 -43.36 5.50 2.58
C ALA B 173 -42.35 4.37 2.43
N LEU B 174 -42.35 3.71 1.26
CA LEU B 174 -41.36 2.66 1.02
C LEU B 174 -39.94 3.23 1.02
N ARG B 175 -39.74 4.40 0.42
CA ARG B 175 -38.42 5.01 0.45
C ARG B 175 -37.98 5.33 1.87
N VAL B 176 -38.92 5.83 2.69
CA VAL B 176 -38.61 6.12 4.09
C VAL B 176 -38.21 4.85 4.82
N LYS B 177 -38.95 3.76 4.60
CA LYS B 177 -38.62 2.50 5.26
C LYS B 177 -37.26 1.97 4.83
N VAL B 178 -36.93 2.12 3.55
CA VAL B 178 -35.61 1.70 3.07
C VAL B 178 -34.52 2.50 3.75
N ALA B 179 -34.71 3.82 3.85
CA ALA B 179 -33.73 4.68 4.52
C ALA B 179 -33.58 4.30 5.99
N MET B 180 -34.70 4.00 6.66
CA MET B 180 -34.62 3.60 8.06
C MET B 180 -33.84 2.30 8.22
N SER B 181 -34.09 1.31 7.35
CA SER B 181 -33.39 0.04 7.47
C SER B 181 -31.89 0.20 7.24
N VAL B 182 -31.51 0.95 6.21
CA VAL B 182 -30.09 1.11 5.93
C VAL B 182 -29.42 1.92 7.02
N THR B 183 -30.13 2.91 7.59
CA THR B 183 -29.57 3.68 8.70
C THR B 183 -29.35 2.80 9.91
N LEU B 184 -30.31 1.93 10.24
CA LEU B 184 -30.13 1.04 11.38
C LEU B 184 -28.95 0.09 11.15
N LEU B 185 -28.82 -0.45 9.94
CA LEU B 185 -27.70 -1.34 9.66
C LEU B 185 -26.36 -0.60 9.78
N SER B 186 -26.29 0.63 9.26
CA SER B 186 -25.06 1.41 9.37
C SER B 186 -24.74 1.70 10.83
N GLY B 187 -25.77 2.01 11.64
CA GLY B 187 -25.53 2.24 13.05
C GLY B 187 -25.00 1.02 13.77
N ILE B 188 -25.55 -0.16 13.47
CA ILE B 188 -25.06 -1.38 14.08
C ILE B 188 -23.61 -1.64 13.66
N ILE B 189 -23.30 -1.41 12.39
CA ILE B 189 -21.92 -1.60 11.92
C ILE B 189 -20.97 -0.65 12.65
N GLN B 190 -21.37 0.62 12.81
CA GLN B 190 -20.53 1.58 13.50
C GLN B 190 -20.32 1.19 14.97
N PHE B 191 -21.38 0.74 15.63
CA PHE B 191 -21.25 0.33 17.03
C PHE B 191 -20.33 -0.88 17.17
N CYS B 192 -20.50 -1.87 16.28
CA CYS B 192 -19.64 -3.05 16.33
C CYS B 192 -18.19 -2.69 16.04
N LEU B 193 -17.96 -1.73 15.14
CA LEU B 193 -16.59 -1.31 14.89
C LEU B 193 -16.01 -0.57 16.09
N GLY B 194 -16.84 0.23 16.77
CA GLY B 194 -16.35 0.97 17.92
C GLY B 194 -15.98 0.08 19.09
N VAL B 195 -16.82 -0.94 19.37
CA VAL B 195 -16.51 -1.82 20.49
C VAL B 195 -15.30 -2.71 20.16
N CYS B 196 -14.99 -2.86 18.88
CA CYS B 196 -13.84 -3.65 18.44
C CYS B 196 -12.55 -2.86 18.43
N ARG B 197 -12.58 -1.59 18.87
CA ARG B 197 -11.40 -0.73 18.94
C ARG B 197 -10.80 -0.51 17.55
N PHE B 198 -11.68 -0.45 16.55
CA PHE B 198 -11.25 -0.29 15.15
C PHE B 198 -10.99 1.18 14.85
N GLY B 199 -11.56 2.08 15.65
CA GLY B 199 -11.43 3.51 15.42
C GLY B 199 -10.01 4.02 15.39
N PHE B 200 -9.05 3.11 15.57
CA PHE B 200 -7.63 3.41 15.41
C PHE B 200 -7.24 3.64 13.96
N VAL B 201 -8.13 3.35 13.00
CA VAL B 201 -7.81 3.51 11.58
C VAL B 201 -7.87 4.95 11.14
N ALA B 202 -8.43 5.84 11.97
CA ALA B 202 -8.62 7.23 11.60
C ALA B 202 -7.31 7.97 11.35
N ILE B 203 -6.18 7.39 11.79
CA ILE B 203 -4.89 8.04 11.60
C ILE B 203 -4.44 8.01 10.14
N TYR B 204 -5.00 7.13 9.31
CA TYR B 204 -4.64 7.07 7.90
C TYR B 204 -5.26 8.20 7.07
N LEU B 205 -6.10 9.04 7.66
CA LEU B 205 -6.73 10.14 6.93
C LEU B 205 -5.81 11.36 7.04
N THR B 206 -4.87 11.46 6.10
CA THR B 206 -3.98 12.60 6.08
C THR B 206 -4.72 13.85 5.65
N GLU B 207 -4.17 15.00 6.02
CA GLU B 207 -4.84 16.28 5.79
C GLU B 207 -5.11 16.56 4.32
N PRO B 208 -4.15 16.43 3.39
CA PRO B 208 -4.48 16.67 1.98
C PRO B 208 -5.58 15.76 1.45
N LEU B 209 -5.60 14.49 1.87
CA LEU B 209 -6.65 13.59 1.43
C LEU B 209 -8.02 14.05 1.91
N VAL B 210 -8.11 14.48 3.17
CA VAL B 210 -9.39 14.95 3.70
C VAL B 210 -9.85 16.20 2.97
N ARG B 211 -8.92 17.13 2.72
CA ARG B 211 -9.28 18.36 2.02
C ARG B 211 -9.75 18.06 0.61
N GLY B 212 -9.06 17.16 -0.10
CA GLY B 212 -9.47 16.81 -1.45
C GLY B 212 -10.82 16.12 -1.47
N PHE B 213 -11.04 15.19 -0.54
CA PHE B 213 -12.32 14.50 -0.47
C PHE B 213 -13.46 15.47 -0.18
N THR B 214 -13.25 16.40 0.75
CA THR B 214 -14.28 17.37 1.07
C THR B 214 -14.59 18.28 -0.12
N THR B 215 -13.55 18.70 -0.86
CA THR B 215 -13.80 19.53 -2.03
C THR B 215 -14.56 18.76 -3.10
N ALA B 216 -14.21 17.49 -3.32
CA ALA B 216 -14.93 16.69 -4.30
C ALA B 216 -16.39 16.51 -3.89
N ALA B 217 -16.64 16.25 -2.60
CA ALA B 217 -18.00 16.15 -2.12
C ALA B 217 -18.75 17.47 -2.29
N ALA B 218 -18.05 18.58 -2.09
CA ALA B 218 -18.67 19.88 -2.28
C ALA B 218 -19.09 20.08 -3.74
N VAL B 219 -18.25 19.65 -4.68
CA VAL B 219 -18.61 19.76 -6.09
C VAL B 219 -19.82 18.87 -6.40
N HIS B 220 -19.84 17.66 -5.84
CA HIS B 220 -20.97 16.76 -6.05
C HIS B 220 -22.26 17.39 -5.54
N VAL B 221 -22.22 17.99 -4.35
CA VAL B 221 -23.42 18.60 -3.77
C VAL B 221 -23.85 19.81 -4.59
N PHE B 222 -22.88 20.62 -5.04
CA PHE B 222 -23.22 21.80 -5.83
C PHE B 222 -23.89 21.41 -7.14
N THR B 223 -23.35 20.40 -7.83
CA THR B 223 -23.96 19.99 -9.09
C THR B 223 -25.27 19.26 -8.87
N SER B 224 -25.47 18.65 -7.70
CA SER B 224 -26.74 18.00 -7.41
C SER B 224 -27.81 19.02 -7.02
N MET B 225 -27.39 20.25 -6.69
CA MET B 225 -28.34 21.29 -6.31
C MET B 225 -28.84 22.11 -7.48
N LEU B 226 -28.28 21.90 -8.68
CA LEU B 226 -28.65 22.73 -9.82
C LEU B 226 -30.10 22.50 -10.25
N LYS B 227 -30.53 21.24 -10.29
CA LYS B 227 -31.90 20.94 -10.70
C LYS B 227 -32.92 21.49 -9.72
N TYR B 228 -32.57 21.58 -8.44
CA TYR B 228 -33.48 22.19 -7.47
C TYR B 228 -33.57 23.69 -7.67
N LEU B 229 -32.45 24.33 -8.03
CA LEU B 229 -32.45 25.78 -8.23
C LEU B 229 -33.20 26.16 -9.51
N PHE B 230 -32.93 25.45 -10.61
CA PHE B 230 -33.56 25.80 -11.88
C PHE B 230 -35.03 25.40 -11.93
N GLY B 231 -35.44 24.41 -11.14
CA GLY B 231 -36.81 23.95 -11.13
C GLY B 231 -37.13 22.88 -12.15
N VAL B 232 -36.18 22.51 -13.01
CA VAL B 232 -36.42 21.48 -14.01
C VAL B 232 -36.31 20.11 -13.36
N LYS B 233 -37.11 19.17 -13.86
CA LYS B 233 -37.07 17.79 -13.38
C LYS B 233 -35.95 17.03 -14.07
N THR B 234 -35.28 16.16 -13.31
CA THR B 234 -34.20 15.35 -13.85
C THR B 234 -34.07 14.09 -13.01
N LYS B 235 -34.10 12.94 -13.68
CA LYS B 235 -33.96 11.66 -12.97
C LYS B 235 -32.59 11.57 -12.31
N ARG B 236 -32.54 10.98 -11.12
CA ARG B 236 -31.34 10.99 -10.31
C ARG B 236 -30.38 9.88 -10.74
N TYR B 237 -29.10 10.23 -10.81
CA TYR B 237 -28.02 9.31 -11.21
C TYR B 237 -27.15 9.00 -10.00
N SER B 238 -26.99 7.73 -9.70
CA SER B 238 -26.13 7.26 -8.62
C SER B 238 -25.17 6.21 -9.16
N GLY B 239 -23.91 6.29 -8.74
CA GLY B 239 -22.89 5.35 -9.15
C GLY B 239 -21.71 6.05 -9.79
N ILE B 240 -21.04 5.33 -10.69
CA ILE B 240 -19.84 5.86 -11.34
C ILE B 240 -20.25 6.91 -12.36
N PHE B 241 -19.43 7.95 -12.51
CA PHE B 241 -19.66 9.04 -13.45
C PHE B 241 -21.02 9.70 -13.21
N SER B 242 -21.39 9.83 -11.93
CA SER B 242 -22.68 10.42 -11.60
C SER B 242 -22.68 11.94 -11.83
N VAL B 243 -21.57 12.60 -11.53
CA VAL B 243 -21.52 14.06 -11.62
C VAL B 243 -21.65 14.51 -13.07
N VAL B 244 -20.90 13.87 -13.97
CA VAL B 244 -20.92 14.31 -15.37
C VAL B 244 -22.28 14.01 -16.00
N TYR B 245 -22.84 12.84 -15.71
CA TYR B 245 -24.15 12.50 -16.25
C TYR B 245 -25.22 13.45 -15.72
N SER B 246 -25.16 13.79 -14.43
CA SER B 246 -26.15 14.70 -13.86
C SER B 246 -26.03 16.09 -14.45
N THR B 247 -24.81 16.58 -14.65
CA THR B 247 -24.66 17.94 -15.17
C THR B 247 -25.05 18.01 -16.64
N VAL B 248 -24.76 16.97 -17.42
CA VAL B 248 -25.21 17.00 -18.81
C VAL B 248 -26.73 16.85 -18.88
N ALA B 249 -27.31 16.12 -17.94
CA ALA B 249 -28.77 15.99 -17.90
C ALA B 249 -29.42 17.34 -17.60
N VAL B 250 -28.88 18.07 -16.62
CA VAL B 250 -29.47 19.37 -16.27
C VAL B 250 -29.20 20.39 -17.36
N LEU B 251 -28.09 20.24 -18.10
CA LEU B 251 -27.83 21.14 -19.21
C LEU B 251 -28.74 20.86 -20.40
N GLN B 252 -29.05 19.59 -20.66
CA GLN B 252 -29.94 19.26 -21.77
C GLN B 252 -31.36 19.76 -21.51
N ASN B 253 -31.81 19.68 -20.26
CA ASN B 253 -33.17 20.04 -19.89
C ASN B 253 -33.31 21.50 -19.47
N VAL B 254 -32.25 22.30 -19.58
CA VAL B 254 -32.30 23.68 -19.12
C VAL B 254 -33.29 24.52 -19.92
N LYS B 255 -33.65 24.07 -21.13
CA LYS B 255 -34.57 24.83 -21.96
C LYS B 255 -35.97 24.92 -21.36
N ASN B 256 -36.29 24.03 -20.42
CA ASN B 256 -37.61 23.99 -19.80
C ASN B 256 -37.56 24.48 -18.35
N LEU B 257 -36.73 25.48 -18.07
CA LEU B 257 -36.56 25.96 -16.72
C LEU B 257 -37.77 26.81 -16.29
N ASN B 258 -37.80 27.14 -15.01
CA ASN B 258 -38.81 28.02 -14.43
C ASN B 258 -38.15 29.36 -14.12
N VAL B 259 -38.68 30.43 -14.71
CA VAL B 259 -38.02 31.73 -14.61
C VAL B 259 -38.16 32.29 -13.19
N CYS B 260 -39.34 32.18 -12.60
CA CYS B 260 -39.57 32.78 -11.29
C CYS B 260 -38.70 32.11 -10.21
N SER B 261 -38.60 30.78 -10.25
CA SER B 261 -37.78 30.08 -9.28
C SER B 261 -36.31 30.48 -9.40
N LEU B 262 -35.80 30.56 -10.63
CA LEU B 262 -34.42 31.00 -10.83
C LEU B 262 -34.23 32.44 -10.35
N GLY B 263 -35.22 33.30 -10.60
CA GLY B 263 -35.09 34.69 -10.18
C GLY B 263 -35.02 34.83 -8.68
N VAL B 264 -35.91 34.15 -7.96
CA VAL B 264 -35.90 34.26 -6.50
C VAL B 264 -34.66 33.60 -5.92
N GLY B 265 -34.21 32.49 -6.53
CA GLY B 265 -32.98 31.87 -6.08
C GLY B 265 -31.77 32.76 -6.26
N LEU B 266 -31.65 33.41 -7.42
CA LEU B 266 -30.52 34.31 -7.65
C LEU B 266 -30.60 35.52 -6.74
N MET B 267 -31.80 36.04 -6.48
CA MET B 267 -31.92 37.20 -5.59
C MET B 267 -31.48 36.85 -4.17
N VAL B 268 -31.95 35.71 -3.65
CA VAL B 268 -31.53 35.33 -2.31
C VAL B 268 -30.05 34.96 -2.29
N PHE B 269 -29.54 34.42 -3.39
CA PHE B 269 -28.10 34.13 -3.50
C PHE B 269 -27.28 35.42 -3.39
N GLY B 270 -27.67 36.44 -4.16
CA GLY B 270 -26.96 37.71 -4.09
C GLY B 270 -27.07 38.36 -2.73
N LEU B 271 -28.26 38.29 -2.12
CA LEU B 271 -28.43 38.84 -0.78
C LEU B 271 -27.54 38.13 0.22
N LEU B 272 -27.42 36.81 0.10
CA LEU B 272 -26.57 36.05 1.02
C LEU B 272 -25.10 36.41 0.84
N LEU B 273 -24.64 36.55 -0.40
CA LEU B 273 -23.27 37.01 -0.60
C LEU B 273 -23.07 38.41 -0.02
N GLY B 274 -24.01 39.31 -0.25
CA GLY B 274 -23.87 40.66 0.29
C GLY B 274 -23.81 40.68 1.80
N GLY B 275 -24.71 39.94 2.46
CA GLY B 275 -24.71 39.90 3.91
C GLY B 275 -23.49 39.23 4.49
N LYS B 276 -23.04 38.13 3.87
CA LYS B 276 -21.85 37.44 4.35
C LYS B 276 -20.61 38.32 4.23
N GLU B 277 -20.47 39.02 3.08
CA GLU B 277 -19.35 39.93 2.93
C GLU B 277 -19.46 41.11 3.89
N PHE B 278 -20.68 41.58 4.17
CA PHE B 278 -20.87 42.64 5.14
C PHE B 278 -20.42 42.22 6.53
N ASN B 279 -20.79 41.00 6.94
CA ASN B 279 -20.35 40.49 8.24
C ASN B 279 -18.84 40.31 8.27
N GLU B 280 -18.24 39.86 7.16
CA GLU B 280 -16.79 39.69 7.11
C GLU B 280 -16.08 41.04 7.25
N ARG B 281 -16.55 42.05 6.53
CA ARG B 281 -15.90 43.36 6.57
C ARG B 281 -16.33 44.21 7.76
N PHE B 282 -17.40 43.82 8.47
CA PHE B 282 -17.82 44.48 9.69
C PHE B 282 -17.76 43.52 10.87
N LYS B 283 -16.71 42.70 10.93
CA LYS B 283 -16.56 41.72 12.00
C LYS B 283 -16.44 42.40 13.35
N GLU B 284 -15.66 43.49 13.42
CA GLU B 284 -15.46 44.21 14.66
C GLU B 284 -16.69 44.99 15.10
N LYS B 285 -17.59 45.32 14.17
CA LYS B 285 -18.76 46.13 14.47
C LYS B 285 -19.86 45.35 15.18
N LEU B 286 -19.84 44.02 15.13
CA LEU B 286 -20.92 43.22 15.66
C LEU B 286 -20.53 42.57 16.98
N PRO B 287 -21.46 42.49 17.94
CA PRO B 287 -21.20 41.72 19.16
C PRO B 287 -21.41 40.23 18.91
N ALA B 288 -22.35 39.91 18.03
CA ALA B 288 -22.64 38.55 17.61
C ALA B 288 -23.12 38.63 16.17
N PRO B 289 -22.63 37.76 15.28
CA PRO B 289 -23.01 37.86 13.88
C PRO B 289 -24.52 37.63 13.70
N ILE B 290 -25.09 38.40 12.78
CA ILE B 290 -26.54 38.28 12.52
C ILE B 290 -26.80 36.99 11.77
N PRO B 291 -27.85 36.23 12.11
CA PRO B 291 -28.16 35.02 11.34
C PRO B 291 -28.73 35.35 9.98
N LEU B 292 -27.93 35.16 8.93
CA LEU B 292 -28.36 35.52 7.60
C LEU B 292 -29.33 34.50 7.01
N GLU B 293 -29.14 33.22 7.34
CA GLU B 293 -30.02 32.18 6.78
C GLU B 293 -31.45 32.34 7.26
N PHE B 294 -31.64 32.73 8.53
CA PHE B 294 -32.99 32.94 9.04
C PHE B 294 -33.68 34.07 8.29
N PHE B 295 -32.96 35.16 8.05
CA PHE B 295 -33.54 36.26 7.27
C PHE B 295 -33.85 35.81 5.85
N ALA B 296 -32.97 34.99 5.26
CA ALA B 296 -33.20 34.52 3.91
C ALA B 296 -34.48 33.68 3.82
N VAL B 297 -34.64 32.72 4.74
CA VAL B 297 -35.83 31.87 4.68
C VAL B 297 -37.08 32.67 5.01
N VAL B 298 -36.99 33.63 5.93
CA VAL B 298 -38.14 34.46 6.27
C VAL B 298 -38.58 35.26 5.04
N MET B 299 -37.62 35.87 4.35
CA MET B 299 -37.96 36.63 3.14
C MET B 299 -38.56 35.72 2.07
N GLY B 300 -37.97 34.54 1.88
CA GLY B 300 -38.49 33.65 0.85
C GLY B 300 -39.90 33.19 1.13
N THR B 301 -40.17 32.76 2.37
CA THR B 301 -41.51 32.31 2.70
C THR B 301 -42.52 33.45 2.68
N GLY B 302 -42.09 34.65 3.08
CA GLY B 302 -43.00 35.80 3.03
C GLY B 302 -43.41 36.13 1.61
N ILE B 303 -42.44 36.18 0.70
CA ILE B 303 -42.76 36.48 -0.70
C ILE B 303 -43.62 35.37 -1.30
N SER B 304 -43.26 34.12 -1.04
CA SER B 304 -44.00 32.99 -1.62
C SER B 304 -45.44 32.98 -1.14
N ALA B 305 -45.66 33.21 0.15
CA ALA B 305 -47.02 33.31 0.66
C ALA B 305 -47.73 34.56 0.15
N GLY B 306 -46.99 35.64 -0.11
CA GLY B 306 -47.62 36.86 -0.60
C GLY B 306 -48.20 36.70 -1.99
N PHE B 307 -47.46 36.06 -2.89
CA PHE B 307 -47.89 35.94 -4.28
C PHE B 307 -48.33 34.53 -4.68
N ASN B 308 -48.32 33.56 -3.76
CA ASN B 308 -48.78 32.21 -4.02
C ASN B 308 -48.07 31.61 -5.25
N LEU B 309 -46.74 31.54 -5.14
CA LEU B 309 -45.93 31.06 -6.26
C LEU B 309 -46.05 29.56 -6.49
N LYS B 310 -46.71 28.83 -5.59
CA LYS B 310 -46.83 27.38 -5.77
C LYS B 310 -47.63 27.04 -7.02
N GLU B 311 -48.61 27.88 -7.37
CA GLU B 311 -49.45 27.64 -8.54
C GLU B 311 -49.44 28.78 -9.55
N SER B 312 -49.18 30.01 -9.11
CA SER B 312 -49.21 31.14 -10.03
C SER B 312 -48.15 31.04 -11.11
N TYR B 313 -46.92 30.63 -10.74
CA TYR B 313 -45.86 30.42 -11.71
C TYR B 313 -45.28 29.01 -11.64
N ASN B 314 -46.00 28.07 -11.04
CA ASN B 314 -45.57 26.68 -10.93
C ASN B 314 -44.19 26.57 -10.27
N VAL B 315 -43.98 27.34 -9.23
CA VAL B 315 -42.75 27.29 -8.44
C VAL B 315 -42.98 26.34 -7.28
N ASP B 316 -42.35 25.17 -7.34
CA ASP B 316 -42.55 24.15 -6.33
C ASP B 316 -42.00 24.61 -4.98
N VAL B 317 -42.71 24.25 -3.91
CA VAL B 317 -42.31 24.61 -2.56
C VAL B 317 -41.94 23.34 -1.80
N VAL B 318 -41.51 23.49 -0.54
CA VAL B 318 -41.09 22.33 0.25
C VAL B 318 -42.27 21.40 0.52
N GLY B 319 -43.48 21.93 0.53
CA GLY B 319 -44.67 21.12 0.79
C GLY B 319 -45.13 21.23 2.22
N THR B 320 -46.15 20.43 2.54
CA THR B 320 -46.74 20.45 3.87
C THR B 320 -45.79 19.80 4.88
N LEU B 321 -45.95 20.20 6.14
CA LEU B 321 -45.12 19.71 7.23
C LEU B 321 -46.02 19.28 8.39
N PRO B 322 -46.22 17.97 8.58
CA PRO B 322 -47.01 17.51 9.71
C PRO B 322 -46.32 17.82 11.04
N LEU B 323 -47.14 18.05 12.06
CA LEU B 323 -46.62 18.38 13.39
C LEU B 323 -46.61 17.14 14.27
N GLY B 324 -46.16 17.31 15.51
CA GLY B 324 -46.17 16.23 16.48
C GLY B 324 -45.05 15.23 16.30
N LEU B 325 -44.53 14.72 17.41
CA LEU B 325 -43.50 13.69 17.36
C LEU B 325 -44.12 12.32 17.15
N LEU B 326 -43.29 11.36 16.75
CA LEU B 326 -43.82 10.05 16.46
C LEU B 326 -43.34 9.03 17.49
N PRO B 327 -44.18 8.06 17.87
CA PRO B 327 -43.74 7.00 18.76
C PRO B 327 -42.71 6.12 18.08
N PRO B 328 -41.87 5.42 18.84
CA PRO B 328 -40.85 4.57 18.22
C PRO B 328 -41.48 3.52 17.32
N ALA B 329 -40.84 3.27 16.19
CA ALA B 329 -41.30 2.29 15.20
C ALA B 329 -40.22 1.22 15.08
N ASN B 330 -40.56 0.00 15.48
CA ASN B 330 -39.61 -1.10 15.39
C ASN B 330 -39.40 -1.47 13.93
N PRO B 331 -38.17 -1.36 13.42
CA PRO B 331 -37.94 -1.58 11.98
C PRO B 331 -37.98 -3.05 11.60
N ASP B 332 -37.69 -3.33 10.33
CA ASP B 332 -37.66 -4.69 9.81
C ASP B 332 -36.27 -5.01 9.30
N THR B 333 -35.89 -6.28 9.39
CA THR B 333 -34.59 -6.77 8.96
C THR B 333 -34.67 -7.48 7.62
N SER B 334 -35.71 -7.17 6.83
CA SER B 334 -35.93 -7.82 5.54
C SER B 334 -35.18 -7.14 4.40
N LEU B 335 -34.52 -6.02 4.67
CA LEU B 335 -33.80 -5.28 3.62
C LEU B 335 -32.30 -5.28 3.83
N PHE B 336 -31.79 -6.02 4.81
CA PHE B 336 -30.36 -6.03 5.07
C PHE B 336 -29.58 -6.63 3.90
N HIS B 337 -30.09 -7.72 3.33
CA HIS B 337 -29.39 -8.39 2.23
C HIS B 337 -29.35 -7.55 0.96
N LEU B 338 -30.12 -6.47 0.88
CA LEU B 338 -30.12 -5.58 -0.26
C LEU B 338 -29.23 -4.37 -0.08
N VAL B 339 -29.12 -3.84 1.14
CA VAL B 339 -28.44 -2.58 1.38
C VAL B 339 -27.26 -2.75 2.34
N TYR B 340 -26.78 -3.98 2.53
CA TYR B 340 -25.67 -4.19 3.46
C TYR B 340 -24.39 -3.50 2.99
N VAL B 341 -24.14 -3.49 1.68
CA VAL B 341 -22.95 -2.83 1.16
C VAL B 341 -23.04 -1.32 1.38
N ASP B 342 -24.18 -0.73 1.03
CA ASP B 342 -24.30 0.72 1.14
C ASP B 342 -24.30 1.19 2.58
N ALA B 343 -24.84 0.38 3.50
CA ALA B 343 -24.77 0.73 4.91
C ALA B 343 -23.32 0.79 5.39
N ILE B 344 -22.51 -0.17 4.95
CA ILE B 344 -21.09 -0.17 5.31
C ILE B 344 -20.40 1.08 4.77
N ALA B 345 -20.70 1.43 3.51
CA ALA B 345 -20.11 2.62 2.92
C ALA B 345 -20.54 3.87 3.67
N ILE B 346 -21.81 3.95 4.06
CA ILE B 346 -22.31 5.09 4.82
C ILE B 346 -21.56 5.21 6.14
N ALA B 347 -21.42 4.09 6.85
CA ALA B 347 -20.75 4.12 8.15
C ALA B 347 -19.30 4.59 8.01
N ILE B 348 -18.58 4.04 7.04
CA ILE B 348 -17.17 4.39 6.88
C ILE B 348 -17.02 5.86 6.53
N VAL B 349 -17.82 6.35 5.57
CA VAL B 349 -17.69 7.74 5.14
C VAL B 349 -18.05 8.69 6.28
N GLY B 350 -19.14 8.41 7.00
CA GLY B 350 -19.53 9.28 8.09
C GLY B 350 -18.50 9.33 9.19
N PHE B 351 -17.98 8.17 9.58
CA PHE B 351 -16.96 8.13 10.63
C PHE B 351 -15.70 8.88 10.18
N SER B 352 -15.29 8.69 8.93
CA SER B 352 -14.09 9.37 8.45
C SER B 352 -14.24 10.88 8.51
N VAL B 353 -15.36 11.41 8.00
CA VAL B 353 -15.55 12.85 7.98
C VAL B 353 -15.62 13.40 9.40
N THR B 354 -16.40 12.76 10.27
CA THR B 354 -16.58 13.28 11.61
C THR B 354 -15.29 13.20 12.41
N ILE B 355 -14.48 12.16 12.21
CA ILE B 355 -13.24 12.03 12.96
C ILE B 355 -12.22 13.06 12.48
N SER B 356 -12.23 13.35 11.17
CA SER B 356 -11.34 14.38 10.66
C SER B 356 -11.67 15.74 11.27
N MET B 357 -12.96 16.09 11.28
CA MET B 357 -13.35 17.38 11.85
C MET B 357 -13.09 17.43 13.36
N ALA B 358 -13.42 16.36 14.08
CA ALA B 358 -13.17 16.36 15.51
C ALA B 358 -11.69 16.49 15.82
N LYS B 359 -10.84 15.76 15.07
CA LYS B 359 -9.41 15.81 15.32
C LYS B 359 -8.84 17.19 15.03
N THR B 360 -9.23 17.79 13.91
CA THR B 360 -8.66 19.10 13.57
C THR B 360 -9.15 20.18 14.52
N LEU B 361 -10.41 20.10 14.96
CA LEU B 361 -10.90 21.09 15.92
C LEU B 361 -10.23 20.92 17.28
N ALA B 362 -10.02 19.67 17.71
CA ALA B 362 -9.32 19.43 18.96
C ALA B 362 -7.88 19.95 18.89
N ASN B 363 -7.21 19.72 17.77
CA ASN B 363 -5.86 20.24 17.61
C ASN B 363 -5.84 21.76 17.64
N LYS B 364 -6.83 22.39 16.99
CA LYS B 364 -6.89 23.86 16.98
C LYS B 364 -7.13 24.42 18.37
N HIS B 365 -8.01 23.81 19.15
CA HIS B 365 -8.38 24.33 20.46
C HIS B 365 -7.61 23.67 21.59
N GLY B 366 -6.67 22.77 21.29
CA GLY B 366 -5.79 22.23 22.30
C GLY B 366 -6.41 21.21 23.22
N TYR B 367 -6.91 20.12 22.66
CA TYR B 367 -7.35 18.96 23.43
C TYR B 367 -7.32 17.75 22.51
N GLN B 368 -7.91 16.65 22.96
CA GLN B 368 -7.86 15.39 22.23
C GLN B 368 -9.25 14.79 22.14
N VAL B 369 -9.44 13.95 21.11
CA VAL B 369 -10.69 13.24 20.88
C VAL B 369 -10.38 11.76 20.72
N ASP B 370 -11.39 10.94 20.97
CA ASP B 370 -11.26 9.49 20.93
C ASP B 370 -12.01 8.95 19.72
N GLY B 371 -11.30 8.21 18.86
CA GLY B 371 -11.95 7.64 17.70
C GLY B 371 -12.96 6.55 18.06
N ASN B 372 -12.60 5.67 18.99
CA ASN B 372 -13.49 4.59 19.37
C ASN B 372 -14.78 5.12 19.98
N GLN B 373 -14.67 6.12 20.86
CA GLN B 373 -15.86 6.73 21.42
C GLN B 373 -16.69 7.43 20.37
N GLU B 374 -16.05 8.02 19.36
CA GLU B 374 -16.80 8.61 18.25
C GLU B 374 -17.60 7.54 17.51
N LEU B 375 -16.97 6.39 17.22
CA LEU B 375 -17.70 5.31 16.56
C LEU B 375 -18.87 4.83 17.40
N ILE B 376 -18.66 4.67 18.71
CA ILE B 376 -19.74 4.18 19.58
C ILE B 376 -20.89 5.19 19.61
N ALA B 377 -20.56 6.47 19.73
CA ALA B 377 -21.59 7.50 19.77
C ALA B 377 -22.38 7.55 18.47
N LEU B 378 -21.69 7.49 17.33
CA LEU B 378 -22.38 7.50 16.05
C LEU B 378 -23.27 6.26 15.89
N GLY B 379 -22.76 5.09 16.30
CA GLY B 379 -23.54 3.88 16.16
C GLY B 379 -24.82 3.93 16.96
N LEU B 380 -24.71 4.35 18.23
CA LEU B 380 -25.91 4.45 19.07
C LEU B 380 -26.86 5.52 18.54
N CYS B 381 -26.33 6.66 18.12
CA CYS B 381 -27.18 7.73 17.59
C CYS B 381 -27.96 7.25 16.37
N ASN B 382 -27.26 6.67 15.40
CA ASN B 382 -27.92 6.23 14.17
C ASN B 382 -28.93 5.12 14.45
N SER B 383 -28.57 4.15 15.30
CA SER B 383 -29.48 3.05 15.57
C SER B 383 -30.76 3.54 16.24
N ILE B 384 -30.63 4.27 17.35
CA ILE B 384 -31.82 4.71 18.07
C ILE B 384 -32.60 5.73 17.24
N GLY B 385 -31.92 6.47 16.38
CA GLY B 385 -32.64 7.32 15.44
C GLY B 385 -33.48 6.51 14.46
N SER B 386 -32.93 5.39 13.98
CA SER B 386 -33.71 4.51 13.12
C SER B 386 -34.93 3.96 13.85
N LEU B 387 -34.80 3.73 15.16
CA LEU B 387 -35.99 3.42 15.95
C LEU B 387 -36.93 4.62 16.05
N PHE B 388 -36.42 5.84 15.90
CA PHE B 388 -37.19 7.05 16.07
C PHE B 388 -37.40 7.83 14.78
N GLN B 389 -37.53 7.12 13.65
CA GLN B 389 -37.85 7.74 12.36
C GLN B 389 -36.77 8.76 11.94
N THR B 390 -35.55 8.26 11.77
CA THR B 390 -34.40 9.12 11.48
C THR B 390 -33.44 8.39 10.55
N PHE B 391 -32.95 9.09 9.54
CA PHE B 391 -31.97 8.53 8.62
C PHE B 391 -30.54 8.85 9.05
N SER B 392 -29.59 8.15 8.44
CA SER B 392 -28.21 8.21 8.89
C SER B 392 -27.62 9.60 8.70
N ILE B 393 -26.79 10.03 9.67
CA ILE B 393 -26.14 11.33 9.63
C ILE B 393 -24.72 11.20 10.17
N SER B 394 -23.95 12.27 9.99
CA SER B 394 -22.61 12.39 10.55
C SER B 394 -22.35 13.87 10.79
N CYS B 395 -21.09 14.23 11.02
CA CYS B 395 -20.76 15.63 11.24
C CYS B 395 -20.97 16.43 9.96
N SER B 396 -21.26 17.71 10.13
CA SER B 396 -21.46 18.64 9.03
C SER B 396 -20.35 19.67 9.06
N LEU B 397 -19.68 19.85 7.91
CA LEU B 397 -18.51 20.72 7.82
C LEU B 397 -18.87 22.16 8.12
N SER B 398 -19.59 22.81 7.20
CA SER B 398 -19.93 24.26 7.35
C SER B 398 -20.66 24.55 8.67
N ARG B 399 -21.66 23.73 9.02
CA ARG B 399 -22.45 23.99 10.25
C ARG B 399 -21.54 23.96 11.49
N SER B 400 -20.62 23.00 11.57
CA SER B 400 -19.71 22.90 12.75
C SER B 400 -18.86 24.17 12.85
N LEU B 401 -18.32 24.63 11.72
CA LEU B 401 -17.47 25.85 11.69
C LEU B 401 -18.31 27.06 12.14
N VAL B 402 -19.56 27.15 11.66
CA VAL B 402 -20.44 28.29 12.03
C VAL B 402 -20.68 28.26 13.55
N GLN B 403 -20.92 27.05 14.09
CA GLN B 403 -21.17 26.88 15.54
C GLN B 403 -19.93 27.30 16.34
N GLU B 404 -18.74 26.95 15.85
CA GLU B 404 -17.46 27.25 16.56
C GLU B 404 -17.06 28.72 16.36
N GLY B 405 -17.12 29.22 15.11
CA GLY B 405 -16.68 30.56 14.82
C GLY B 405 -17.41 31.65 15.59
N THR B 406 -18.62 31.36 16.06
CA THR B 406 -19.41 32.34 16.80
C THR B 406 -19.22 32.25 18.31
N GLY B 407 -18.37 31.32 18.78
CA GLY B 407 -18.10 31.23 20.20
C GLY B 407 -18.59 29.95 20.84
N GLY B 408 -18.71 28.88 20.05
CA GLY B 408 -19.08 27.59 20.60
C GLY B 408 -17.97 27.07 21.51
N LYS B 409 -18.31 26.73 22.74
CA LYS B 409 -17.32 26.29 23.71
C LYS B 409 -17.59 24.91 24.29
N THR B 410 -18.85 24.53 24.47
CA THR B 410 -19.17 23.17 24.89
C THR B 410 -20.22 22.57 23.98
N GLN B 411 -20.73 21.39 24.32
CA GLN B 411 -21.73 20.72 23.50
C GLN B 411 -23.15 21.16 23.82
N LEU B 412 -23.35 22.02 24.83
CA LEU B 412 -24.68 22.55 25.09
C LEU B 412 -25.20 23.40 23.96
N ALA B 413 -24.32 23.94 23.11
CA ALA B 413 -24.78 24.68 21.94
C ALA B 413 -25.58 23.77 21.00
N GLY B 414 -25.12 22.54 20.81
CA GLY B 414 -25.89 21.58 20.03
C GLY B 414 -27.23 21.27 20.66
N CYS B 415 -27.26 21.17 21.99
CA CYS B 415 -28.53 20.91 22.68
C CYS B 415 -29.52 22.04 22.47
N LEU B 416 -29.04 23.28 22.49
CA LEU B 416 -29.93 24.42 22.23
C LEU B 416 -30.49 24.37 20.82
N ALA B 417 -29.64 24.03 19.83
CA ALA B 417 -30.12 23.91 18.47
C ALA B 417 -31.15 22.80 18.34
N SER B 418 -30.93 21.68 19.01
CA SER B 418 -31.91 20.59 19.00
C SER B 418 -33.22 21.05 19.62
N LEU B 419 -33.15 21.81 20.71
CA LEU B 419 -34.36 22.28 21.38
C LEU B 419 -35.15 23.22 20.47
N MET B 420 -34.47 24.13 19.77
CA MET B 420 -35.21 25.03 18.89
C MET B 420 -35.75 24.31 17.66
N ILE B 421 -35.06 23.29 17.18
CA ILE B 421 -35.61 22.45 16.12
C ILE B 421 -36.87 21.74 16.61
N LEU B 422 -36.85 21.27 17.86
CA LEU B 422 -38.06 20.69 18.45
C LEU B 422 -39.18 21.73 18.51
N LEU B 423 -38.85 22.97 18.85
CA LEU B 423 -39.85 24.02 18.90
C LEU B 423 -40.50 24.22 17.53
N VAL B 424 -39.68 24.23 16.48
CA VAL B 424 -40.21 24.41 15.13
C VAL B 424 -41.06 23.20 14.73
N ILE B 425 -40.63 22.00 15.12
CA ILE B 425 -41.38 20.79 14.81
C ILE B 425 -42.77 20.84 15.45
N LEU B 426 -42.81 21.16 16.74
CA LEU B 426 -44.07 21.09 17.48
C LEU B 426 -45.00 22.25 17.19
N ALA B 427 -44.47 23.45 16.97
CA ALA B 427 -45.29 24.66 16.95
C ALA B 427 -45.41 25.27 15.55
N THR B 428 -44.30 25.60 14.91
CA THR B 428 -44.32 26.39 13.68
C THR B 428 -43.81 25.59 12.49
N GLY B 429 -44.16 24.31 12.42
CA GLY B 429 -43.83 23.54 11.23
C GLY B 429 -44.68 23.93 10.03
N PHE B 430 -45.88 24.44 10.28
CA PHE B 430 -46.75 24.86 9.18
C PHE B 430 -46.29 26.17 8.56
N LEU B 431 -45.59 27.00 9.33
CA LEU B 431 -45.20 28.32 8.85
C LEU B 431 -44.24 28.23 7.67
N PHE B 432 -43.41 27.20 7.61
CA PHE B 432 -42.39 27.06 6.58
C PHE B 432 -42.83 26.17 5.43
N GLU B 433 -44.12 25.84 5.35
CA GLU B 433 -44.59 24.92 4.31
C GLU B 433 -44.57 25.55 2.93
N SER B 434 -44.56 26.87 2.82
CA SER B 434 -44.59 27.56 1.54
C SER B 434 -43.22 28.02 1.09
N LEU B 435 -42.15 27.59 1.74
CA LEU B 435 -40.81 28.02 1.40
C LEU B 435 -40.38 27.41 0.06
N PRO B 436 -40.04 28.22 -0.94
CA PRO B 436 -39.64 27.65 -2.23
C PRO B 436 -38.33 26.88 -2.13
N GLN B 437 -38.19 25.88 -3.00
CA GLN B 437 -36.96 25.09 -3.03
C GLN B 437 -35.77 25.91 -3.53
N ALA B 438 -36.02 27.01 -4.25
CA ALA B 438 -34.93 27.84 -4.73
C ALA B 438 -34.15 28.46 -3.57
N VAL B 439 -34.87 28.91 -2.53
CA VAL B 439 -34.20 29.52 -1.39
C VAL B 439 -33.28 28.52 -0.70
N LEU B 440 -33.77 27.29 -0.48
CA LEU B 440 -32.95 26.27 0.16
C LEU B 440 -31.76 25.90 -0.70
N SER B 441 -31.96 25.78 -2.02
CA SER B 441 -30.83 25.45 -2.89
C SER B 441 -29.76 26.53 -2.85
N ALA B 442 -30.18 27.80 -2.90
CA ALA B 442 -29.21 28.89 -2.83
C ALA B 442 -28.52 28.96 -1.47
N ILE B 443 -29.25 28.63 -0.40
CA ILE B 443 -28.63 28.61 0.92
C ILE B 443 -27.57 27.53 1.01
N VAL B 444 -27.85 26.35 0.45
CA VAL B 444 -26.86 25.28 0.45
C VAL B 444 -25.65 25.69 -0.38
N ILE B 445 -25.88 26.30 -1.54
CA ILE B 445 -24.76 26.70 -2.40
C ILE B 445 -23.91 27.77 -1.72
N VAL B 446 -24.55 28.77 -1.10
CA VAL B 446 -23.78 29.86 -0.50
C VAL B 446 -23.00 29.39 0.72
N ASN B 447 -23.54 28.46 1.51
CA ASN B 447 -22.83 27.96 2.68
C ASN B 447 -21.72 27.00 2.31
N LEU B 448 -21.73 26.49 1.08
CA LEU B 448 -20.70 25.59 0.59
C LEU B 448 -19.55 26.32 -0.08
N LYS B 449 -19.62 27.65 -0.16
CA LYS B 449 -18.52 28.43 -0.72
C LYS B 449 -17.22 28.21 0.02
N GLY B 450 -17.28 28.02 1.34
CA GLY B 450 -16.07 27.81 2.10
C GLY B 450 -15.28 26.58 1.65
N MET B 451 -15.98 25.62 1.06
CA MET B 451 -15.31 24.42 0.58
C MET B 451 -14.74 24.59 -0.82
N PHE B 452 -15.34 25.48 -1.62
CA PHE B 452 -14.74 25.87 -2.90
C PHE B 452 -13.42 26.61 -2.71
N MET B 453 -13.22 27.26 -1.57
CA MET B 453 -12.02 28.05 -1.33
C MET B 453 -10.77 27.20 -1.19
N GLN B 454 -10.89 25.88 -1.10
CA GLN B 454 -9.75 25.02 -0.83
C GLN B 454 -8.91 24.70 -2.06
N PHE B 455 -9.20 25.31 -3.21
CA PHE B 455 -8.27 25.22 -4.33
C PHE B 455 -6.94 25.92 -4.08
N SER B 456 -6.87 26.78 -3.07
CA SER B 456 -5.61 27.47 -2.79
C SER B 456 -4.50 26.51 -2.40
N ASP B 457 -4.84 25.26 -2.03
CA ASP B 457 -3.83 24.28 -1.69
C ASP B 457 -3.07 23.75 -2.90
N LEU B 458 -3.56 24.01 -4.13
CA LEU B 458 -2.86 23.51 -5.30
C LEU B 458 -1.52 24.21 -5.50
N PRO B 459 -1.45 25.54 -5.63
CA PRO B 459 -0.13 26.17 -5.69
C PRO B 459 0.67 26.00 -4.42
N PHE B 460 -0.01 25.98 -3.27
CA PHE B 460 0.68 25.82 -2.00
C PHE B 460 1.39 24.48 -1.92
N PHE B 461 0.68 23.39 -2.19
CA PHE B 461 1.31 22.08 -2.15
C PHE B 461 2.28 21.90 -3.31
N TRP B 462 2.07 22.62 -4.42
CA TRP B 462 3.06 22.60 -5.49
C TRP B 462 4.39 23.19 -5.01
N ARG B 463 4.32 24.27 -4.24
CA ARG B 463 5.55 24.90 -3.76
C ARG B 463 6.20 24.08 -2.63
N THR B 464 5.40 23.55 -1.71
CA THR B 464 5.98 22.92 -0.52
C THR B 464 6.43 21.49 -0.81
N SER B 465 5.49 20.61 -1.15
CA SER B 465 5.80 19.20 -1.34
C SER B 465 4.93 18.63 -2.44
N LYS B 466 5.56 18.23 -3.55
CA LYS B 466 4.81 17.76 -4.70
C LYS B 466 4.12 16.41 -4.45
N ILE B 467 4.64 15.61 -3.52
CA ILE B 467 3.99 14.33 -3.23
C ILE B 467 2.60 14.55 -2.64
N GLU B 468 2.48 15.49 -1.70
CA GLU B 468 1.17 15.79 -1.13
C GLU B 468 0.25 16.42 -2.17
N LEU B 469 0.81 17.19 -3.11
CA LEU B 469 -0.01 17.70 -4.21
C LEU B 469 -0.54 16.55 -5.07
N THR B 470 0.30 15.54 -5.32
CA THR B 470 -0.15 14.38 -6.07
C THR B 470 -1.26 13.64 -5.31
N ILE B 471 -1.11 13.50 -4.00
CA ILE B 471 -2.16 12.86 -3.19
C ILE B 471 -3.45 13.67 -3.27
N TRP B 472 -3.34 14.99 -3.18
CA TRP B 472 -4.53 15.85 -3.24
C TRP B 472 -5.24 15.70 -4.58
N LEU B 473 -4.50 15.76 -5.68
CA LEU B 473 -5.11 15.67 -6.99
C LEU B 473 -5.69 14.28 -7.24
N THR B 474 -4.97 13.23 -6.82
CA THR B 474 -5.50 11.88 -6.98
C THR B 474 -6.78 11.67 -6.19
N THR B 475 -6.81 12.17 -4.94
CA THR B 475 -8.03 12.06 -4.15
C THR B 475 -9.18 12.82 -4.79
N PHE B 476 -8.92 14.04 -5.27
CA PHE B 476 -9.98 14.85 -5.88
C PHE B 476 -10.52 14.18 -7.13
N VAL B 477 -9.65 13.65 -7.97
CA VAL B 477 -10.10 13.01 -9.21
C VAL B 477 -10.84 11.71 -8.89
N SER B 478 -10.28 10.89 -8.02
CA SER B 478 -10.92 9.61 -7.70
C SER B 478 -12.25 9.77 -6.98
N SER B 479 -12.45 10.86 -6.25
CA SER B 479 -13.70 11.08 -5.57
C SER B 479 -14.69 11.91 -6.40
N LEU B 480 -14.22 12.58 -7.44
CA LEU B 480 -15.13 13.35 -8.29
C LEU B 480 -15.76 12.46 -9.36
N PHE B 481 -14.93 11.81 -10.19
CA PHE B 481 -15.44 10.99 -11.27
C PHE B 481 -16.09 9.72 -10.72
N LEU B 482 -15.31 8.90 -10.03
CA LEU B 482 -15.87 7.70 -9.41
C LEU B 482 -16.76 8.09 -8.24
N GLY B 483 -17.55 7.11 -7.78
CA GLY B 483 -18.45 7.37 -6.67
C GLY B 483 -17.68 7.65 -5.39
N LEU B 484 -18.31 8.42 -4.50
CA LEU B 484 -17.71 8.76 -3.21
C LEU B 484 -17.50 7.54 -2.32
N ASP B 485 -18.24 6.46 -2.55
CA ASP B 485 -18.08 5.26 -1.73
C ASP B 485 -16.69 4.66 -1.91
N TYR B 486 -16.19 4.61 -3.15
CA TYR B 486 -14.94 3.94 -3.45
C TYR B 486 -13.79 4.90 -3.72
N GLY B 487 -14.08 6.17 -3.99
CA GLY B 487 -13.02 7.15 -4.16
C GLY B 487 -12.19 7.32 -2.90
N LEU B 488 -12.84 7.25 -1.74
CA LEU B 488 -12.12 7.36 -0.47
C LEU B 488 -11.14 6.20 -0.30
N ILE B 489 -11.59 4.97 -0.60
CA ILE B 489 -10.70 3.81 -0.48
C ILE B 489 -9.55 3.91 -1.46
N THR B 490 -9.83 4.31 -2.70
CA THR B 490 -8.77 4.46 -3.69
C THR B 490 -7.76 5.50 -3.26
N ALA B 491 -8.24 6.64 -2.74
CA ALA B 491 -7.34 7.69 -2.29
C ALA B 491 -6.50 7.23 -1.11
N VAL B 492 -7.10 6.48 -0.18
CA VAL B 492 -6.35 5.98 0.96
C VAL B 492 -5.24 5.04 0.51
N ILE B 493 -5.55 4.13 -0.43
CA ILE B 493 -4.55 3.20 -0.92
C ILE B 493 -3.43 3.94 -1.64
N ILE B 494 -3.78 4.96 -2.44
CA ILE B 494 -2.75 5.74 -3.14
C ILE B 494 -1.87 6.47 -2.14
N ALA B 495 -2.46 7.06 -1.11
CA ALA B 495 -1.68 7.75 -0.09
C ALA B 495 -0.74 6.79 0.62
N LEU B 496 -1.19 5.57 0.90
CA LEU B 496 -0.32 4.58 1.50
C LEU B 496 0.82 4.18 0.56
N LEU B 497 0.53 4.07 -0.74
CA LEU B 497 1.55 3.65 -1.70
C LEU B 497 2.55 4.75 -1.99
N THR B 498 2.23 6.01 -1.68
CA THR B 498 3.22 7.07 -1.84
C THR B 498 4.44 6.83 -0.97
N VAL B 499 4.25 6.21 0.21
CA VAL B 499 5.39 5.85 1.04
C VAL B 499 6.27 4.82 0.34
N ILE B 500 5.65 3.84 -0.32
CA ILE B 500 6.40 2.85 -1.08
C ILE B 500 7.20 3.53 -2.18
N TYR B 501 6.58 4.48 -2.88
CA TYR B 501 7.30 5.21 -3.91
C TYR B 501 8.48 5.98 -3.32
N ARG B 502 8.28 6.60 -2.15
CA ARG B 502 9.36 7.35 -1.52
C ARG B 502 10.52 6.43 -1.15
N THR B 503 10.22 5.24 -0.65
CA THR B 503 11.29 4.29 -0.33
C THR B 503 11.90 3.66 -1.57
N GLN B 504 11.25 3.79 -2.73
CA GLN B 504 11.82 3.26 -3.97
C GLN B 504 12.59 4.29 -4.76
N SER B 505 12.58 5.56 -4.34
CA SER B 505 13.33 6.62 -4.99
C SER B 505 14.11 7.39 -3.92
N PRO B 506 15.12 6.76 -3.33
CA PRO B 506 15.90 7.46 -2.30
C PRO B 506 16.97 8.34 -2.91
N SER B 507 17.82 8.94 -2.09
CA SER B 507 18.90 9.80 -2.56
C SER B 507 20.22 9.09 -2.28
N TYR B 508 20.84 8.56 -3.33
CA TYR B 508 22.15 7.94 -3.21
C TYR B 508 23.22 9.01 -3.26
N LYS B 509 24.08 9.04 -2.25
CA LYS B 509 25.13 10.04 -2.15
C LYS B 509 26.46 9.36 -1.88
N VAL B 510 27.53 9.92 -2.44
CA VAL B 510 28.89 9.49 -2.14
C VAL B 510 29.52 10.57 -1.28
N LEU B 511 29.98 10.18 -0.09
CA LEU B 511 30.37 11.13 0.94
C LEU B 511 31.86 11.42 0.90
N GLY B 512 32.22 12.60 1.43
CA GLY B 512 33.60 12.97 1.59
C GLY B 512 33.86 13.47 2.99
N LYS B 513 35.13 13.49 3.36
CA LYS B 513 35.55 13.82 4.72
C LYS B 513 35.95 15.28 4.80
N LEU B 514 35.30 16.02 5.70
CA LEU B 514 35.75 17.37 5.99
C LEU B 514 37.13 17.31 6.63
N PRO B 515 38.07 18.18 6.23
CA PRO B 515 39.42 18.09 6.76
C PRO B 515 39.48 18.31 8.26
N GLU B 516 40.37 17.56 8.92
CA GLU B 516 40.68 17.71 10.34
C GLU B 516 39.50 17.41 11.25
N THR B 517 38.39 16.94 10.68
CA THR B 517 37.22 16.59 11.49
C THR B 517 36.69 15.22 11.08
N ASP B 518 35.56 14.82 11.65
CA ASP B 518 34.96 13.52 11.35
C ASP B 518 33.58 13.68 10.72
N VAL B 519 33.32 14.82 10.08
CA VAL B 519 32.03 15.08 9.46
C VAL B 519 32.10 14.63 8.00
N TYR B 520 31.18 13.74 7.62
CA TYR B 520 31.12 13.20 6.27
C TYR B 520 29.87 13.70 5.59
N ILE B 521 30.04 14.41 4.47
CA ILE B 521 28.95 15.03 3.74
C ILE B 521 29.14 14.72 2.26
N ASP B 522 28.06 14.90 1.49
CA ASP B 522 28.09 14.61 0.06
C ASP B 522 29.21 15.37 -0.64
N ILE B 523 29.93 14.66 -1.52
CA ILE B 523 31.10 15.23 -2.19
C ILE B 523 30.72 16.34 -3.16
N ASP B 524 29.50 16.32 -3.71
CA ASP B 524 29.06 17.29 -4.71
C ASP B 524 28.16 18.35 -4.11
N ALA B 525 28.41 18.77 -2.88
CA ALA B 525 27.51 19.70 -2.21
C ALA B 525 28.19 20.95 -1.68
N TYR B 526 29.41 20.85 -1.13
CA TYR B 526 29.95 21.96 -0.36
C TYR B 526 31.38 22.37 -0.71
N GLU B 527 32.03 21.70 -1.66
CA GLU B 527 33.26 22.21 -2.27
C GLU B 527 34.45 22.24 -1.31
N GLU B 528 34.23 21.94 -0.03
CA GLU B 528 35.32 21.76 0.91
C GLU B 528 35.51 20.33 1.36
N VAL B 529 34.48 19.50 1.27
CA VAL B 529 34.63 18.08 1.56
C VAL B 529 35.54 17.44 0.52
N LYS B 530 36.47 16.62 0.99
CA LYS B 530 37.44 15.97 0.12
C LYS B 530 37.35 14.45 0.32
N GLU B 531 37.25 13.72 -0.79
CA GLU B 531 37.16 12.27 -0.72
C GLU B 531 38.49 11.67 -0.33
N ILE B 532 38.43 10.70 0.59
CA ILE B 532 39.66 10.01 1.02
C ILE B 532 40.14 9.11 -0.12
N PRO B 533 41.40 9.22 -0.55
CA PRO B 533 41.88 8.42 -1.68
C PRO B 533 41.88 6.93 -1.33
N GLY B 534 41.40 6.12 -2.27
CA GLY B 534 41.36 4.68 -2.09
C GLY B 534 40.18 4.16 -1.32
N ILE B 535 39.30 5.02 -0.82
CA ILE B 535 38.13 4.62 -0.05
C ILE B 535 36.91 5.29 -0.65
N LYS B 536 35.87 4.50 -0.96
CA LYS B 536 34.63 5.01 -1.50
C LYS B 536 33.51 4.75 -0.50
N ILE B 537 32.71 5.78 -0.24
CA ILE B 537 31.64 5.72 0.75
C ILE B 537 30.31 5.88 0.03
N PHE B 538 29.35 5.01 0.36
CA PHE B 538 28.03 5.04 -0.24
C PHE B 538 26.99 5.12 0.86
N GLN B 539 25.92 5.88 0.61
CA GLN B 539 24.86 6.07 1.59
C GLN B 539 23.50 6.04 0.92
N ILE B 540 22.56 5.34 1.54
CA ILE B 540 21.18 5.27 1.08
C ILE B 540 20.27 5.57 2.26
N ASN B 541 19.36 6.52 2.07
CA ASN B 541 18.41 6.91 3.11
C ASN B 541 17.06 6.21 2.90
N ALA B 542 17.08 4.89 2.97
CA ALA B 542 15.90 4.07 2.76
C ALA B 542 16.23 2.64 3.20
N PRO B 543 15.21 1.86 3.55
CA PRO B 543 15.44 0.45 3.87
C PRO B 543 15.89 -0.33 2.63
N ILE B 544 16.25 -1.59 2.87
CA ILE B 544 16.83 -2.43 1.84
C ILE B 544 15.88 -3.61 1.59
N TYR B 545 14.58 -3.35 1.67
CA TYR B 545 13.60 -4.42 1.57
C TYR B 545 13.53 -4.92 0.12
N TYR B 546 12.58 -5.83 -0.15
CA TYR B 546 12.62 -6.62 -1.38
C TYR B 546 12.53 -5.73 -2.62
N ALA B 547 11.69 -4.70 -2.59
CA ALA B 547 11.47 -3.85 -3.75
C ALA B 547 12.51 -2.75 -3.88
N ASN B 548 13.64 -2.87 -3.20
CA ASN B 548 14.67 -1.85 -3.18
C ASN B 548 16.08 -2.37 -3.40
N SER B 549 16.32 -3.67 -3.24
CA SER B 549 17.69 -4.18 -3.28
C SER B 549 18.33 -4.00 -4.65
N ASP B 550 17.57 -4.28 -5.72
CA ASP B 550 18.15 -4.21 -7.05
C ASP B 550 18.55 -2.78 -7.40
N LEU B 551 17.71 -1.81 -7.08
CA LEU B 551 18.05 -0.41 -7.33
C LEU B 551 19.26 -0.01 -6.51
N TYR B 552 19.35 -0.49 -5.26
CA TYR B 552 20.50 -0.17 -4.42
C TYR B 552 21.79 -0.72 -5.03
N SER B 553 21.75 -1.97 -5.51
CA SER B 553 22.95 -2.55 -6.11
C SER B 553 23.35 -1.79 -7.37
N ASN B 554 22.39 -1.44 -8.22
CA ASN B 554 22.71 -0.70 -9.43
C ASN B 554 23.29 0.68 -9.10
N ALA B 555 22.71 1.36 -8.11
CA ALA B 555 23.23 2.65 -7.72
C ALA B 555 24.64 2.53 -7.14
N LEU B 556 24.89 1.48 -6.36
CA LEU B 556 26.23 1.28 -5.83
C LEU B 556 27.25 1.05 -6.94
N LYS B 557 26.88 0.27 -7.95
CA LYS B 557 27.81 0.01 -9.05
C LYS B 557 27.95 1.18 -10.01
N ARG B 558 26.99 2.12 -10.01
CA ARG B 558 27.05 3.23 -10.95
C ARG B 558 27.67 4.48 -10.33
N LYS B 559 27.19 4.90 -9.16
CA LYS B 559 27.64 6.15 -8.56
C LYS B 559 29.11 6.07 -8.16
N THR B 560 29.49 5.02 -7.43
CA THR B 560 30.87 4.89 -6.97
C THR B 560 31.85 4.60 -8.11
N GLY B 561 31.34 4.23 -9.28
CA GLY B 561 32.23 3.91 -10.39
C GLY B 561 33.07 2.68 -10.19
N VAL B 562 32.67 1.79 -9.30
CA VAL B 562 33.41 0.56 -9.01
C VAL B 562 32.45 -0.60 -9.28
N ASN B 563 32.49 -1.12 -10.50
CA ASN B 563 31.67 -2.25 -10.89
C ASN B 563 32.55 -3.49 -11.02
N PRO B 564 32.39 -4.49 -10.15
CA PRO B 564 33.25 -5.69 -10.26
C PRO B 564 33.13 -6.40 -11.59
N ALA B 565 31.96 -6.37 -12.23
CA ALA B 565 31.80 -7.05 -13.51
C ALA B 565 32.72 -6.44 -14.57
N VAL B 566 32.69 -5.12 -14.72
CA VAL B 566 33.55 -4.47 -15.70
C VAL B 566 35.02 -4.58 -15.29
N ILE B 567 35.29 -4.68 -13.98
CA ILE B 567 36.66 -4.87 -13.52
C ILE B 567 37.19 -6.21 -14.00
N MET B 568 36.39 -7.27 -13.83
CA MET B 568 36.79 -8.58 -14.32
C MET B 568 36.93 -8.58 -15.83
N GLY B 569 36.01 -7.91 -16.53
CA GLY B 569 36.10 -7.82 -17.98
C GLY B 569 37.38 -7.15 -18.44
N ALA B 570 37.74 -6.03 -17.80
CA ALA B 570 38.97 -5.33 -18.17
C ALA B 570 40.20 -6.16 -17.82
N ARG B 571 40.15 -6.88 -16.69
CA ARG B 571 41.28 -7.73 -16.31
C ARG B 571 41.50 -8.83 -17.34
N ARG B 572 40.41 -9.49 -17.77
CA ARG B 572 40.53 -10.51 -18.80
C ARG B 572 40.94 -9.91 -20.14
N LYS B 573 40.52 -8.68 -20.42
CA LYS B 573 40.95 -8.03 -21.66
C LYS B 573 42.45 -7.80 -21.67
N ALA B 574 42.98 -7.30 -20.56
CA ALA B 574 44.43 -7.14 -20.45
C ALA B 574 45.12 -8.50 -20.51
N MET B 575 44.50 -9.53 -19.93
CA MET B 575 45.10 -10.86 -19.95
C MET B 575 45.22 -11.39 -21.38
N ARG B 576 44.15 -11.29 -22.17
CA ARG B 576 44.22 -11.84 -23.52
C ARG B 576 45.07 -10.97 -24.43
N LYS B 577 45.08 -9.65 -24.20
CA LYS B 577 45.87 -8.78 -25.05
C LYS B 577 47.37 -8.88 -24.76
N TYR B 578 47.75 -9.12 -23.51
CA TYR B 578 49.18 -9.21 -23.17
C TYR B 578 49.80 -10.50 -23.70
N ALA B 579 49.06 -11.60 -23.67
CA ALA B 579 49.59 -12.93 -24.00
C ALA B 579 50.11 -13.06 -25.43
N LYS B 580 50.02 -12.03 -26.26
CA LYS B 580 50.53 -12.10 -27.63
C LYS B 580 51.76 -11.23 -27.80
N VAL B 614 34.96 -27.64 9.99
CA VAL B 614 34.46 -26.85 8.87
C VAL B 614 35.20 -25.52 8.79
N LYS B 615 35.79 -25.25 7.64
CA LYS B 615 36.54 -24.03 7.40
C LYS B 615 35.95 -23.29 6.20
N TYR B 616 36.30 -22.01 6.09
CA TYR B 616 35.78 -21.17 5.03
C TYR B 616 36.92 -20.49 4.27
N PRO B 617 36.74 -20.22 2.98
CA PRO B 617 37.76 -19.51 2.22
C PRO B 617 37.80 -18.05 2.61
N PRO B 618 38.90 -17.34 2.34
CA PRO B 618 38.94 -15.90 2.63
C PRO B 618 37.86 -15.16 1.86
N ILE B 619 37.25 -14.18 2.52
CA ILE B 619 36.19 -13.40 1.89
C ILE B 619 36.74 -12.62 0.71
N VAL B 620 37.90 -12.00 0.88
CA VAL B 620 38.52 -11.18 -0.15
C VAL B 620 39.65 -11.99 -0.78
N ILE B 621 39.54 -12.24 -2.08
CA ILE B 621 40.56 -12.96 -2.83
C ILE B 621 41.54 -11.95 -3.40
N LYS B 622 42.81 -12.13 -3.08
CA LYS B 622 43.84 -11.20 -3.55
C LYS B 622 43.92 -11.23 -5.08
N SER B 623 44.22 -10.07 -5.65
CA SER B 623 44.24 -9.90 -7.10
C SER B 623 45.39 -10.73 -7.67
N THR B 624 45.05 -11.85 -8.31
CA THR B 624 46.04 -12.70 -8.97
C THR B 624 46.28 -12.15 -10.39
N PHE B 625 46.80 -10.92 -10.43
CA PHE B 625 47.04 -10.21 -11.66
C PHE B 625 48.52 -9.86 -11.72
N PRO B 626 49.26 -10.34 -12.72
CA PRO B 626 50.71 -10.06 -12.76
C PRO B 626 50.99 -8.57 -12.88
N GLU B 627 52.09 -8.15 -12.25
CA GLU B 627 52.51 -6.75 -12.35
C GLU B 627 52.85 -6.39 -13.78
N GLU B 628 53.42 -7.32 -14.54
CA GLU B 628 53.64 -7.08 -15.97
C GLU B 628 52.32 -6.89 -16.70
N MET B 629 51.31 -7.69 -16.33
CA MET B 629 49.99 -7.49 -16.91
C MET B 629 49.37 -6.17 -16.45
N GLN B 630 49.77 -5.67 -15.28
CA GLN B 630 49.27 -4.38 -14.82
C GLN B 630 49.72 -3.25 -15.73
N ARG B 631 50.83 -3.44 -16.45
CA ARG B 631 51.26 -2.44 -17.43
C ARG B 631 50.28 -2.33 -18.59
N PHE B 632 49.49 -3.37 -18.84
CA PHE B 632 48.46 -3.36 -19.87
C PHE B 632 47.07 -3.16 -19.29
N MET B 633 46.99 -2.67 -18.04
CA MET B 633 45.73 -2.52 -17.33
C MET B 633 45.36 -1.04 -17.37
N PRO B 634 44.29 -0.64 -18.04
CA PRO B 634 43.95 0.78 -18.11
C PRO B 634 43.80 1.38 -16.73
N PRO B 635 44.15 2.66 -16.58
CA PRO B 635 44.22 3.25 -15.23
C PRO B 635 42.86 3.34 -14.57
N GLY B 636 42.89 3.34 -13.24
CA GLY B 636 41.69 3.45 -12.43
C GLY B 636 42.01 4.10 -11.10
N ASP B 637 40.96 4.33 -10.32
CA ASP B 637 41.11 4.97 -9.01
C ASP B 637 41.83 4.10 -8.00
N ASN B 638 41.95 2.80 -8.26
CA ASN B 638 42.61 1.86 -7.34
C ASN B 638 41.95 1.88 -5.97
N VAL B 639 40.62 1.69 -5.96
CA VAL B 639 39.88 1.64 -4.70
C VAL B 639 40.21 0.34 -3.99
N HIS B 640 40.54 0.43 -2.71
CA HIS B 640 40.90 -0.74 -1.91
C HIS B 640 39.90 -1.04 -0.81
N THR B 641 38.88 -0.21 -0.61
CA THR B 641 37.87 -0.45 0.41
C THR B 641 36.64 0.39 0.09
N VAL B 642 35.47 -0.23 0.19
CA VAL B 642 34.20 0.45 -0.02
C VAL B 642 33.43 0.42 1.29
N ILE B 643 33.05 1.59 1.79
CA ILE B 643 32.33 1.73 3.05
C ILE B 643 30.86 1.94 2.74
N LEU B 644 30.01 1.10 3.31
CA LEU B 644 28.57 1.23 3.17
C LEU B 644 28.00 1.88 4.43
N ASP B 645 27.26 2.97 4.26
CA ASP B 645 26.62 3.64 5.38
C ASP B 645 25.28 2.99 5.66
N PHE B 646 25.10 2.51 6.89
CA PHE B 646 23.85 1.90 7.32
C PHE B 646 23.20 2.67 8.45
N THR B 647 23.63 3.92 8.68
CA THR B 647 23.02 4.73 9.72
C THR B 647 21.58 5.08 9.40
N GLN B 648 21.23 5.17 8.11
CA GLN B 648 19.89 5.54 7.69
C GLN B 648 19.15 4.36 7.05
N VAL B 649 19.42 3.15 7.51
CA VAL B 649 18.72 1.96 7.07
C VAL B 649 17.94 1.41 8.27
N ASN B 650 16.62 1.39 8.15
CA ASN B 650 15.79 1.03 9.30
C ASN B 650 15.67 -0.48 9.46
N PHE B 651 15.50 -1.21 8.36
CA PHE B 651 15.33 -2.65 8.42
C PHE B 651 15.82 -3.27 7.12
N ILE B 652 16.15 -4.56 7.19
CA ILE B 652 16.55 -5.33 6.02
C ILE B 652 15.89 -6.70 6.13
N ASP B 653 15.35 -7.18 5.02
CA ASP B 653 14.62 -8.44 4.98
C ASP B 653 15.45 -9.50 4.23
N SER B 654 14.84 -10.66 4.00
CA SER B 654 15.58 -11.79 3.43
C SER B 654 16.14 -11.45 2.06
N VAL B 655 15.36 -10.79 1.21
CA VAL B 655 15.87 -10.39 -0.09
C VAL B 655 17.01 -9.40 0.07
N GLY B 656 16.87 -8.46 1.00
CA GLY B 656 17.95 -7.52 1.25
C GLY B 656 19.20 -8.20 1.79
N VAL B 657 19.03 -9.19 2.67
CA VAL B 657 20.19 -9.91 3.19
C VAL B 657 20.88 -10.69 2.08
N LYS B 658 20.11 -11.33 1.21
CA LYS B 658 20.71 -12.04 0.08
C LYS B 658 21.48 -11.09 -0.83
N THR B 659 20.89 -9.94 -1.13
CA THR B 659 21.58 -8.96 -1.97
C THR B 659 22.85 -8.45 -1.31
N LEU B 660 22.79 -8.20 0.00
CA LEU B 660 23.97 -7.72 0.71
C LEU B 660 25.07 -8.77 0.72
N ALA B 661 24.72 -10.04 0.95
CA ALA B 661 25.71 -11.10 0.91
C ALA B 661 26.31 -11.23 -0.49
N GLY B 662 25.49 -11.11 -1.52
CA GLY B 662 26.01 -11.14 -2.88
C GLY B 662 26.96 -9.98 -3.15
N ILE B 663 26.61 -8.79 -2.66
CA ILE B 663 27.48 -7.63 -2.83
C ILE B 663 28.82 -7.87 -2.15
N VAL B 664 28.79 -8.37 -0.92
CA VAL B 664 30.02 -8.59 -0.17
C VAL B 664 30.90 -9.61 -0.87
N LYS B 665 30.31 -10.74 -1.29
CA LYS B 665 31.09 -11.78 -1.94
C LYS B 665 31.65 -11.32 -3.27
N GLU B 666 30.83 -10.66 -4.09
CA GLU B 666 31.27 -10.22 -5.40
C GLU B 666 32.36 -9.17 -5.29
N TYR B 667 32.23 -8.22 -4.36
CA TYR B 667 33.25 -7.20 -4.19
C TYR B 667 34.53 -7.78 -3.60
N GLY B 668 34.41 -8.76 -2.71
CA GLY B 668 35.60 -9.43 -2.22
C GLY B 668 36.28 -10.31 -3.25
N ASP B 669 35.55 -10.71 -4.30
CA ASP B 669 36.15 -11.53 -5.34
C ASP B 669 37.26 -10.79 -6.07
N VAL B 670 37.08 -9.50 -6.32
CA VAL B 670 38.04 -8.70 -7.08
C VAL B 670 39.02 -8.04 -6.13
N GLY B 671 39.07 -8.53 -4.88
CA GLY B 671 39.99 -7.99 -3.89
C GLY B 671 39.67 -6.58 -3.44
N ILE B 672 38.40 -6.33 -3.13
CA ILE B 672 37.95 -5.02 -2.64
C ILE B 672 37.19 -5.27 -1.35
N TYR B 673 37.78 -4.86 -0.23
CA TYR B 673 37.13 -5.02 1.06
C TYR B 673 35.90 -4.13 1.15
N VAL B 674 34.84 -4.66 1.79
CA VAL B 674 33.61 -3.91 2.00
C VAL B 674 33.28 -3.95 3.49
N TYR B 675 33.06 -2.77 4.08
CA TYR B 675 32.71 -2.65 5.47
C TYR B 675 31.33 -2.00 5.60
N LEU B 676 30.60 -2.40 6.63
CA LEU B 676 29.30 -1.82 6.94
C LEU B 676 29.45 -0.91 8.14
N ALA B 677 29.00 0.33 8.01
CA ALA B 677 29.15 1.33 9.06
C ALA B 677 27.77 1.77 9.55
N GLY B 678 27.63 1.86 10.87
CA GLY B 678 26.38 2.32 11.44
C GLY B 678 25.28 1.29 11.47
N CYS B 679 25.63 0.00 11.50
CA CYS B 679 24.61 -1.04 11.58
C CYS B 679 23.95 -1.00 12.95
N SER B 680 22.68 -0.61 12.98
CA SER B 680 21.95 -0.54 14.24
C SER B 680 21.68 -1.94 14.77
N ALA B 681 21.35 -2.01 16.06
CA ALA B 681 21.09 -3.31 16.69
C ALA B 681 19.94 -4.04 16.01
N GLN B 682 18.94 -3.30 15.52
CA GLN B 682 17.85 -3.94 14.80
C GLN B 682 18.35 -4.62 13.53
N VAL B 683 19.16 -3.90 12.74
CA VAL B 683 19.65 -4.47 11.49
C VAL B 683 20.59 -5.64 11.77
N VAL B 684 21.38 -5.55 12.83
CA VAL B 684 22.22 -6.67 13.24
C VAL B 684 21.35 -7.88 13.58
N ASN B 685 20.20 -7.65 14.21
CA ASN B 685 19.29 -8.76 14.52
C ASN B 685 18.74 -9.37 13.24
N ASP B 686 18.38 -8.54 12.25
CA ASP B 686 17.91 -9.09 10.97
C ASP B 686 18.99 -9.92 10.30
N LEU B 687 20.23 -9.43 10.30
CA LEU B 687 21.32 -10.19 9.68
C LEU B 687 21.57 -11.50 10.40
N THR B 688 21.54 -11.49 11.73
CA THR B 688 21.77 -12.72 12.50
C THR B 688 20.65 -13.72 12.29
N ARG B 689 19.39 -13.25 12.24
CA ARG B 689 18.27 -14.16 12.06
C ARG B 689 18.36 -14.89 10.72
N ASN B 690 18.75 -14.19 9.67
CA ASN B 690 18.98 -14.80 8.37
C ASN B 690 20.33 -15.51 8.39
N ARG B 691 20.77 -15.99 7.23
CA ARG B 691 21.99 -16.78 7.13
C ARG B 691 23.20 -15.95 6.72
N PHE B 692 23.26 -14.69 7.14
CA PHE B 692 24.38 -13.84 6.78
C PHE B 692 25.63 -14.12 7.60
N PHE B 693 25.47 -14.58 8.84
CA PHE B 693 26.59 -14.65 9.78
C PHE B 693 27.00 -16.09 10.10
N GLU B 694 26.68 -17.03 9.22
CA GLU B 694 27.18 -18.39 9.41
C GLU B 694 28.69 -18.49 9.25
N ASN B 695 29.31 -17.52 8.59
CA ASN B 695 30.76 -17.43 8.54
C ASN B 695 31.21 -16.43 9.59
N PRO B 696 31.86 -16.86 10.67
CA PRO B 696 32.20 -15.92 11.75
C PRO B 696 33.17 -14.84 11.32
N ALA B 697 33.92 -15.03 10.24
CA ALA B 697 34.85 -14.02 9.78
C ALA B 697 34.16 -12.77 9.23
N LEU B 698 32.85 -12.82 9.01
CA LEU B 698 32.10 -11.66 8.57
C LEU B 698 31.71 -10.74 9.73
N TRP B 699 32.01 -11.13 10.97
CA TRP B 699 31.71 -10.27 12.11
C TRP B 699 32.54 -8.99 12.08
N GLU B 700 33.81 -9.11 11.69
CA GLU B 700 34.71 -7.96 11.72
C GLU B 700 34.39 -6.92 10.66
N LEU B 701 33.57 -7.23 9.67
CA LEU B 701 33.22 -6.24 8.65
C LEU B 701 32.29 -5.16 9.17
N LEU B 702 31.61 -5.39 10.29
CA LEU B 702 30.76 -4.37 10.86
C LEU B 702 31.59 -3.32 11.58
N PHE B 703 30.97 -2.17 11.83
CA PHE B 703 31.62 -1.08 12.54
C PHE B 703 30.55 -0.28 13.27
N HIS B 704 30.95 0.84 13.85
CA HIS B 704 30.03 1.69 14.59
C HIS B 704 29.80 3.05 13.94
N SER B 705 30.79 3.59 13.24
CA SER B 705 30.65 4.89 12.59
C SER B 705 31.52 4.91 11.34
N ILE B 706 31.26 5.89 10.48
CA ILE B 706 32.02 5.99 9.24
C ILE B 706 33.50 6.21 9.53
N HIS B 707 33.81 7.10 10.49
CA HIS B 707 35.20 7.34 10.82
C HIS B 707 35.86 6.11 11.42
N ASP B 708 35.11 5.32 12.19
CA ASP B 708 35.65 4.07 12.70
C ASP B 708 36.03 3.12 11.56
N ALA B 709 35.16 3.00 10.57
CA ALA B 709 35.46 2.14 9.41
C ALA B 709 36.65 2.67 8.63
N VAL B 710 36.73 4.00 8.45
CA VAL B 710 37.85 4.59 7.74
C VAL B 710 39.15 4.32 8.46
N LEU B 711 39.17 4.51 9.77
CA LEU B 711 40.37 4.25 10.55
C LEU B 711 40.75 2.77 10.49
N GLY B 712 39.76 1.88 10.58
CA GLY B 712 40.06 0.46 10.51
C GLY B 712 40.65 0.06 9.17
N SER B 713 40.07 0.54 8.07
CA SER B 713 40.58 0.21 6.76
C SER B 713 41.99 0.78 6.55
N GLN B 714 42.22 2.02 6.97
CA GLN B 714 43.54 2.61 6.82
C GLN B 714 44.57 1.85 7.64
N LEU B 715 44.21 1.46 8.87
CA LEU B 715 45.14 0.70 9.70
C LEU B 715 45.43 -0.66 9.09
N ARG B 716 44.42 -1.34 8.55
CA ARG B 716 44.65 -2.62 7.90
C ARG B 716 45.56 -2.47 6.70
N GLU B 717 45.37 -1.42 5.90
CA GLU B 717 46.24 -1.18 4.76
C GLU B 717 47.67 -0.91 5.22
N ALA B 718 47.84 -0.14 6.29
CA ALA B 718 49.19 0.14 6.80
C ALA B 718 49.86 -1.15 7.28
N LEU B 719 49.11 -1.99 7.98
CA LEU B 719 49.66 -3.25 8.46
C LEU B 719 50.06 -4.15 7.28
N ALA B 720 49.24 -4.19 6.24
CA ALA B 720 49.62 -4.92 5.03
C ALA B 720 50.85 -4.30 4.38
N GLU B 721 51.00 -2.98 4.48
CA GLU B 721 52.20 -2.32 3.99
C GLU B 721 53.45 -2.78 4.75
N GLN B 722 53.32 -3.01 6.06
CA GLN B 722 54.48 -3.32 6.88
C GLN B 722 55.13 -4.63 6.46
N GLU B 723 54.33 -5.70 6.32
CA GLU B 723 54.89 -7.00 5.99
C GLU B 723 55.22 -7.15 4.51
N ALA B 724 54.87 -6.17 3.68
CA ALA B 724 55.25 -6.23 2.27
C ALA B 724 56.76 -6.22 2.09
N SER B 725 57.45 -5.40 2.88
CA SER B 725 58.91 -5.33 2.83
C SER B 725 59.49 -5.10 4.21
#